data_7LLQ
#
_entry.id   7LLQ
#
_cell.length_a   138.054
_cell.length_b   138.054
_cell.length_c   84.257
_cell.angle_alpha   90.000
_cell.angle_beta   90.000
_cell.angle_gamma   120.000
#
_symmetry.space_group_name_H-M   'P 32'
#
loop_
_entity.id
_entity.type
_entity.pdbx_description
1 polymer 'Leukotriene A-4 hydrolase'
2 non-polymer 'ZINC ION'
3 non-polymer 1-benzyl-4-methoxybenzene
4 non-polymer 1-{4-oxo-4-[(2S)-pyrrolidin-2-yl]butanoyl}-L-proline
5 water water
#
_entity_poly.entity_id   1
_entity_poly.type   'polypeptide(L)'
_entity_poly.pdbx_seq_one_letter_code
;MPEIVDTCSLASPASVCRTKHLHLRCSVDFTRRTLTGTAALTVQSQEDNLRSLVLDTKDLTIEKVVINGQEVKYALGERQ
SYKGSPMEISLPIALSKNQEIVIEISFETSPKSSALQWLTPEQTSGKEHPYLFSQCQAIHCRAILPCQDTPSVKLTYTAE
VSVPKELVALMSAIRDGETPDPEDPSRKIYKFIQKVPIPCYLIALVVGALESRQIGPRTLVWSEKEQVEKSAYEFSETES
MLKIAEDLGGPYVWGQYDLLVLPPSFPYGGMENPCLTFVTPTLLAGDKSLSNVIAHEISHSWTGNLVTNKTWDHFWLNEG
HTVYLERHICGRLFGEKFRHFNALGGWGELQNSVKTFGETHPFTKLVVDLTDIDPDVAYSSVPYEKGFALLFYLEQLLGG
PEIFLGFLKAYVEKFSYKSITTDDWKDFLYSYFKDKVDVLNQVDWNAWLYSPGLPPIKPNYDMTLTNACIALSQRWITAK
EDDLNSFNATDLKDLSSHQLNEFLAQTLQRAPLPLGHIKRMQEVYNFNAINNSEIRFRWLRLCIQSKWEDAIPLALKMAT
EQGRMKFTRPLFKDLAAFDKSHDQAVRTYQEHKASMHPVTAMLVGKDLKVD
;
_entity_poly.pdbx_strand_id   A,B,C
#
loop_
_chem_comp.id
_chem_comp.type
_chem_comp.name
_chem_comp.formula
28T non-polymer 1-{4-oxo-4-[(2S)-pyrrolidin-2-yl]butanoyl}-L-proline 'C13 H20 N2 O4'
N0Y non-polymer 1-benzyl-4-methoxybenzene 'C14 H14 O'
ZN non-polymer 'ZINC ION' 'Zn 2'
#
# COMPACT_ATOMS: atom_id res chain seq x y z
N ILE A 4 -35.89 31.52 7.30
CA ILE A 4 -35.52 32.08 8.59
C ILE A 4 -34.68 31.10 9.43
N VAL A 5 -35.12 29.84 9.49
CA VAL A 5 -34.46 28.81 10.28
C VAL A 5 -34.14 27.63 9.37
N ASP A 6 -32.87 27.24 9.34
CA ASP A 6 -32.45 26.08 8.54
C ASP A 6 -32.47 24.85 9.44
N THR A 7 -33.52 24.03 9.27
CA THR A 7 -33.68 22.85 10.11
C THR A 7 -32.70 21.73 9.73
N CYS A 8 -31.91 21.90 8.68
CA CYS A 8 -30.91 20.92 8.31
C CYS A 8 -29.54 21.22 8.88
N SER A 9 -29.36 22.39 9.51
CA SER A 9 -28.06 22.81 10.03
C SER A 9 -28.10 22.99 11.54
N LEU A 10 -27.01 22.58 12.19
CA LEU A 10 -26.85 22.77 13.62
C LEU A 10 -25.95 23.96 13.95
N ALA A 11 -25.49 24.70 12.93
CA ALA A 11 -24.55 25.78 13.14
C ALA A 11 -25.26 27.07 13.52
N SER A 12 -24.47 28.08 13.84
CA SER A 12 -25.01 29.39 14.14
C SER A 12 -25.68 29.97 12.91
N PRO A 13 -26.88 30.52 13.02
CA PRO A 13 -27.57 31.05 11.85
C PRO A 13 -26.90 32.34 11.36
N ALA A 14 -27.25 32.72 10.12
CA ALA A 14 -26.69 33.92 9.52
C ALA A 14 -27.01 35.16 10.32
N SER A 15 -28.04 35.13 11.17
CA SER A 15 -28.40 36.24 12.05
C SER A 15 -27.45 36.37 13.23
N VAL A 16 -26.65 35.34 13.52
CA VAL A 16 -25.64 35.41 14.58
C VAL A 16 -24.26 35.74 14.01
N CYS A 17 -23.85 35.01 12.98
CA CYS A 17 -22.59 35.27 12.29
C CYS A 17 -22.64 34.59 10.94
N ARG A 18 -21.82 35.08 10.01
CA ARG A 18 -21.81 34.58 8.65
C ARG A 18 -20.37 34.49 8.15
N THR A 19 -20.03 33.34 7.56
CA THR A 19 -18.71 33.14 6.98
C THR A 19 -18.55 33.91 5.69
N LYS A 20 -17.44 34.66 5.57
CA LYS A 20 -17.15 35.45 4.38
C LYS A 20 -16.16 34.77 3.44
N HIS A 21 -15.13 34.12 3.97
CA HIS A 21 -14.11 33.50 3.16
C HIS A 21 -13.65 32.19 3.79
N LEU A 22 -13.16 31.28 2.95
CA LEU A 22 -12.59 30.01 3.38
C LEU A 22 -11.26 29.80 2.67
N HIS A 23 -10.18 29.61 3.44
CA HIS A 23 -8.87 29.26 2.92
C HIS A 23 -8.60 27.80 3.30
N LEU A 24 -8.57 26.91 2.31
CA LEU A 24 -8.44 25.49 2.54
C LEU A 24 -7.04 25.04 2.16
N ARG A 25 -6.33 24.44 3.12
CA ARG A 25 -5.02 23.82 2.89
C ARG A 25 -5.10 22.39 3.37
N CYS A 26 -5.10 21.43 2.44
CA CYS A 26 -5.29 20.02 2.79
C CYS A 26 -4.42 19.14 1.91
N SER A 27 -4.33 17.88 2.29
CA SER A 27 -3.57 16.87 1.56
C SER A 27 -4.42 15.63 1.40
N VAL A 28 -4.46 15.08 0.18
CA VAL A 28 -5.26 13.89 -0.11
C VAL A 28 -4.38 12.65 0.07
N ASP A 29 -4.72 11.82 1.05
CA ASP A 29 -3.98 10.60 1.35
C ASP A 29 -4.84 9.41 0.93
N PHE A 30 -4.50 8.81 -0.22
CA PHE A 30 -5.23 7.63 -0.66
C PHE A 30 -4.88 6.40 0.16
N THR A 31 -3.74 6.41 0.84
CA THR A 31 -3.39 5.28 1.70
C THR A 31 -4.40 5.12 2.82
N ARG A 32 -4.72 6.23 3.49
CA ARG A 32 -5.65 6.25 4.60
C ARG A 32 -7.06 6.66 4.21
N ARG A 33 -7.26 7.16 2.99
CA ARG A 33 -8.57 7.64 2.55
C ARG A 33 -9.05 8.79 3.44
N THR A 34 -8.22 9.82 3.57
CA THR A 34 -8.53 10.94 4.45
C THR A 34 -8.07 12.25 3.83
N LEU A 35 -8.73 13.33 4.22
CA LEU A 35 -8.30 14.69 3.91
C LEU A 35 -7.84 15.35 5.20
N THR A 36 -6.59 15.78 5.24
CA THR A 36 -6.00 16.42 6.41
C THR A 36 -5.53 17.80 6.03
N GLY A 37 -5.78 18.77 6.90
CA GLY A 37 -5.34 20.13 6.64
C GLY A 37 -5.98 21.11 7.60
N THR A 38 -6.05 22.36 7.17
CA THR A 38 -6.62 23.42 7.98
C THR A 38 -7.67 24.16 7.16
N ALA A 39 -8.75 24.58 7.83
CA ALA A 39 -9.83 25.35 7.23
C ALA A 39 -9.88 26.69 7.94
N ALA A 40 -9.37 27.74 7.30
CA ALA A 40 -9.39 29.09 7.86
C ALA A 40 -10.68 29.79 7.43
N LEU A 41 -11.60 29.97 8.36
CA LEU A 41 -12.88 30.61 8.07
C LEU A 41 -12.85 32.04 8.58
N THR A 42 -13.02 33.00 7.67
CA THR A 42 -13.20 34.40 8.05
C THR A 42 -14.68 34.60 8.40
N VAL A 43 -14.96 34.84 9.68
CA VAL A 43 -16.31 34.95 10.19
C VAL A 43 -16.58 36.39 10.59
N GLN A 44 -17.76 36.88 10.20
CA GLN A 44 -18.22 38.22 10.54
C GLN A 44 -19.38 38.14 11.52
N SER A 45 -19.30 38.91 12.60
CA SER A 45 -20.36 38.89 13.60
C SER A 45 -21.59 39.67 13.12
N GLN A 46 -22.77 39.15 13.47
CA GLN A 46 -24.02 39.82 13.16
C GLN A 46 -24.74 40.31 14.43
N GLU A 47 -24.03 40.40 15.54
CA GLU A 47 -24.61 40.88 16.79
C GLU A 47 -23.49 41.42 17.66
N ASP A 48 -23.87 42.09 18.74
CA ASP A 48 -22.92 42.69 19.67
C ASP A 48 -22.56 41.69 20.76
N ASN A 49 -21.29 41.72 21.17
CA ASN A 49 -20.80 40.87 22.25
C ASN A 49 -20.97 39.38 21.88
N LEU A 50 -20.43 39.01 20.73
CA LEU A 50 -20.41 37.63 20.26
C LEU A 50 -19.16 36.94 20.79
N ARG A 51 -19.35 35.95 21.66
CA ARG A 51 -18.24 35.29 22.32
C ARG A 51 -18.05 33.84 21.89
N SER A 52 -18.93 33.30 21.05
CA SER A 52 -18.78 31.92 20.59
C SER A 52 -19.73 31.68 19.43
N LEU A 53 -19.47 30.61 18.69
CA LEU A 53 -20.33 30.21 17.59
CA LEU A 53 -20.33 30.21 17.59
C LEU A 53 -20.30 28.69 17.45
N VAL A 54 -21.27 28.16 16.71
CA VAL A 54 -21.38 26.73 16.45
C VAL A 54 -21.23 26.48 14.96
N LEU A 55 -20.56 25.38 14.62
CA LEU A 55 -20.35 24.99 13.22
C LEU A 55 -20.82 23.56 13.02
N ASP A 56 -21.13 23.25 11.77
CA ASP A 56 -21.53 21.90 11.38
C ASP A 56 -20.29 21.03 11.18
N THR A 57 -20.38 19.79 11.63
CA THR A 57 -19.36 18.78 11.34
C THR A 57 -20.05 17.43 11.23
N LYS A 58 -19.42 16.52 10.51
CA LYS A 58 -19.95 15.19 10.34
C LYS A 58 -18.77 14.23 10.20
N ASP A 59 -18.51 13.46 11.26
CA ASP A 59 -17.43 12.49 11.26
C ASP A 59 -16.08 13.16 10.94
N LEU A 60 -15.88 14.34 11.52
CA LEU A 60 -14.62 15.05 11.35
C LEU A 60 -13.81 14.96 12.64
N THR A 61 -12.49 14.93 12.46
CA THR A 61 -11.55 14.95 13.58
C THR A 61 -10.97 16.35 13.68
N ILE A 62 -11.16 16.98 14.83
CA ILE A 62 -10.70 18.34 15.07
C ILE A 62 -9.44 18.25 15.95
N GLU A 63 -8.29 18.57 15.36
CA GLU A 63 -7.04 18.51 16.13
C GLU A 63 -6.89 19.73 17.03
N LYS A 64 -7.03 20.92 16.45
CA LYS A 64 -6.92 22.15 17.22
C LYS A 64 -7.66 23.24 16.47
N VAL A 65 -7.89 24.35 17.15
CA VAL A 65 -8.50 25.54 16.58
C VAL A 65 -7.68 26.73 17.01
N VAL A 66 -7.10 27.44 16.05
CA VAL A 66 -6.19 28.55 16.32
C VAL A 66 -6.84 29.86 15.87
N ILE A 67 -6.74 30.87 16.71
CA ILE A 67 -7.22 32.22 16.40
C ILE A 67 -6.15 33.21 16.85
N ASN A 68 -5.67 34.03 15.92
CA ASN A 68 -4.62 35.01 16.20
C ASN A 68 -3.36 34.31 16.75
N GLY A 69 -3.06 33.14 16.20
CA GLY A 69 -1.88 32.40 16.60
C GLY A 69 -1.97 31.71 17.94
N GLN A 70 -3.15 31.57 18.52
CA GLN A 70 -3.34 30.92 19.81
C GLN A 70 -4.46 29.89 19.73
N GLU A 71 -4.28 28.78 20.43
CA GLU A 71 -5.33 27.77 20.51
C GLU A 71 -6.46 28.25 21.41
N VAL A 72 -7.70 27.97 21.00
CA VAL A 72 -8.88 28.34 21.78
C VAL A 72 -9.66 27.06 22.08
N LYS A 73 -10.57 27.17 23.05
CA LYS A 73 -11.36 26.02 23.48
C LYS A 73 -12.53 25.76 22.53
N TYR A 74 -12.78 24.47 22.26
CA TYR A 74 -13.88 24.05 21.42
C TYR A 74 -14.47 22.76 21.98
N ALA A 75 -15.69 22.45 21.56
CA ALA A 75 -16.37 21.27 22.06
C ALA A 75 -17.33 20.73 21.00
N LEU A 76 -17.34 19.40 20.83
CA LEU A 76 -18.28 18.72 19.95
C LEU A 76 -19.45 18.18 20.77
N GLY A 77 -20.66 18.56 20.39
CA GLY A 77 -21.85 17.99 20.98
C GLY A 77 -22.05 16.57 20.50
N GLU A 78 -23.07 15.92 21.05
CA GLU A 78 -23.35 14.56 20.64
C GLU A 78 -23.98 14.55 19.24
N ARG A 79 -23.64 13.52 18.48
CA ARG A 79 -24.07 13.46 17.09
C ARG A 79 -25.58 13.44 16.99
N GLN A 80 -26.10 14.11 15.96
CA GLN A 80 -27.52 14.10 15.68
C GLN A 80 -27.79 13.45 14.33
N SER A 81 -27.45 12.17 14.22
CA SER A 81 -27.73 11.34 13.05
C SER A 81 -27.16 12.05 11.81
N TYR A 82 -27.94 12.21 10.73
CA TYR A 82 -27.39 12.70 9.47
C TYR A 82 -26.88 14.13 9.57
N LYS A 83 -27.35 14.89 10.57
CA LYS A 83 -26.92 16.28 10.70
C LYS A 83 -25.48 16.39 11.15
N GLY A 84 -24.93 15.33 11.73
CA GLY A 84 -23.56 15.37 12.21
C GLY A 84 -23.45 15.80 13.65
N SER A 85 -22.33 16.41 14.03
CA SER A 85 -22.09 16.82 15.40
C SER A 85 -21.77 18.31 15.45
N PRO A 86 -22.46 19.11 16.25
CA PRO A 86 -22.13 20.53 16.34
C PRO A 86 -20.81 20.77 17.03
N MET A 87 -20.12 21.82 16.58
CA MET A 87 -18.81 22.21 17.11
C MET A 87 -18.90 23.66 17.60
N GLU A 88 -18.85 23.82 18.92
CA GLU A 88 -18.89 25.14 19.53
C GLU A 88 -17.46 25.63 19.77
N ILE A 89 -17.20 26.89 19.41
CA ILE A 89 -15.88 27.48 19.51
C ILE A 89 -15.96 28.69 20.43
N SER A 90 -14.98 28.82 21.32
CA SER A 90 -14.89 29.93 22.28
C SER A 90 -13.92 30.95 21.69
N LEU A 91 -14.44 32.12 21.34
CA LEU A 91 -13.62 33.14 20.74
C LEU A 91 -12.71 33.78 21.79
N PRO A 92 -11.45 34.09 21.43
CA PRO A 92 -10.57 34.75 22.40
C PRO A 92 -10.94 36.18 22.71
N ILE A 93 -11.76 36.81 21.88
CA ILE A 93 -12.23 38.17 22.11
C ILE A 93 -13.72 38.21 21.79
N ALA A 94 -14.41 39.18 22.38
CA ALA A 94 -15.80 39.44 22.02
C ALA A 94 -15.86 40.36 20.80
N LEU A 95 -16.70 39.99 19.82
CA LEU A 95 -16.82 40.75 18.58
C LEU A 95 -18.05 41.64 18.60
N SER A 96 -17.89 42.87 18.12
CA SER A 96 -19.03 43.74 17.85
C SER A 96 -19.67 43.35 16.53
N LYS A 97 -20.78 43.99 16.19
CA LYS A 97 -21.44 43.72 14.93
C LYS A 97 -20.55 44.18 13.77
N ASN A 98 -20.41 43.33 12.76
CA ASN A 98 -19.62 43.53 11.55
C ASN A 98 -18.13 43.34 11.78
N GLN A 99 -17.69 43.05 13.00
CA GLN A 99 -16.29 42.72 13.22
C GLN A 99 -16.03 41.28 12.80
N GLU A 100 -14.79 41.02 12.40
CA GLU A 100 -14.41 39.75 11.82
C GLU A 100 -13.22 39.16 12.56
N ILE A 101 -13.10 37.84 12.49
CA ILE A 101 -11.97 37.12 13.03
C ILE A 101 -11.74 35.88 12.16
N VAL A 102 -10.48 35.46 12.05
CA VAL A 102 -10.11 34.31 11.22
C VAL A 102 -9.89 33.11 12.13
N ILE A 103 -10.59 32.01 11.85
CA ILE A 103 -10.58 30.82 12.68
C ILE A 103 -9.96 29.68 11.86
N GLU A 104 -8.70 29.36 12.14
CA GLU A 104 -8.02 28.24 11.50
CA GLU A 104 -8.02 28.24 11.50
C GLU A 104 -8.31 26.97 12.28
N ILE A 105 -8.98 26.02 11.64
CA ILE A 105 -9.38 24.76 12.27
C ILE A 105 -8.59 23.63 11.61
N SER A 106 -7.78 22.93 12.39
CA SER A 106 -7.08 21.76 11.87
C SER A 106 -8.02 20.56 11.96
N PHE A 107 -8.27 19.90 10.83
CA PHE A 107 -9.29 18.88 10.75
C PHE A 107 -8.78 17.68 9.96
N GLU A 108 -9.51 16.58 10.05
CA GLU A 108 -9.21 15.39 9.26
CA GLU A 108 -9.21 15.39 9.28
C GLU A 108 -10.50 14.63 9.04
N THR A 109 -10.73 14.21 7.80
CA THR A 109 -11.95 13.50 7.47
C THR A 109 -11.82 12.01 7.78
N SER A 110 -12.96 11.36 7.88
CA SER A 110 -13.12 9.92 8.06
C SER A 110 -13.31 9.25 6.70
N PRO A 111 -12.76 8.06 6.51
CA PRO A 111 -13.02 7.30 5.27
C PRO A 111 -14.51 7.13 5.00
N LYS A 112 -15.34 7.24 6.04
CA LYS A 112 -16.80 7.17 5.89
C LYS A 112 -17.43 8.54 5.59
N SER A 113 -16.65 9.49 5.11
CA SER A 113 -17.20 10.80 4.77
C SER A 113 -18.35 10.64 3.77
N SER A 114 -19.53 11.11 4.14
CA SER A 114 -20.69 11.02 3.26
CA SER A 114 -20.70 11.03 3.27
C SER A 114 -20.57 11.93 2.04
N ALA A 115 -19.61 12.84 2.03
CA ALA A 115 -19.39 13.68 0.87
C ALA A 115 -18.41 13.10 -0.14
N LEU A 116 -17.65 12.07 0.23
CA LEU A 116 -16.55 11.58 -0.60
C LEU A 116 -16.75 10.11 -0.94
N GLN A 117 -16.24 9.71 -2.10
CA GLN A 117 -16.12 8.31 -2.50
C GLN A 117 -14.71 8.08 -2.98
N TRP A 118 -14.01 7.14 -2.34
CA TRP A 118 -12.66 6.78 -2.72
C TRP A 118 -12.70 5.54 -3.61
N LEU A 119 -12.07 5.64 -4.78
CA LEU A 119 -12.05 4.55 -5.75
C LEU A 119 -10.65 3.94 -5.83
N THR A 120 -10.61 2.61 -5.96
CA THR A 120 -9.36 1.90 -6.18
C THR A 120 -9.05 1.87 -7.67
N PRO A 121 -7.79 1.59 -8.04
CA PRO A 121 -7.44 1.56 -9.48
C PRO A 121 -8.37 0.69 -10.30
N GLU A 122 -8.84 -0.43 -9.74
CA GLU A 122 -9.74 -1.31 -10.49
CA GLU A 122 -9.75 -1.32 -10.46
C GLU A 122 -11.12 -0.68 -10.71
N GLN A 123 -11.45 0.37 -9.96
CA GLN A 123 -12.73 1.04 -10.11
C GLN A 123 -12.71 2.17 -11.13
N THR A 124 -11.53 2.47 -11.67
CA THR A 124 -11.36 3.53 -12.66
C THR A 124 -11.19 2.93 -14.06
N SER A 125 -10.97 3.81 -15.04
CA SER A 125 -10.73 3.35 -16.41
C SER A 125 -9.28 2.94 -16.62
N GLY A 126 -8.34 3.76 -16.16
CA GLY A 126 -6.94 3.47 -16.40
C GLY A 126 -6.44 2.23 -15.68
N LYS A 127 -7.05 1.90 -14.54
CA LYS A 127 -6.70 0.72 -13.76
C LYS A 127 -5.36 0.83 -13.06
N GLU A 128 -4.74 2.01 -13.02
CA GLU A 128 -3.43 2.15 -12.40
C GLU A 128 -3.36 3.21 -11.31
N HIS A 129 -4.37 4.06 -11.15
CA HIS A 129 -4.32 5.11 -10.14
C HIS A 129 -5.66 5.19 -9.44
N PRO A 130 -5.67 5.60 -8.17
CA PRO A 130 -6.94 5.77 -7.45
C PRO A 130 -7.70 7.00 -7.91
N TYR A 131 -8.88 7.21 -7.34
CA TYR A 131 -9.75 8.29 -7.78
C TYR A 131 -10.58 8.75 -6.60
N LEU A 132 -10.81 10.06 -6.51
CA LEU A 132 -11.59 10.66 -5.44
C LEU A 132 -12.46 11.77 -6.01
N PHE A 133 -13.73 11.80 -5.61
CA PHE A 133 -14.59 12.91 -6.00
C PHE A 133 -15.59 13.17 -4.88
N SER A 134 -16.05 14.42 -4.80
CA SER A 134 -16.92 14.85 -3.71
C SER A 134 -18.31 15.25 -4.21
N GLN A 135 -19.29 15.07 -3.33
CA GLN A 135 -20.66 15.49 -3.60
C GLN A 135 -21.25 16.09 -2.33
N CYS A 136 -21.22 17.42 -2.23
CA CYS A 136 -21.61 18.09 -0.99
C CYS A 136 -23.11 18.36 -0.90
N GLN A 137 -23.75 18.70 -2.01
CA GLN A 137 -25.18 18.95 -1.96
C GLN A 137 -25.92 17.68 -1.54
N ALA A 138 -26.84 17.82 -0.58
CA ALA A 138 -27.21 19.14 -0.05
C ALA A 138 -26.43 19.53 1.20
N ILE A 139 -26.30 18.61 2.17
CA ILE A 139 -25.67 18.96 3.43
C ILE A 139 -24.53 18.01 3.73
N HIS A 140 -23.67 17.75 2.75
CA HIS A 140 -22.52 16.89 2.96
C HIS A 140 -21.21 17.65 3.12
N CYS A 141 -21.19 18.96 2.85
CA CYS A 141 -19.94 19.69 3.00
C CYS A 141 -19.43 19.62 4.44
N ARG A 142 -20.34 19.53 5.40
CA ARG A 142 -19.91 19.40 6.79
C ARG A 142 -19.12 18.12 7.02
N ALA A 143 -19.25 17.13 6.13
CA ALA A 143 -18.47 15.91 6.21
C ALA A 143 -17.09 16.04 5.57
N ILE A 144 -16.75 17.19 4.99
CA ILE A 144 -15.43 17.43 4.43
C ILE A 144 -14.63 18.39 5.30
N LEU A 145 -15.26 19.46 5.77
CA LEU A 145 -14.58 20.46 6.57
C LEU A 145 -15.61 21.16 7.44
N PRO A 146 -15.22 21.67 8.60
CA PRO A 146 -16.17 22.39 9.45
C PRO A 146 -16.66 23.66 8.76
N CYS A 147 -17.93 23.97 8.94
CA CYS A 147 -18.52 25.09 8.21
C CYS A 147 -19.96 25.27 8.65
N GLN A 148 -20.53 26.42 8.28
CA GLN A 148 -21.97 26.64 8.41
C GLN A 148 -22.55 25.97 7.16
N ASP A 149 -22.96 24.72 7.34
CA ASP A 149 -23.44 23.92 6.22
C ASP A 149 -24.89 24.31 5.96
N THR A 150 -25.09 25.50 5.39
CA THR A 150 -26.41 26.02 5.10
C THR A 150 -26.35 26.93 3.88
N PRO A 151 -27.26 26.77 2.92
CA PRO A 151 -27.23 27.64 1.73
C PRO A 151 -27.57 29.09 2.02
N SER A 152 -27.85 29.47 3.28
CA SER A 152 -28.13 30.86 3.58
C SER A 152 -26.87 31.69 3.77
N VAL A 153 -25.69 31.06 3.79
CA VAL A 153 -24.44 31.79 3.90
C VAL A 153 -23.64 31.55 2.63
N LYS A 154 -23.08 32.62 2.07
CA LYS A 154 -22.25 32.53 0.88
C LYS A 154 -20.87 33.08 1.18
N LEU A 155 -19.84 32.38 0.71
CA LEU A 155 -18.46 32.73 0.99
C LEU A 155 -17.61 32.49 -0.25
N THR A 156 -16.55 33.26 -0.37
CA THR A 156 -15.49 32.97 -1.34
C THR A 156 -14.48 32.02 -0.69
N TYR A 157 -13.65 31.40 -1.52
CA TYR A 157 -12.64 30.49 -0.98
C TYR A 157 -11.46 30.38 -1.92
N THR A 158 -10.28 30.18 -1.31
CA THR A 158 -9.05 29.83 -2.00
C THR A 158 -8.53 28.52 -1.41
N ALA A 159 -7.94 27.67 -2.24
CA ALA A 159 -7.55 26.34 -1.78
C ALA A 159 -6.22 25.92 -2.34
N GLU A 160 -5.44 25.23 -1.51
CA GLU A 160 -4.19 24.59 -1.91
C GLU A 160 -4.30 23.13 -1.49
N VAL A 161 -4.40 22.24 -2.48
CA VAL A 161 -4.60 20.81 -2.25
C VAL A 161 -3.34 20.07 -2.65
N SER A 162 -2.84 19.21 -1.76
CA SER A 162 -1.64 18.42 -2.01
C SER A 162 -2.05 17.01 -2.42
N VAL A 163 -1.50 16.53 -3.54
CA VAL A 163 -1.82 15.20 -4.04
C VAL A 163 -0.57 14.58 -4.64
N PRO A 164 -0.56 13.26 -4.78
CA PRO A 164 0.54 12.60 -5.48
C PRO A 164 0.80 13.27 -6.82
N LYS A 165 2.08 13.50 -7.12
CA LYS A 165 2.46 14.29 -8.30
C LYS A 165 1.87 13.72 -9.58
N GLU A 166 1.71 12.40 -9.66
CA GLU A 166 1.21 11.77 -10.88
C GLU A 166 -0.30 11.96 -11.06
N LEU A 167 -0.98 12.64 -10.15
CA LEU A 167 -2.42 12.85 -10.22
C LEU A 167 -2.73 14.33 -10.37
N VAL A 168 -4.00 14.62 -10.69
CA VAL A 168 -4.47 15.98 -10.92
C VAL A 168 -5.65 16.27 -9.99
N ALA A 169 -5.69 17.48 -9.45
CA ALA A 169 -6.76 17.90 -8.57
C ALA A 169 -7.51 19.07 -9.21
N LEU A 170 -8.84 19.02 -9.16
CA LEU A 170 -9.69 20.08 -9.66
C LEU A 170 -10.74 20.42 -8.61
N MET A 171 -11.09 21.70 -8.52
CA MET A 171 -12.11 22.17 -7.60
C MET A 171 -13.11 23.06 -8.33
N SER A 172 -14.20 23.40 -7.64
CA SER A 172 -15.21 24.30 -8.19
C SER A 172 -14.73 25.75 -8.08
N ALA A 173 -13.63 26.03 -8.77
CA ALA A 173 -13.00 27.34 -8.72
C ALA A 173 -12.08 27.49 -9.92
N ILE A 174 -11.49 28.67 -10.05
CA ILE A 174 -10.54 28.94 -11.13
C ILE A 174 -9.18 28.42 -10.72
N ARG A 175 -8.59 27.59 -11.58
CA ARG A 175 -7.26 27.06 -11.29
C ARG A 175 -6.27 28.22 -11.15
N ASP A 176 -5.40 28.12 -10.16
CA ASP A 176 -4.50 29.23 -9.83
C ASP A 176 -3.04 28.75 -9.73
N GLY A 177 -2.68 27.76 -10.54
CA GLY A 177 -1.32 27.31 -10.65
C GLY A 177 -1.04 26.04 -9.84
N GLU A 178 0.04 25.37 -10.22
CA GLU A 178 0.49 24.16 -9.54
C GLU A 178 2.00 24.24 -9.35
N THR A 179 2.48 23.66 -8.25
CA THR A 179 3.90 23.62 -7.96
C THR A 179 4.21 22.35 -7.18
N PRO A 180 5.43 21.85 -7.25
CA PRO A 180 5.79 20.68 -6.44
C PRO A 180 5.67 20.98 -4.96
N ASP A 181 5.16 20.01 -4.20
CA ASP A 181 5.04 20.17 -2.76
C ASP A 181 6.43 20.38 -2.16
N PRO A 182 6.70 21.54 -1.58
CA PRO A 182 8.05 21.75 -1.01
C PRO A 182 8.38 20.80 0.13
N GLU A 183 7.37 20.28 0.82
CA GLU A 183 7.59 19.37 1.94
C GLU A 183 7.76 17.92 1.48
N ASP A 184 7.31 17.58 0.28
CA ASP A 184 7.37 16.20 -0.19
C ASP A 184 7.56 16.13 -1.69
N PRO A 185 8.67 15.57 -2.16
CA PRO A 185 8.92 15.51 -3.63
C PRO A 185 7.98 14.57 -4.38
N SER A 186 7.20 13.75 -3.68
CA SER A 186 6.30 12.80 -4.31
C SER A 186 4.90 13.37 -4.54
N ARG A 187 4.69 14.66 -4.27
CA ARG A 187 3.37 15.26 -4.34
C ARG A 187 3.42 16.58 -5.09
N LYS A 188 2.26 16.97 -5.63
CA LYS A 188 2.02 18.28 -6.21
C LYS A 188 1.02 19.04 -5.35
N ILE A 189 1.02 20.36 -5.52
CA ILE A 189 0.08 21.24 -4.85
C ILE A 189 -0.66 22.03 -5.92
N TYR A 190 -1.96 21.83 -6.01
CA TYR A 190 -2.80 22.57 -6.95
C TYR A 190 -3.51 23.71 -6.21
N LYS A 191 -3.48 24.90 -6.81
CA LYS A 191 -4.02 26.10 -6.19
C LYS A 191 -5.32 26.50 -6.90
N PHE A 192 -6.31 26.94 -6.12
CA PHE A 192 -7.60 27.30 -6.65
C PHE A 192 -8.11 28.55 -5.96
N ILE A 193 -8.93 29.32 -6.67
CA ILE A 193 -9.55 30.54 -6.14
C ILE A 193 -10.94 30.70 -6.75
N GLN A 194 -11.92 30.97 -5.89
CA GLN A 194 -13.30 31.19 -6.30
C GLN A 194 -13.69 32.58 -5.82
N LYS A 195 -13.61 33.56 -6.72
CA LYS A 195 -13.83 34.95 -6.36
C LYS A 195 -15.30 35.32 -6.22
N VAL A 196 -16.20 34.45 -6.65
CA VAL A 196 -17.64 34.68 -6.55
C VAL A 196 -18.14 33.99 -5.29
N PRO A 197 -18.80 34.68 -4.37
CA PRO A 197 -19.30 34.02 -3.17
C PRO A 197 -20.33 32.94 -3.50
N ILE A 198 -20.20 31.79 -2.86
CA ILE A 198 -21.07 30.65 -3.10
C ILE A 198 -21.52 30.02 -1.79
N PRO A 199 -22.66 29.35 -1.76
CA PRO A 199 -22.98 28.51 -0.60
C PRO A 199 -22.04 27.31 -0.58
N CYS A 200 -21.73 26.85 0.64
CA CYS A 200 -20.69 25.84 0.79
C CYS A 200 -21.03 24.53 0.08
N TYR A 201 -22.31 24.23 -0.14
CA TYR A 201 -22.64 22.96 -0.80
C TYR A 201 -22.10 22.90 -2.22
N LEU A 202 -21.64 24.02 -2.78
CA LEU A 202 -21.03 24.07 -4.10
C LEU A 202 -19.52 23.91 -4.04
N ILE A 203 -18.97 23.59 -2.89
CA ILE A 203 -17.55 23.25 -2.76
C ILE A 203 -17.34 21.84 -3.31
N ALA A 204 -16.44 21.70 -4.26
CA ALA A 204 -16.22 20.42 -4.92
C ALA A 204 -14.73 20.18 -5.08
N LEU A 205 -14.35 18.90 -5.06
CA LEU A 205 -12.97 18.48 -5.25
C LEU A 205 -12.96 17.16 -6.01
N VAL A 206 -11.90 16.96 -6.80
CA VAL A 206 -11.71 15.71 -7.52
C VAL A 206 -10.22 15.49 -7.71
N VAL A 207 -9.76 14.26 -7.52
CA VAL A 207 -8.35 13.90 -7.65
C VAL A 207 -8.26 12.60 -8.42
N GLY A 208 -7.42 12.57 -9.44
CA GLY A 208 -7.23 11.36 -10.22
C GLY A 208 -6.43 11.62 -11.47
N ALA A 209 -6.27 10.56 -12.26
CA ALA A 209 -5.55 10.63 -13.53
C ALA A 209 -6.45 11.27 -14.58
N LEU A 210 -6.48 12.61 -14.57
CA LEU A 210 -7.41 13.38 -15.38
C LEU A 210 -6.68 14.05 -16.53
N GLU A 211 -7.27 13.99 -17.72
CA GLU A 211 -6.82 14.73 -18.88
C GLU A 211 -7.94 15.64 -19.37
N SER A 212 -7.58 16.63 -20.16
CA SER A 212 -8.52 17.67 -20.59
C SER A 212 -8.46 17.82 -22.10
N ARG A 213 -9.56 18.33 -22.65
CA ARG A 213 -9.66 18.63 -24.08
C ARG A 213 -10.49 19.90 -24.20
N GLN A 214 -9.94 20.92 -24.84
CA GLN A 214 -10.66 22.19 -24.97
CA GLN A 214 -10.67 22.19 -24.96
C GLN A 214 -11.73 22.07 -26.05
N ILE A 215 -12.98 22.40 -25.69
CA ILE A 215 -14.10 22.36 -26.63
C ILE A 215 -14.77 23.71 -26.80
N GLY A 216 -14.24 24.76 -26.17
CA GLY A 216 -14.78 26.08 -26.30
C GLY A 216 -13.81 27.12 -25.75
N PRO A 217 -14.10 28.40 -25.98
CA PRO A 217 -13.20 29.45 -25.47
C PRO A 217 -13.08 29.47 -23.95
N ARG A 218 -14.00 28.81 -23.23
CA ARG A 218 -14.01 28.84 -21.78
C ARG A 218 -14.46 27.50 -21.21
N THR A 219 -14.20 26.40 -21.90
CA THR A 219 -14.67 25.09 -21.46
C THR A 219 -13.63 24.02 -21.78
N LEU A 220 -13.24 23.28 -20.75
CA LEU A 220 -12.38 22.10 -20.88
CA LEU A 220 -12.39 22.10 -20.88
C LEU A 220 -13.13 20.88 -20.36
N VAL A 221 -13.09 19.80 -21.12
CA VAL A 221 -13.70 18.54 -20.69
C VAL A 221 -12.62 17.71 -19.99
N TRP A 222 -12.89 17.31 -18.75
CA TRP A 222 -11.97 16.52 -17.96
C TRP A 222 -12.52 15.13 -17.73
N SER A 223 -11.66 14.13 -17.87
CA SER A 223 -11.98 12.75 -17.50
C SER A 223 -10.70 11.95 -17.67
N GLU A 224 -10.79 10.63 -17.50
CA GLU A 224 -9.65 9.77 -17.74
C GLU A 224 -9.37 9.67 -19.24
N LYS A 225 -8.14 9.30 -19.57
CA LYS A 225 -7.73 9.24 -20.97
C LYS A 225 -8.72 8.42 -21.80
N GLU A 226 -9.41 7.46 -21.19
CA GLU A 226 -10.29 6.58 -21.93
C GLU A 226 -11.59 7.24 -22.36
N GLN A 227 -11.94 8.39 -21.78
CA GLN A 227 -13.21 9.04 -22.09
C GLN A 227 -13.08 10.49 -22.51
N VAL A 228 -11.86 11.04 -22.53
CA VAL A 228 -11.71 12.47 -22.85
C VAL A 228 -12.25 12.77 -24.24
N GLU A 229 -11.78 12.04 -25.25
CA GLU A 229 -12.24 12.32 -26.60
C GLU A 229 -13.73 11.99 -26.77
N LYS A 230 -14.17 10.86 -26.23
CA LYS A 230 -15.59 10.51 -26.26
C LYS A 230 -16.44 11.60 -25.61
N SER A 231 -15.95 12.20 -24.53
CA SER A 231 -16.71 13.23 -23.84
C SER A 231 -16.68 14.55 -24.60
N ALA A 232 -15.54 14.88 -25.21
CA ALA A 232 -15.43 16.13 -25.94
C ALA A 232 -16.47 16.23 -27.05
N TYR A 233 -16.67 15.14 -27.78
CA TYR A 233 -17.68 15.15 -28.84
C TYR A 233 -19.09 15.23 -28.24
N GLU A 234 -19.35 14.48 -27.18
CA GLU A 234 -20.69 14.43 -26.63
C GLU A 234 -21.21 15.80 -26.23
N PHE A 235 -20.33 16.68 -25.74
CA PHE A 235 -20.75 17.97 -25.20
C PHE A 235 -20.27 19.14 -26.06
N SER A 236 -20.19 18.95 -27.37
CA SER A 236 -19.69 20.00 -28.24
C SER A 236 -20.60 21.22 -28.27
N GLU A 237 -21.88 21.07 -27.94
CA GLU A 237 -22.81 22.18 -27.97
C GLU A 237 -22.69 23.12 -26.76
N THR A 238 -21.73 22.88 -25.87
CA THR A 238 -21.70 23.61 -24.61
C THR A 238 -21.64 25.12 -24.85
N GLU A 239 -20.70 25.57 -25.69
CA GLU A 239 -20.55 27.01 -25.88
C GLU A 239 -21.83 27.60 -26.46
N SER A 240 -22.48 26.91 -27.40
CA SER A 240 -23.73 27.45 -27.93
CA SER A 240 -23.74 27.42 -27.93
C SER A 240 -24.77 27.59 -26.84
N MET A 241 -24.78 26.67 -25.85
CA MET A 241 -25.73 26.77 -24.75
C MET A 241 -25.37 27.86 -23.77
N LEU A 242 -24.08 28.09 -23.55
CA LEU A 242 -23.65 29.18 -22.67
C LEU A 242 -24.09 30.53 -23.25
N LYS A 243 -23.95 30.72 -24.57
CA LYS A 243 -24.41 31.95 -25.19
C LYS A 243 -25.92 32.10 -25.06
N ILE A 244 -26.67 31.03 -25.34
CA ILE A 244 -28.12 31.09 -25.17
C ILE A 244 -28.47 31.36 -23.71
N ALA A 245 -27.78 30.70 -22.77
CA ALA A 245 -28.03 30.95 -21.36
C ALA A 245 -27.72 32.40 -21.00
N GLU A 246 -26.67 32.97 -21.60
CA GLU A 246 -26.34 34.37 -21.34
C GLU A 246 -27.43 35.29 -21.85
N ASP A 247 -28.05 34.93 -22.99
CA ASP A 247 -29.11 35.75 -23.55
C ASP A 247 -30.35 35.71 -22.68
N LEU A 248 -30.54 34.61 -21.94
CA LEU A 248 -31.74 34.44 -21.13
C LEU A 248 -31.57 34.99 -19.72
N GLY A 249 -30.42 34.75 -19.10
CA GLY A 249 -30.24 35.11 -17.71
C GLY A 249 -29.25 36.22 -17.46
N GLY A 250 -28.59 36.72 -18.51
CA GLY A 250 -27.61 37.76 -18.35
C GLY A 250 -26.19 37.21 -18.41
N PRO A 251 -25.21 38.05 -18.10
CA PRO A 251 -23.81 37.64 -18.24
C PRO A 251 -23.46 36.46 -17.35
N TYR A 252 -22.55 35.62 -17.87
CA TYR A 252 -21.98 34.52 -17.09
C TYR A 252 -20.84 35.07 -16.23
N VAL A 253 -20.96 34.92 -14.91
CA VAL A 253 -20.07 35.63 -13.98
C VAL A 253 -19.01 34.72 -13.39
N TRP A 254 -18.87 33.50 -13.88
CA TRP A 254 -17.96 32.54 -13.26
C TRP A 254 -16.67 32.35 -14.04
N GLY A 255 -16.46 33.12 -15.09
CA GLY A 255 -15.25 33.00 -15.88
C GLY A 255 -15.18 31.72 -16.67
N GLN A 256 -14.67 30.66 -16.04
CA GLN A 256 -14.52 29.38 -16.70
C GLN A 256 -15.77 28.53 -16.49
N TYR A 257 -16.08 27.71 -17.49
CA TYR A 257 -17.11 26.68 -17.35
C TYR A 257 -16.56 25.37 -17.92
N ASP A 258 -15.91 24.58 -17.07
CA ASP A 258 -15.36 23.29 -17.47
C ASP A 258 -16.35 22.17 -17.14
N LEU A 259 -16.14 21.03 -17.79
CA LEU A 259 -16.93 19.83 -17.56
C LEU A 259 -16.01 18.72 -17.05
N LEU A 260 -16.56 17.88 -16.18
CA LEU A 260 -15.84 16.75 -15.62
C LEU A 260 -16.74 15.52 -15.69
N VAL A 261 -16.33 14.52 -16.46
CA VAL A 261 -17.05 13.25 -16.53
C VAL A 261 -16.43 12.28 -15.53
N LEU A 262 -17.21 11.88 -14.53
CA LEU A 262 -16.72 11.06 -13.43
C LEU A 262 -16.91 9.59 -13.74
N PRO A 263 -16.41 8.71 -12.89
CA PRO A 263 -16.64 7.27 -13.06
C PRO A 263 -18.12 6.95 -12.90
N PRO A 264 -18.53 5.73 -13.27
CA PRO A 264 -19.97 5.45 -13.33
C PRO A 264 -20.70 5.60 -12.00
N SER A 265 -19.99 5.58 -10.86
CA SER A 265 -20.67 5.59 -9.57
C SER A 265 -21.17 6.96 -9.17
N PHE A 266 -20.98 7.98 -10.00
CA PHE A 266 -21.49 9.31 -9.67
C PHE A 266 -22.99 9.24 -9.46
N PRO A 267 -23.51 9.74 -8.34
CA PRO A 267 -24.93 9.50 -8.03
C PRO A 267 -25.90 10.24 -8.93
N TYR A 268 -25.53 11.40 -9.44
CA TYR A 268 -26.46 12.24 -10.20
C TYR A 268 -26.07 12.29 -11.67
N GLY A 269 -27.02 12.77 -12.49
CA GLY A 269 -26.71 13.06 -13.87
C GLY A 269 -25.73 14.22 -14.02
N GLY A 270 -25.82 15.19 -13.12
CA GLY A 270 -24.90 16.32 -13.15
C GLY A 270 -24.92 17.02 -11.82
N MET A 271 -23.87 17.80 -11.57
CA MET A 271 -23.76 18.62 -10.38
C MET A 271 -23.25 20.00 -10.78
N GLU A 272 -24.04 21.03 -10.50
CA GLU A 272 -23.74 22.37 -10.95
C GLU A 272 -22.61 23.01 -10.15
N ASN A 273 -21.54 22.27 -9.88
CA ASN A 273 -20.40 22.85 -9.20
C ASN A 273 -19.87 24.03 -10.01
N PRO A 274 -19.72 25.22 -9.43
CA PRO A 274 -19.27 26.38 -10.22
C PRO A 274 -17.89 26.16 -10.80
N CYS A 275 -17.74 26.51 -12.08
CA CYS A 275 -16.52 26.43 -12.87
C CYS A 275 -16.22 25.00 -13.32
N LEU A 276 -16.88 23.98 -12.76
CA LEU A 276 -16.56 22.59 -13.08
C LEU A 276 -17.76 21.68 -12.83
N THR A 277 -18.71 21.65 -13.77
CA THR A 277 -19.86 20.79 -13.62
C THR A 277 -19.43 19.32 -13.67
N PHE A 278 -19.88 18.55 -12.69
CA PHE A 278 -19.69 17.10 -12.71
C PHE A 278 -20.87 16.47 -13.46
N VAL A 279 -20.58 15.49 -14.30
CA VAL A 279 -21.61 14.82 -15.08
C VAL A 279 -21.37 13.31 -15.06
N THR A 280 -22.44 12.57 -15.22
CA THR A 280 -22.36 11.11 -15.24
C THR A 280 -21.85 10.63 -16.59
N PRO A 281 -21.03 9.58 -16.61
CA PRO A 281 -20.62 8.99 -17.89
C PRO A 281 -21.77 8.36 -18.64
N THR A 282 -22.94 8.18 -18.00
CA THR A 282 -24.10 7.65 -18.69
C THR A 282 -24.66 8.61 -19.73
N LEU A 283 -24.15 9.84 -19.80
CA LEU A 283 -24.57 10.78 -20.82
C LEU A 283 -23.89 10.54 -22.17
N LEU A 284 -22.87 9.68 -22.21
CA LEU A 284 -22.08 9.42 -23.41
C LEU A 284 -22.87 8.48 -24.33
N ALA A 285 -23.97 9.01 -24.87
CA ALA A 285 -24.80 8.24 -25.78
C ALA A 285 -24.18 8.12 -27.16
N GLY A 286 -23.25 9.00 -27.53
CA GLY A 286 -22.61 8.94 -28.83
C GLY A 286 -23.27 9.79 -29.90
N ASP A 287 -24.32 10.54 -29.57
CA ASP A 287 -25.00 11.37 -30.56
C ASP A 287 -25.49 12.69 -29.99
N LYS A 288 -25.03 13.09 -28.80
CA LYS A 288 -25.41 14.33 -28.14
C LYS A 288 -26.86 14.33 -27.67
N SER A 289 -27.55 13.20 -27.72
CA SER A 289 -28.99 13.17 -27.44
C SER A 289 -29.30 13.46 -25.98
N LEU A 290 -28.34 13.29 -25.08
CA LEU A 290 -28.55 13.54 -23.66
C LEU A 290 -27.95 14.86 -23.22
N SER A 291 -27.60 15.74 -24.16
CA SER A 291 -26.96 17.01 -23.82
C SER A 291 -27.90 17.97 -23.12
N ASN A 292 -29.17 17.59 -22.90
CA ASN A 292 -30.08 18.43 -22.15
C ASN A 292 -29.62 18.59 -20.71
N VAL A 293 -28.91 17.59 -20.18
CA VAL A 293 -28.37 17.70 -18.84
C VAL A 293 -27.31 18.79 -18.78
N ILE A 294 -26.54 18.97 -19.87
CA ILE A 294 -25.54 20.04 -19.92
C ILE A 294 -26.23 21.40 -19.88
N ALA A 295 -27.28 21.58 -20.68
CA ALA A 295 -28.05 22.81 -20.61
C ALA A 295 -28.60 23.05 -19.21
N HIS A 296 -29.08 21.98 -18.57
CA HIS A 296 -29.57 22.10 -17.19
C HIS A 296 -28.46 22.58 -16.26
N GLU A 297 -27.30 21.92 -16.30
CA GLU A 297 -26.20 22.29 -15.43
C GLU A 297 -25.70 23.70 -15.74
N ILE A 298 -25.71 24.07 -17.03
CA ILE A 298 -25.33 25.43 -17.40
C ILE A 298 -26.29 26.45 -16.79
N SER A 299 -27.60 26.13 -16.78
CA SER A 299 -28.58 27.09 -16.28
C SER A 299 -28.40 27.35 -14.80
N HIS A 300 -27.88 26.38 -14.05
CA HIS A 300 -27.64 26.59 -12.64
C HIS A 300 -26.67 27.73 -12.38
N SER A 301 -25.87 28.11 -13.38
CA SER A 301 -24.96 29.25 -13.21
C SER A 301 -25.73 30.53 -12.88
N TRP A 302 -27.03 30.56 -13.15
CA TRP A 302 -27.90 31.65 -12.75
C TRP A 302 -28.87 31.21 -11.65
N THR A 303 -29.74 30.25 -11.94
CA THR A 303 -30.76 29.81 -11.01
C THR A 303 -30.19 28.69 -10.15
N GLY A 304 -29.73 29.04 -8.95
CA GLY A 304 -29.15 28.07 -8.05
C GLY A 304 -27.84 28.55 -7.47
N ASN A 305 -26.87 28.87 -8.34
CA ASN A 305 -25.56 29.33 -7.92
C ASN A 305 -25.52 30.84 -7.71
N LEU A 306 -26.25 31.60 -8.52
CA LEU A 306 -26.34 33.04 -8.32
C LEU A 306 -27.45 33.39 -7.33
N VAL A 307 -28.69 33.09 -7.68
CA VAL A 307 -29.83 33.21 -6.77
C VAL A 307 -30.05 31.85 -6.15
N THR A 308 -29.76 31.73 -4.86
CA THR A 308 -29.73 30.45 -4.17
C THR A 308 -30.88 30.36 -3.18
N ASN A 309 -31.34 29.13 -2.95
CA ASN A 309 -32.37 28.91 -1.95
C ASN A 309 -31.82 29.17 -0.56
N LYS A 310 -32.56 29.93 0.25
CA LYS A 310 -32.09 30.24 1.59
C LYS A 310 -31.98 28.98 2.45
N THR A 311 -32.95 28.08 2.32
CA THR A 311 -32.89 26.77 2.96
C THR A 311 -33.31 25.72 1.96
N TRP A 312 -33.11 24.46 2.33
CA TRP A 312 -33.47 23.36 1.46
C TRP A 312 -34.98 23.12 1.41
N ASP A 313 -35.75 23.76 2.28
CA ASP A 313 -37.21 23.69 2.12
C ASP A 313 -37.64 24.29 0.79
N HIS A 314 -36.90 25.29 0.32
CA HIS A 314 -37.19 25.99 -0.94
C HIS A 314 -36.31 25.49 -2.07
N PHE A 315 -36.00 24.21 -2.06
CA PHE A 315 -35.16 23.63 -3.10
C PHE A 315 -35.76 23.82 -4.48
N TRP A 316 -37.09 23.91 -4.57
CA TRP A 316 -37.74 24.00 -5.88
C TRP A 316 -37.32 25.27 -6.61
N LEU A 317 -36.96 26.33 -5.88
CA LEU A 317 -36.45 27.53 -6.53
C LEU A 317 -35.23 27.21 -7.38
N ASN A 318 -34.30 26.39 -6.86
CA ASN A 318 -33.11 26.06 -7.62
C ASN A 318 -33.45 25.22 -8.85
N GLU A 319 -34.16 24.11 -8.64
CA GLU A 319 -34.42 23.20 -9.75
C GLU A 319 -35.55 23.70 -10.64
N GLY A 320 -36.61 24.25 -10.05
CA GLY A 320 -37.75 24.69 -10.80
C GLY A 320 -37.38 25.62 -11.94
N HIS A 321 -36.71 26.73 -11.62
CA HIS A 321 -36.31 27.68 -12.64
C HIS A 321 -35.21 27.12 -13.54
N THR A 322 -34.38 26.21 -13.00
CA THR A 322 -33.31 25.64 -13.81
C THR A 322 -33.88 24.79 -14.94
N VAL A 323 -34.85 23.92 -14.63
CA VAL A 323 -35.50 23.16 -15.70
C VAL A 323 -36.15 24.09 -16.70
N TYR A 324 -36.75 25.18 -16.21
CA TYR A 324 -37.38 26.14 -17.12
C TYR A 324 -36.36 26.71 -18.09
N LEU A 325 -35.22 27.17 -17.57
CA LEU A 325 -34.15 27.69 -18.42
C LEU A 325 -33.67 26.61 -19.37
N GLU A 326 -33.36 25.43 -18.83
CA GLU A 326 -32.88 24.32 -19.64
C GLU A 326 -33.77 24.10 -20.86
N ARG A 327 -35.08 24.00 -20.64
CA ARG A 327 -35.96 23.69 -21.75
C ARG A 327 -36.13 24.87 -22.71
N HIS A 328 -35.88 26.09 -22.25
CA HIS A 328 -35.82 27.21 -23.18
C HIS A 328 -34.55 27.14 -24.03
N ILE A 329 -33.45 26.69 -23.44
CA ILE A 329 -32.22 26.53 -24.19
C ILE A 329 -32.39 25.49 -25.29
N CYS A 330 -32.98 24.34 -24.94
CA CYS A 330 -33.24 23.32 -25.95
C CYS A 330 -34.25 23.79 -26.98
N GLY A 331 -35.23 24.61 -26.58
CA GLY A 331 -36.17 25.15 -27.54
C GLY A 331 -35.51 26.08 -28.52
N ARG A 332 -34.62 26.95 -28.03
CA ARG A 332 -33.89 27.84 -28.93
CA ARG A 332 -33.88 27.83 -28.93
C ARG A 332 -33.03 27.05 -29.92
N LEU A 333 -32.61 25.84 -29.54
CA LEU A 333 -31.74 25.05 -30.38
CA LEU A 333 -31.74 25.05 -30.38
C LEU A 333 -32.50 24.11 -31.31
N PHE A 334 -33.70 23.66 -30.91
CA PHE A 334 -34.41 22.64 -31.67
C PHE A 334 -35.88 22.98 -31.90
N GLY A 335 -36.33 24.16 -31.53
CA GLY A 335 -37.67 24.59 -31.84
C GLY A 335 -38.60 24.55 -30.63
N GLU A 336 -39.64 25.38 -30.70
CA GLU A 336 -40.60 25.44 -29.61
C GLU A 336 -41.35 24.13 -29.45
N LYS A 337 -41.62 23.42 -30.56
CA LYS A 337 -42.30 22.14 -30.44
C LYS A 337 -41.48 21.15 -29.63
N PHE A 338 -40.14 21.23 -29.71
CA PHE A 338 -39.33 20.35 -28.90
C PHE A 338 -39.40 20.73 -27.43
N ARG A 339 -39.51 22.03 -27.15
CA ARG A 339 -39.66 22.47 -25.75
C ARG A 339 -40.94 21.90 -25.15
N HIS A 340 -42.04 21.95 -25.89
CA HIS A 340 -43.31 21.38 -25.42
C HIS A 340 -43.20 19.86 -25.28
N PHE A 341 -42.50 19.21 -26.21
CA PHE A 341 -42.33 17.77 -26.10
C PHE A 341 -41.67 17.39 -24.77
N ASN A 342 -40.56 18.05 -24.43
CA ASN A 342 -39.90 17.78 -23.16
C ASN A 342 -40.75 18.22 -21.98
N ALA A 343 -41.43 19.36 -22.11
CA ALA A 343 -42.31 19.81 -21.03
C ALA A 343 -43.41 18.79 -20.77
N LEU A 344 -44.03 18.29 -21.84
CA LEU A 344 -45.06 17.27 -21.67
C LEU A 344 -44.47 16.00 -21.08
N GLY A 345 -43.24 15.66 -21.47
CA GLY A 345 -42.58 14.50 -20.89
C GLY A 345 -42.27 14.68 -19.41
N GLY A 346 -41.91 15.90 -19.01
CA GLY A 346 -41.67 16.16 -17.60
C GLY A 346 -42.92 16.00 -16.76
N TRP A 347 -44.08 16.39 -17.30
CA TRP A 347 -45.34 16.15 -16.60
C TRP A 347 -45.53 14.67 -16.34
N GLY A 348 -45.15 13.83 -17.30
CA GLY A 348 -45.26 12.40 -17.10
C GLY A 348 -44.39 11.90 -15.98
N GLU A 349 -43.17 12.43 -15.89
CA GLU A 349 -42.30 12.07 -14.77
C GLU A 349 -42.91 12.52 -13.45
N LEU A 350 -43.56 13.70 -13.44
CA LEU A 350 -44.23 14.15 -12.24
C LEU A 350 -45.35 13.20 -11.85
N GLN A 351 -46.09 12.69 -12.84
CA GLN A 351 -47.10 11.68 -12.57
C GLN A 351 -46.48 10.46 -11.90
N ASN A 352 -45.33 10.01 -12.40
CA ASN A 352 -44.68 8.84 -11.81
C ASN A 352 -44.29 9.08 -10.36
N SER A 353 -43.68 10.25 -10.10
CA SER A 353 -43.21 10.52 -8.75
C SER A 353 -44.36 10.56 -7.76
N VAL A 354 -45.46 11.23 -8.13
CA VAL A 354 -46.62 11.30 -7.24
C VAL A 354 -47.21 9.91 -7.03
N LYS A 355 -47.30 9.12 -8.10
CA LYS A 355 -47.84 7.77 -7.96
C LYS A 355 -46.93 6.88 -7.12
N THR A 356 -45.62 7.12 -7.15
CA THR A 356 -44.71 6.33 -6.32
C THR A 356 -44.73 6.78 -4.86
N PHE A 357 -44.78 8.09 -4.60
CA PHE A 357 -44.88 8.56 -3.23
C PHE A 357 -46.32 8.46 -2.71
N GLY A 358 -47.29 8.75 -3.54
CA GLY A 358 -48.68 8.80 -3.12
C GLY A 358 -49.19 10.22 -3.15
N GLU A 359 -50.46 10.36 -3.53
CA GLU A 359 -51.09 11.67 -3.69
C GLU A 359 -51.02 12.52 -2.43
N THR A 360 -50.79 11.92 -1.27
CA THR A 360 -50.80 12.65 -0.02
C THR A 360 -49.42 12.80 0.60
N HIS A 361 -48.39 12.23 -0.01
CA HIS A 361 -47.08 12.17 0.65
C HIS A 361 -46.51 13.58 0.80
N PRO A 362 -45.98 13.95 1.97
CA PRO A 362 -45.47 15.31 2.15
C PRO A 362 -44.36 15.68 1.18
N PHE A 363 -43.62 14.69 0.66
CA PHE A 363 -42.53 14.99 -0.28
C PHE A 363 -43.04 15.45 -1.64
N THR A 364 -44.34 15.32 -1.92
CA THR A 364 -44.89 15.79 -3.18
C THR A 364 -45.29 17.26 -3.11
N LYS A 365 -45.10 17.92 -1.98
CA LYS A 365 -45.34 19.35 -1.91
C LYS A 365 -44.20 20.08 -2.60
N LEU A 366 -44.53 21.23 -3.21
CA LEU A 366 -43.49 22.04 -3.84
C LEU A 366 -42.50 22.55 -2.80
N VAL A 367 -42.99 23.15 -1.72
CA VAL A 367 -42.19 23.56 -0.59
C VAL A 367 -42.36 22.52 0.51
N VAL A 368 -41.25 21.89 0.89
CA VAL A 368 -41.27 20.78 1.83
C VAL A 368 -40.83 21.24 3.21
N ASP A 369 -41.12 20.43 4.22
CA ASP A 369 -40.67 20.66 5.59
C ASP A 369 -39.70 19.54 5.95
N LEU A 370 -38.40 19.86 5.88
CA LEU A 370 -37.34 18.88 6.07
C LEU A 370 -36.91 18.76 7.52
N THR A 371 -37.72 19.26 8.45
CA THR A 371 -37.40 19.12 9.86
C THR A 371 -37.30 17.65 10.22
N ASP A 372 -36.12 17.23 10.66
CA ASP A 372 -35.85 15.86 11.06
C ASP A 372 -35.93 14.91 9.86
N ILE A 373 -35.71 15.42 8.66
CA ILE A 373 -35.74 14.62 7.44
C ILE A 373 -34.38 14.71 6.76
N ASP A 374 -33.78 13.56 6.48
CA ASP A 374 -32.55 13.52 5.68
C ASP A 374 -32.86 13.99 4.27
N PRO A 375 -32.23 15.07 3.78
CA PRO A 375 -32.54 15.55 2.43
C PRO A 375 -32.36 14.48 1.36
N ASP A 376 -31.36 13.60 1.50
CA ASP A 376 -31.16 12.56 0.51
C ASP A 376 -32.35 11.61 0.42
N VAL A 377 -33.15 11.52 1.48
CA VAL A 377 -34.28 10.60 1.47
C VAL A 377 -35.52 11.22 0.82
N ALA A 378 -35.65 12.55 0.84
CA ALA A 378 -36.78 13.23 0.24
C ALA A 378 -36.55 13.62 -1.21
N TYR A 379 -35.30 13.56 -1.68
CA TYR A 379 -34.97 14.01 -3.02
C TYR A 379 -35.72 13.19 -4.06
N SER A 380 -36.33 13.87 -5.03
CA SER A 380 -37.07 13.23 -6.10
C SER A 380 -37.31 14.25 -7.20
N SER A 381 -38.11 13.86 -8.20
CA SER A 381 -38.39 14.75 -9.32
C SER A 381 -39.42 15.83 -9.00
N VAL A 382 -40.07 15.75 -7.85
CA VAL A 382 -41.14 16.70 -7.53
C VAL A 382 -40.69 18.14 -7.68
N PRO A 383 -39.61 18.58 -7.03
CA PRO A 383 -39.19 19.99 -7.19
C PRO A 383 -38.84 20.34 -8.62
N TYR A 384 -38.37 19.37 -9.41
CA TYR A 384 -38.00 19.65 -10.79
C TYR A 384 -39.25 19.89 -11.64
N GLU A 385 -40.15 18.91 -11.68
CA GLU A 385 -41.27 18.94 -12.62
C GLU A 385 -42.43 19.76 -12.08
N LYS A 386 -42.81 19.55 -10.82
CA LYS A 386 -43.86 20.40 -10.26
C LYS A 386 -43.43 21.86 -10.25
N GLY A 387 -42.16 22.12 -9.95
CA GLY A 387 -41.65 23.48 -10.03
C GLY A 387 -41.68 24.02 -11.46
N PHE A 388 -41.30 23.18 -12.43
CA PHE A 388 -41.38 23.62 -13.82
C PHE A 388 -42.83 23.85 -14.24
N ALA A 389 -43.72 22.92 -13.88
CA ALA A 389 -45.12 23.08 -14.25
C ALA A 389 -45.69 24.40 -13.74
N LEU A 390 -45.29 24.82 -12.54
CA LEU A 390 -45.72 26.13 -12.06
C LEU A 390 -45.23 27.24 -12.96
N LEU A 391 -43.92 27.30 -13.22
CA LEU A 391 -43.39 28.35 -14.08
C LEU A 391 -43.99 28.26 -15.48
N PHE A 392 -44.09 27.05 -16.01
CA PHE A 392 -44.74 26.88 -17.30
C PHE A 392 -46.20 27.32 -17.23
N TYR A 393 -46.88 27.00 -16.13
CA TYR A 393 -48.26 27.47 -15.93
C TYR A 393 -48.32 28.99 -15.85
N LEU A 394 -47.38 29.60 -15.14
CA LEU A 394 -47.36 31.06 -15.06
C LEU A 394 -47.04 31.69 -16.41
N GLU A 395 -46.17 31.05 -17.20
CA GLU A 395 -45.85 31.60 -18.52
C GLU A 395 -47.10 31.71 -19.38
N GLN A 396 -47.87 30.62 -19.49
CA GLN A 396 -49.10 30.65 -20.25
C GLN A 396 -50.14 31.55 -19.63
N LEU A 397 -50.07 31.78 -18.33
CA LEU A 397 -51.06 32.60 -17.65
C LEU A 397 -50.78 34.09 -17.78
N LEU A 398 -49.54 34.49 -18.04
CA LEU A 398 -49.14 35.89 -17.97
C LEU A 398 -48.78 36.49 -19.33
N GLY A 399 -48.88 35.74 -20.42
CA GLY A 399 -48.68 36.31 -21.73
C GLY A 399 -47.71 35.60 -22.65
N GLY A 400 -47.20 34.43 -22.24
CA GLY A 400 -46.36 33.63 -23.11
C GLY A 400 -44.89 33.64 -22.71
N PRO A 401 -44.06 32.92 -23.46
CA PRO A 401 -42.65 32.77 -23.05
C PRO A 401 -41.85 34.05 -23.10
N GLU A 402 -42.02 34.89 -24.12
CA GLU A 402 -41.26 36.13 -24.20
C GLU A 402 -41.45 36.96 -22.94
N ILE A 403 -42.71 37.11 -22.51
CA ILE A 403 -43.00 37.94 -21.34
C ILE A 403 -42.39 37.33 -20.08
N PHE A 404 -42.53 36.01 -19.90
CA PHE A 404 -42.04 35.39 -18.67
C PHE A 404 -40.52 35.36 -18.61
N LEU A 405 -39.86 35.18 -19.75
CA LEU A 405 -38.40 35.25 -19.76
C LEU A 405 -37.90 36.63 -19.30
N GLY A 406 -38.66 37.68 -19.59
CA GLY A 406 -38.30 38.99 -19.07
C GLY A 406 -38.34 39.03 -17.55
N PHE A 407 -39.35 38.41 -16.95
CA PHE A 407 -39.40 38.31 -15.49
C PHE A 407 -38.21 37.53 -14.96
N LEU A 408 -37.87 36.41 -15.63
CA LEU A 408 -36.78 35.57 -15.15
C LEU A 408 -35.46 36.32 -15.17
N LYS A 409 -35.18 37.05 -16.25
CA LYS A 409 -33.93 37.82 -16.29
C LYS A 409 -33.89 38.87 -15.19
N ALA A 410 -35.00 39.57 -14.96
CA ALA A 410 -35.07 40.52 -13.87
C ALA A 410 -34.97 39.83 -12.52
N TYR A 411 -35.54 38.61 -12.41
CA TYR A 411 -35.45 37.84 -11.18
C TYR A 411 -34.01 37.48 -10.81
N VAL A 412 -33.21 37.10 -11.81
CA VAL A 412 -31.82 36.75 -11.55
C VAL A 412 -31.01 37.99 -11.16
N GLU A 413 -31.26 39.13 -11.83
CA GLU A 413 -30.54 40.35 -11.46
C GLU A 413 -30.97 40.88 -10.10
N LYS A 414 -32.24 40.72 -9.72
CA LYS A 414 -32.75 41.23 -8.45
C LYS A 414 -32.11 40.50 -7.26
N PHE A 415 -31.95 39.18 -7.37
CA PHE A 415 -31.48 38.37 -6.25
C PHE A 415 -30.11 37.75 -6.51
N SER A 416 -29.32 38.35 -7.40
CA SER A 416 -28.01 37.78 -7.70
C SER A 416 -27.11 37.83 -6.47
N TYR A 417 -26.34 36.76 -6.27
CA TYR A 417 -25.40 36.59 -5.16
C TYR A 417 -26.09 36.50 -3.80
N LYS A 418 -27.39 36.29 -3.77
CA LYS A 418 -28.16 36.28 -2.54
C LYS A 418 -28.90 34.95 -2.39
N SER A 419 -29.45 34.75 -1.20
CA SER A 419 -30.23 33.56 -0.89
C SER A 419 -31.62 34.00 -0.47
N ILE A 420 -32.63 33.44 -1.12
CA ILE A 420 -34.01 33.91 -0.98
C ILE A 420 -34.91 32.74 -0.61
N THR A 421 -36.13 33.07 -0.19
CA THR A 421 -37.15 32.09 0.11
C THR A 421 -38.24 32.14 -0.95
N THR A 422 -39.21 31.23 -0.81
CA THR A 422 -40.32 31.21 -1.76
C THR A 422 -41.12 32.50 -1.72
N ASP A 423 -41.30 33.08 -0.53
CA ASP A 423 -42.04 34.34 -0.41
C ASP A 423 -41.27 35.49 -1.08
N ASP A 424 -39.94 35.51 -0.97
CA ASP A 424 -39.17 36.48 -1.74
C ASP A 424 -39.49 36.38 -3.23
N TRP A 425 -39.54 35.15 -3.75
CA TRP A 425 -39.88 34.94 -5.16
C TRP A 425 -41.31 35.37 -5.46
N LYS A 426 -42.25 34.99 -4.60
CA LYS A 426 -43.64 35.36 -4.83
C LYS A 426 -43.82 36.87 -4.81
N ASP A 427 -43.16 37.55 -3.88
CA ASP A 427 -43.28 39.00 -3.81
C ASP A 427 -42.76 39.65 -5.09
N PHE A 428 -41.58 39.22 -5.55
CA PHE A 428 -41.03 39.82 -6.76
C PHE A 428 -41.89 39.51 -7.98
N LEU A 429 -42.51 38.34 -8.02
CA LEU A 429 -43.45 38.04 -9.09
C LEU A 429 -44.59 39.04 -9.10
N TYR A 430 -45.16 39.33 -7.93
CA TYR A 430 -46.22 40.33 -7.84
C TYR A 430 -45.69 41.73 -8.15
N SER A 431 -44.47 42.03 -7.74
CA SER A 431 -43.92 43.34 -8.06
C SER A 431 -43.67 43.47 -9.56
N TYR A 432 -43.09 42.43 -10.18
CA TYR A 432 -42.80 42.51 -11.61
C TYR A 432 -44.08 42.57 -12.43
N PHE A 433 -45.04 41.70 -12.12
CA PHE A 433 -46.34 41.70 -12.81
C PHE A 433 -47.37 42.51 -12.02
N LYS A 434 -46.99 43.72 -11.59
CA LYS A 434 -47.91 44.53 -10.80
C LYS A 434 -49.17 44.85 -11.60
N ASP A 435 -49.03 45.03 -12.91
CA ASP A 435 -50.17 45.30 -13.78
C ASP A 435 -50.99 44.06 -14.09
N LYS A 436 -50.72 42.95 -13.40
CA LYS A 436 -51.47 41.70 -13.62
C LYS A 436 -51.74 40.98 -12.31
N VAL A 437 -51.92 41.72 -11.21
CA VAL A 437 -52.23 41.09 -9.93
C VAL A 437 -53.58 40.39 -9.97
N ASP A 438 -54.49 40.85 -10.83
CA ASP A 438 -55.78 40.17 -10.97
C ASP A 438 -55.59 38.77 -11.53
N VAL A 439 -54.61 38.58 -12.41
CA VAL A 439 -54.35 37.25 -12.95
C VAL A 439 -53.67 36.39 -11.91
N LEU A 440 -52.69 36.95 -11.20
CA LEU A 440 -51.96 36.17 -10.19
C LEU A 440 -52.87 35.76 -9.03
N ASN A 441 -53.84 36.60 -8.67
CA ASN A 441 -54.71 36.26 -7.56
C ASN A 441 -55.62 35.09 -7.89
N GLN A 442 -55.80 34.76 -9.16
CA GLN A 442 -56.56 33.57 -9.54
C GLN A 442 -55.76 32.29 -9.38
N VAL A 443 -54.50 32.39 -8.98
CA VAL A 443 -53.64 31.23 -8.82
C VAL A 443 -53.83 30.66 -7.42
N ASP A 444 -54.02 29.34 -7.34
CA ASP A 444 -54.18 28.66 -6.05
C ASP A 444 -52.79 28.47 -5.45
N TRP A 445 -52.27 29.55 -4.87
CA TRP A 445 -50.90 29.52 -4.36
C TRP A 445 -50.73 28.45 -3.30
N ASN A 446 -51.76 28.20 -2.49
CA ASN A 446 -51.64 27.20 -1.44
C ASN A 446 -51.55 25.80 -2.04
N ALA A 447 -52.35 25.51 -3.06
CA ALA A 447 -52.29 24.20 -3.69
C ALA A 447 -50.96 23.99 -4.41
N TRP A 448 -50.49 24.99 -5.16
CA TRP A 448 -49.23 24.85 -5.89
C TRP A 448 -48.04 24.71 -4.95
N LEU A 449 -47.98 25.55 -3.92
CA LEU A 449 -46.79 25.65 -3.10
C LEU A 449 -46.75 24.67 -1.94
N TYR A 450 -47.91 24.33 -1.35
CA TYR A 450 -47.92 23.56 -0.11
C TYR A 450 -48.84 22.34 -0.14
N SER A 451 -49.45 22.01 -1.27
CA SER A 451 -50.33 20.84 -1.30
C SER A 451 -49.63 19.65 -1.93
N PRO A 452 -49.90 18.45 -1.42
CA PRO A 452 -49.32 17.24 -2.01
C PRO A 452 -50.05 16.83 -3.29
N GLY A 453 -49.44 15.87 -4.00
CA GLY A 453 -50.04 15.36 -5.21
C GLY A 453 -49.80 16.22 -6.44
N LEU A 454 -50.53 15.88 -7.50
CA LEU A 454 -50.39 16.61 -8.75
C LEU A 454 -50.89 18.04 -8.57
N PRO A 455 -50.33 18.98 -9.33
CA PRO A 455 -50.76 20.36 -9.22
C PRO A 455 -52.25 20.49 -9.50
N PRO A 456 -52.88 21.57 -9.04
CA PRO A 456 -54.34 21.70 -9.23
C PRO A 456 -54.75 21.87 -10.69
N ILE A 457 -53.84 22.24 -11.58
CA ILE A 457 -54.20 22.48 -12.98
C ILE A 457 -52.99 22.13 -13.84
N LYS A 458 -53.27 21.56 -15.01
CA LYS A 458 -52.25 21.10 -15.94
C LYS A 458 -52.09 22.10 -17.07
N PRO A 459 -50.87 22.45 -17.44
CA PRO A 459 -50.66 23.43 -18.51
C PRO A 459 -51.09 22.87 -19.85
N ASN A 460 -51.06 23.74 -20.85
CA ASN A 460 -51.40 23.35 -22.23
C ASN A 460 -50.12 22.96 -22.96
N TYR A 461 -50.08 21.74 -23.47
CA TYR A 461 -48.90 21.20 -24.14
C TYR A 461 -49.20 20.94 -25.61
N ASP A 462 -48.28 21.33 -26.48
CA ASP A 462 -48.36 20.94 -27.88
C ASP A 462 -48.06 19.45 -28.02
N MET A 463 -48.81 18.78 -28.88
CA MET A 463 -48.71 17.33 -29.02
C MET A 463 -48.03 16.89 -30.31
N THR A 464 -47.44 17.83 -31.05
CA THR A 464 -46.89 17.50 -32.37
C THR A 464 -45.89 16.35 -32.27
N LEU A 465 -44.87 16.51 -31.44
CA LEU A 465 -43.81 15.50 -31.37
C LEU A 465 -44.17 14.32 -30.49
N THR A 466 -45.28 14.39 -29.74
CA THR A 466 -45.64 13.32 -28.83
C THR A 466 -46.67 12.35 -29.41
N ASN A 467 -47.48 12.78 -30.38
CA ASN A 467 -48.55 11.92 -30.88
C ASN A 467 -48.01 10.60 -31.40
N ALA A 468 -46.89 10.64 -32.13
CA ALA A 468 -46.32 9.41 -32.67
C ALA A 468 -46.01 8.43 -31.55
N CYS A 469 -45.54 8.93 -30.40
CA CYS A 469 -45.24 8.05 -29.27
C CYS A 469 -46.51 7.44 -28.70
N ILE A 470 -47.54 8.25 -28.50
CA ILE A 470 -48.80 7.74 -27.95
C ILE A 470 -49.44 6.75 -28.92
N ALA A 471 -49.37 7.04 -30.22
CA ALA A 471 -49.95 6.15 -31.20
C ALA A 471 -49.33 4.77 -31.09
N LEU A 472 -48.00 4.69 -31.19
CA LEU A 472 -47.32 3.40 -31.13
C LEU A 472 -47.49 2.74 -29.77
N SER A 473 -47.54 3.55 -28.70
CA SER A 473 -47.71 2.96 -27.38
C SER A 473 -49.09 2.32 -27.22
N GLN A 474 -50.13 2.98 -27.72
CA GLN A 474 -51.48 2.42 -27.61
C GLN A 474 -51.61 1.15 -28.43
N ARG A 475 -50.96 1.08 -29.59
CA ARG A 475 -51.01 -0.15 -30.39
C ARG A 475 -50.51 -1.35 -29.58
N TRP A 476 -49.35 -1.22 -28.94
CA TRP A 476 -48.79 -2.34 -28.20
C TRP A 476 -49.62 -2.71 -26.98
N ILE A 477 -50.19 -1.72 -26.30
CA ILE A 477 -50.94 -2.01 -25.08
C ILE A 477 -52.22 -2.77 -25.41
N THR A 478 -52.94 -2.35 -26.44
CA THR A 478 -54.21 -2.96 -26.83
C THR A 478 -54.04 -4.14 -27.78
N ALA A 479 -52.80 -4.47 -28.16
CA ALA A 479 -52.57 -5.50 -29.17
C ALA A 479 -52.94 -6.89 -28.67
N LYS A 480 -53.54 -7.68 -29.55
CA LYS A 480 -53.82 -9.07 -29.26
C LYS A 480 -52.66 -9.93 -29.77
N GLU A 481 -52.77 -11.24 -29.57
CA GLU A 481 -51.67 -12.12 -29.97
C GLU A 481 -51.50 -12.14 -31.49
N ASP A 482 -52.62 -12.15 -32.24
CA ASP A 482 -52.53 -12.17 -33.70
C ASP A 482 -52.21 -10.80 -34.29
N ASP A 483 -51.92 -9.81 -33.46
CA ASP A 483 -51.56 -8.48 -33.92
C ASP A 483 -50.07 -8.21 -33.82
N LEU A 484 -49.34 -9.07 -33.11
CA LEU A 484 -47.92 -8.84 -32.91
C LEU A 484 -47.15 -8.98 -34.21
N ASN A 485 -47.62 -9.83 -35.12
CA ASN A 485 -46.89 -10.08 -36.36
C ASN A 485 -46.77 -8.84 -37.22
N SER A 486 -47.71 -7.90 -37.09
CA SER A 486 -47.70 -6.71 -37.93
C SER A 486 -46.68 -5.67 -37.49
N PHE A 487 -46.13 -5.77 -36.29
CA PHE A 487 -45.11 -4.82 -35.84
C PHE A 487 -43.81 -5.08 -36.58
N ASN A 488 -43.09 -4.00 -36.89
CA ASN A 488 -41.87 -4.12 -37.68
C ASN A 488 -40.92 -2.99 -37.35
N ALA A 489 -39.63 -3.23 -37.62
CA ALA A 489 -38.62 -2.22 -37.36
C ALA A 489 -38.96 -0.89 -38.02
N THR A 490 -39.72 -0.92 -39.12
CA THR A 490 -40.10 0.31 -39.79
C THR A 490 -40.98 1.21 -38.94
N ASP A 491 -41.52 0.70 -37.83
CA ASP A 491 -42.34 1.52 -36.95
C ASP A 491 -41.55 2.66 -36.34
N LEU A 492 -40.22 2.56 -36.32
CA LEU A 492 -39.37 3.55 -35.67
C LEU A 492 -38.61 4.42 -36.65
N LYS A 493 -38.84 4.29 -37.96
CA LYS A 493 -37.98 4.96 -38.94
C LYS A 493 -38.02 6.48 -38.79
N ASP A 494 -39.12 7.02 -38.28
CA ASP A 494 -39.30 8.46 -38.17
C ASP A 494 -39.33 8.93 -36.72
N LEU A 495 -38.83 8.11 -35.81
CA LEU A 495 -38.81 8.45 -34.39
C LEU A 495 -37.39 8.78 -33.97
N SER A 496 -37.22 9.93 -33.32
CA SER A 496 -35.93 10.27 -32.77
C SER A 496 -35.65 9.43 -31.52
N SER A 497 -34.43 9.61 -30.99
CA SER A 497 -34.07 8.92 -29.75
CA SER A 497 -34.07 8.92 -29.75
C SER A 497 -34.99 9.33 -28.61
N HIS A 498 -35.36 10.62 -28.57
CA HIS A 498 -36.24 11.07 -27.50
C HIS A 498 -37.64 10.50 -27.66
N GLN A 499 -38.18 10.51 -28.88
CA GLN A 499 -39.47 9.88 -29.12
C GLN A 499 -39.41 8.40 -28.79
N LEU A 500 -38.32 7.74 -29.16
CA LEU A 500 -38.16 6.33 -28.82
C LEU A 500 -38.19 6.13 -27.31
N ASN A 501 -37.54 7.03 -26.56
CA ASN A 501 -37.54 6.94 -25.11
C ASN A 501 -38.91 7.24 -24.53
N GLU A 502 -39.60 8.25 -25.07
CA GLU A 502 -40.95 8.57 -24.57
C GLU A 502 -41.94 7.46 -24.86
N PHE A 503 -41.76 6.75 -25.99
CA PHE A 503 -42.63 5.61 -26.28
C PHE A 503 -42.53 4.53 -25.21
N LEU A 504 -41.29 4.23 -24.77
CA LEU A 504 -41.14 3.25 -23.69
C LEU A 504 -41.73 3.79 -22.39
N ALA A 505 -41.53 5.08 -22.09
CA ALA A 505 -42.09 5.66 -20.88
C ALA A 505 -43.60 5.50 -20.85
N GLN A 506 -44.28 5.91 -21.92
CA GLN A 506 -45.72 5.73 -21.97
C GLN A 506 -46.11 4.27 -21.85
N THR A 507 -45.41 3.39 -22.57
CA THR A 507 -45.71 1.96 -22.48
C THR A 507 -45.45 1.43 -21.07
N LEU A 508 -44.36 1.89 -20.45
CA LEU A 508 -44.03 1.43 -19.11
C LEU A 508 -45.12 1.78 -18.11
N GLN A 509 -45.84 2.88 -18.34
CA GLN A 509 -46.90 3.28 -17.42
C GLN A 509 -48.02 2.26 -17.35
N ARG A 510 -48.20 1.46 -18.40
CA ARG A 510 -49.22 0.43 -18.40
C ARG A 510 -48.65 -0.97 -18.20
N ALA A 511 -47.44 -1.07 -17.66
CA ALA A 511 -46.89 -2.38 -17.38
C ALA A 511 -47.66 -3.03 -16.22
N PRO A 512 -47.66 -4.38 -16.14
CA PRO A 512 -46.92 -5.25 -17.06
C PRO A 512 -47.64 -5.52 -18.37
N LEU A 513 -46.87 -5.85 -19.41
CA LEU A 513 -47.41 -6.32 -20.66
C LEU A 513 -47.30 -7.82 -20.76
N PRO A 514 -48.09 -8.46 -21.64
CA PRO A 514 -47.96 -9.91 -21.82
C PRO A 514 -46.53 -10.29 -22.19
N LEU A 515 -46.06 -11.39 -21.62
CA LEU A 515 -44.69 -11.84 -21.87
C LEU A 515 -44.41 -12.03 -23.36
N GLY A 516 -45.42 -12.45 -24.13
CA GLY A 516 -45.23 -12.58 -25.56
C GLY A 516 -45.05 -11.25 -26.27
N HIS A 517 -45.64 -10.18 -25.73
CA HIS A 517 -45.46 -8.86 -26.32
C HIS A 517 -44.04 -8.36 -26.13
N ILE A 518 -43.45 -8.60 -24.96
CA ILE A 518 -42.10 -8.14 -24.71
C ILE A 518 -41.11 -8.88 -25.61
N LYS A 519 -41.28 -10.20 -25.72
CA LYS A 519 -40.38 -10.97 -26.57
C LYS A 519 -40.48 -10.52 -28.01
N ARG A 520 -41.71 -10.28 -28.50
CA ARG A 520 -41.88 -9.78 -29.85
C ARG A 520 -41.30 -8.39 -30.02
N MET A 521 -41.33 -7.57 -28.96
CA MET A 521 -40.79 -6.22 -29.06
C MET A 521 -39.28 -6.26 -29.28
N GLN A 522 -38.56 -7.12 -28.53
CA GLN A 522 -37.12 -7.27 -28.77
C GLN A 522 -36.84 -7.88 -30.13
N GLU A 523 -37.75 -8.70 -30.65
CA GLU A 523 -37.51 -9.35 -31.93
C GLU A 523 -37.56 -8.37 -33.09
N VAL A 524 -38.40 -7.35 -33.02
CA VAL A 524 -38.63 -6.45 -34.14
C VAL A 524 -37.91 -5.11 -33.91
N TYR A 525 -37.70 -4.75 -32.65
CA TYR A 525 -37.10 -3.48 -32.30
C TYR A 525 -35.66 -3.60 -31.81
N ASN A 526 -35.28 -4.75 -31.27
CA ASN A 526 -33.92 -5.00 -30.81
C ASN A 526 -33.43 -3.91 -29.86
N PHE A 527 -34.24 -3.63 -28.83
CA PHE A 527 -33.87 -2.61 -27.86
C PHE A 527 -32.66 -3.03 -27.03
N ASN A 528 -32.36 -4.33 -26.97
CA ASN A 528 -31.21 -4.79 -26.22
C ASN A 528 -29.92 -4.18 -26.76
N ALA A 529 -29.89 -3.86 -28.06
CA ALA A 529 -28.68 -3.37 -28.70
C ALA A 529 -28.46 -1.87 -28.50
N ILE A 530 -29.43 -1.15 -27.95
CA ILE A 530 -29.30 0.29 -27.76
C ILE A 530 -28.49 0.55 -26.48
N ASN A 531 -27.50 1.43 -26.60
CA ASN A 531 -26.65 1.77 -25.46
C ASN A 531 -27.07 3.06 -24.77
N ASN A 532 -28.03 3.79 -25.33
CA ASN A 532 -28.57 4.98 -24.69
C ASN A 532 -29.08 4.61 -23.30
N SER A 533 -28.46 5.19 -22.27
CA SER A 533 -28.79 4.81 -20.90
C SER A 533 -30.25 5.12 -20.57
N GLU A 534 -30.79 6.21 -21.11
CA GLU A 534 -32.18 6.54 -20.83
C GLU A 534 -33.12 5.50 -21.45
N ILE A 535 -32.86 5.12 -22.70
CA ILE A 535 -33.71 4.15 -23.38
C ILE A 535 -33.50 2.76 -22.80
N ARG A 536 -32.25 2.35 -22.65
CA ARG A 536 -31.97 1.04 -22.06
C ARG A 536 -32.57 0.91 -20.67
N PHE A 537 -32.52 1.98 -19.89
CA PHE A 537 -33.06 1.95 -18.53
C PHE A 537 -34.56 1.62 -18.55
N ARG A 538 -35.32 2.31 -19.39
CA ARG A 538 -36.77 2.08 -19.43
C ARG A 538 -37.11 0.77 -20.13
N TRP A 539 -36.35 0.39 -21.16
CA TRP A 539 -36.60 -0.89 -21.81
C TRP A 539 -36.43 -2.05 -20.84
N LEU A 540 -35.38 -2.01 -20.01
CA LEU A 540 -35.17 -3.10 -19.06
C LEU A 540 -36.24 -3.09 -17.96
N ARG A 541 -36.62 -1.90 -17.49
CA ARG A 541 -37.71 -1.84 -16.51
C ARG A 541 -38.98 -2.48 -17.07
N LEU A 542 -39.32 -2.16 -18.32
CA LEU A 542 -40.48 -2.78 -18.94
C LEU A 542 -40.33 -4.29 -18.95
N CYS A 543 -39.11 -4.77 -19.22
CA CYS A 543 -38.88 -6.21 -19.26
C CYS A 543 -39.02 -6.83 -17.88
N ILE A 544 -38.31 -6.28 -16.90
CA ILE A 544 -38.34 -6.86 -15.56
C ILE A 544 -39.76 -6.82 -14.99
N GLN A 545 -40.46 -5.70 -15.16
CA GLN A 545 -41.83 -5.61 -14.66
C GLN A 545 -42.78 -6.54 -15.39
N SER A 546 -42.46 -6.93 -16.62
CA SER A 546 -43.28 -7.87 -17.38
C SER A 546 -42.85 -9.32 -17.20
N LYS A 547 -41.95 -9.57 -16.25
CA LYS A 547 -41.59 -10.92 -15.82
C LYS A 547 -40.77 -11.68 -16.87
N TRP A 548 -39.94 -11.00 -17.64
CA TRP A 548 -39.07 -11.66 -18.61
C TRP A 548 -37.74 -11.98 -17.94
N GLU A 549 -37.51 -13.27 -17.68
CA GLU A 549 -36.31 -13.69 -16.97
C GLU A 549 -35.05 -13.40 -17.77
N ASP A 550 -35.13 -13.42 -19.10
CA ASP A 550 -33.93 -13.13 -19.91
C ASP A 550 -33.34 -11.77 -19.57
N ALA A 551 -34.15 -10.83 -19.10
CA ALA A 551 -33.69 -9.48 -18.81
C ALA A 551 -33.08 -9.35 -17.43
N ILE A 552 -33.08 -10.40 -16.62
CA ILE A 552 -32.58 -10.30 -15.25
C ILE A 552 -31.10 -9.95 -15.26
N PRO A 553 -30.25 -10.70 -15.94
CA PRO A 553 -28.82 -10.34 -15.98
C PRO A 553 -28.56 -8.98 -16.61
N LEU A 554 -29.36 -8.57 -17.60
CA LEU A 554 -29.17 -7.26 -18.19
C LEU A 554 -29.45 -6.16 -17.18
N ALA A 555 -30.56 -6.26 -16.44
CA ALA A 555 -30.89 -5.25 -15.45
C ALA A 555 -29.87 -5.23 -14.31
N LEU A 556 -29.42 -6.42 -13.87
CA LEU A 556 -28.42 -6.45 -12.80
C LEU A 556 -27.11 -5.82 -13.23
N LYS A 557 -26.72 -6.00 -14.50
CA LYS A 557 -25.48 -5.43 -15.00
C LYS A 557 -25.56 -3.91 -15.06
N MET A 558 -26.66 -3.37 -15.59
CA MET A 558 -26.79 -1.91 -15.67
C MET A 558 -26.94 -1.30 -14.29
N ALA A 559 -27.64 -1.98 -13.40
CA ALA A 559 -27.87 -1.42 -12.07
C ALA A 559 -26.59 -1.36 -11.24
N THR A 560 -25.57 -2.15 -11.60
CA THR A 560 -24.33 -2.22 -10.83
C THR A 560 -23.12 -1.70 -11.56
N GLU A 561 -23.11 -1.75 -12.89
CA GLU A 561 -21.97 -1.21 -13.65
C GLU A 561 -21.97 0.31 -13.70
N GLN A 562 -23.06 0.96 -13.27
CA GLN A 562 -23.10 2.40 -13.12
C GLN A 562 -23.88 2.70 -11.83
N GLY A 563 -23.67 3.91 -11.31
CA GLY A 563 -24.21 4.24 -10.01
C GLY A 563 -25.16 5.42 -10.01
N ARG A 564 -25.64 5.83 -11.18
CA ARG A 564 -26.63 6.90 -11.26
C ARG A 564 -27.90 6.49 -10.53
N MET A 565 -28.23 7.19 -9.43
CA MET A 565 -29.40 6.82 -8.65
C MET A 565 -30.67 6.83 -9.47
N LYS A 566 -30.76 7.69 -10.50
CA LYS A 566 -31.94 7.71 -11.35
C LYS A 566 -32.20 6.33 -11.96
N PHE A 567 -31.15 5.61 -12.34
CA PHE A 567 -31.25 4.29 -12.96
C PHE A 567 -31.11 3.16 -11.95
N THR A 568 -30.09 3.22 -11.08
CA THR A 568 -29.79 2.09 -10.20
C THR A 568 -30.92 1.81 -9.22
N ARG A 569 -31.52 2.86 -8.65
CA ARG A 569 -32.56 2.63 -7.65
C ARG A 569 -33.80 1.97 -8.24
N PRO A 570 -34.43 2.52 -9.28
CA PRO A 570 -35.60 1.82 -9.86
C PRO A 570 -35.26 0.43 -10.39
N LEU A 571 -34.07 0.24 -10.97
CA LEU A 571 -33.69 -1.09 -11.43
C LEU A 571 -33.65 -2.07 -10.26
N PHE A 572 -32.98 -1.69 -9.18
CA PHE A 572 -32.91 -2.56 -8.00
C PHE A 572 -34.30 -2.84 -7.44
N LYS A 573 -35.16 -1.82 -7.37
CA LYS A 573 -36.51 -2.04 -6.85
C LYS A 573 -37.27 -3.02 -7.74
N ASP A 574 -37.24 -2.80 -9.06
CA ASP A 574 -37.94 -3.69 -9.98
C ASP A 574 -37.43 -5.11 -9.87
N LEU A 575 -36.12 -5.28 -9.76
CA LEU A 575 -35.54 -6.62 -9.63
C LEU A 575 -35.99 -7.28 -8.33
N ALA A 576 -36.07 -6.50 -7.25
CA ALA A 576 -36.48 -7.04 -5.95
C ALA A 576 -37.95 -7.44 -5.93
N ALA A 577 -38.80 -6.75 -6.70
CA ALA A 577 -40.21 -7.10 -6.81
C ALA A 577 -40.47 -8.27 -7.77
N PHE A 578 -39.46 -8.70 -8.53
CA PHE A 578 -39.59 -9.84 -9.41
C PHE A 578 -39.14 -11.09 -8.66
N ASP A 579 -40.08 -12.00 -8.40
CA ASP A 579 -39.75 -13.18 -7.59
C ASP A 579 -38.61 -13.99 -8.18
N LYS A 580 -38.48 -14.01 -9.51
CA LYS A 580 -37.39 -14.75 -10.13
C LYS A 580 -36.04 -14.08 -9.94
N SER A 581 -35.99 -12.86 -9.37
CA SER A 581 -34.72 -12.17 -9.23
C SER A 581 -34.56 -11.51 -7.86
N HIS A 582 -35.50 -11.69 -6.94
CA HIS A 582 -35.40 -11.00 -5.64
C HIS A 582 -34.11 -11.36 -4.92
N ASP A 583 -33.84 -12.66 -4.76
CA ASP A 583 -32.66 -13.07 -4.01
C ASP A 583 -31.39 -12.55 -4.66
N GLN A 584 -31.31 -12.60 -6.00
CA GLN A 584 -30.14 -12.07 -6.69
C GLN A 584 -29.99 -10.57 -6.45
N ALA A 585 -31.10 -9.84 -6.46
CA ALA A 585 -31.03 -8.40 -6.25
C ALA A 585 -30.41 -8.06 -4.90
N VAL A 586 -30.92 -8.64 -3.83
CA VAL A 586 -30.36 -8.37 -2.50
C VAL A 586 -28.92 -8.87 -2.42
N ARG A 587 -28.65 -10.05 -2.98
CA ARG A 587 -27.27 -10.53 -3.00
C ARG A 587 -26.37 -9.57 -3.75
N THR A 588 -26.76 -9.18 -4.97
CA THR A 588 -25.88 -8.32 -5.77
C THR A 588 -25.60 -7.00 -5.04
N TYR A 589 -26.61 -6.43 -4.38
CA TYR A 589 -26.39 -5.21 -3.61
C TYR A 589 -25.42 -5.44 -2.47
N GLN A 590 -25.56 -6.55 -1.74
CA GLN A 590 -24.70 -6.81 -0.60
C GLN A 590 -23.25 -6.99 -1.02
N GLU A 591 -23.02 -7.65 -2.16
CA GLU A 591 -21.66 -7.84 -2.63
C GLU A 591 -21.04 -6.54 -3.14
N HIS A 592 -21.85 -5.66 -3.73
CA HIS A 592 -21.35 -4.40 -4.25
C HIS A 592 -21.50 -3.24 -3.29
N LYS A 593 -22.18 -3.44 -2.16
CA LYS A 593 -22.43 -2.34 -1.23
C LYS A 593 -21.13 -1.66 -0.80
N ALA A 594 -20.09 -2.44 -0.51
CA ALA A 594 -18.85 -1.87 0.01
C ALA A 594 -18.18 -0.93 -0.98
N SER A 595 -18.45 -1.08 -2.27
CA SER A 595 -17.78 -0.29 -3.29
C SER A 595 -18.71 0.71 -3.97
N MET A 596 -19.94 0.81 -3.52
CA MET A 596 -20.87 1.79 -4.08
C MET A 596 -20.63 3.16 -3.43
N HIS A 597 -21.26 4.18 -4.03
CA HIS A 597 -21.20 5.50 -3.44
C HIS A 597 -21.95 5.53 -2.12
N PRO A 598 -21.39 6.18 -1.09
CA PRO A 598 -22.01 6.09 0.25
C PRO A 598 -23.48 6.48 0.28
N VAL A 599 -23.86 7.52 -0.47
CA VAL A 599 -25.26 7.95 -0.48
C VAL A 599 -26.13 6.91 -1.19
N THR A 600 -25.68 6.45 -2.36
CA THR A 600 -26.47 5.48 -3.12
C THR A 600 -26.63 4.18 -2.32
N ALA A 601 -25.55 3.71 -1.69
CA ALA A 601 -25.62 2.49 -0.90
C ALA A 601 -26.66 2.61 0.21
N MET A 602 -26.78 3.79 0.82
CA MET A 602 -27.76 3.96 1.87
C MET A 602 -29.18 3.91 1.32
N LEU A 603 -29.43 4.61 0.21
CA LEU A 603 -30.78 4.65 -0.36
C LEU A 603 -31.17 3.29 -0.93
N VAL A 604 -30.25 2.63 -1.63
CA VAL A 604 -30.55 1.30 -2.17
C VAL A 604 -30.82 0.30 -1.04
N GLY A 605 -30.14 0.45 0.09
CA GLY A 605 -30.43 -0.40 1.23
C GLY A 605 -31.82 -0.18 1.78
N LYS A 606 -32.27 1.07 1.82
CA LYS A 606 -33.61 1.35 2.32
C LYS A 606 -34.66 0.88 1.32
N ASP A 607 -34.41 1.08 0.02
CA ASP A 607 -35.37 0.64 -0.99
C ASP A 607 -35.59 -0.87 -0.92
N LEU A 608 -34.52 -1.63 -0.71
CA LEU A 608 -34.60 -3.08 -0.62
C LEU A 608 -34.97 -3.57 0.78
N LYS A 609 -35.08 -2.67 1.75
CA LYS A 609 -35.45 -3.03 3.12
C LYS A 609 -34.45 -4.01 3.72
N VAL A 610 -33.16 -3.71 3.54
CA VAL A 610 -32.08 -4.46 4.16
C VAL A 610 -31.35 -3.65 5.22
N ASP A 611 -31.71 -2.38 5.41
CA ASP A 611 -31.04 -1.53 6.39
C ASP A 611 -31.22 -2.04 7.81
N ILE B 4 -23.44 -7.08 11.48
CA ILE B 4 -24.10 -7.42 10.22
C ILE B 4 -23.08 -7.47 9.08
N VAL B 5 -22.22 -6.45 8.99
CA VAL B 5 -21.22 -6.34 7.93
C VAL B 5 -19.84 -6.22 8.57
N ASP B 6 -18.93 -7.12 8.19
CA ASP B 6 -17.55 -7.08 8.67
C ASP B 6 -16.73 -6.32 7.64
N THR B 7 -16.45 -5.06 7.91
CA THR B 7 -15.73 -4.24 6.96
C THR B 7 -14.24 -4.53 6.92
N CYS B 8 -13.74 -5.42 7.77
CA CYS B 8 -12.32 -5.78 7.75
C CYS B 8 -12.04 -7.03 6.93
N SER B 9 -13.08 -7.70 6.44
CA SER B 9 -12.92 -8.97 5.73
C SER B 9 -13.43 -8.85 4.31
N LEU B 10 -12.71 -9.48 3.38
CA LEU B 10 -13.11 -9.54 1.99
C LEU B 10 -13.75 -10.87 1.61
N ALA B 11 -13.90 -11.78 2.57
CA ALA B 11 -14.42 -13.11 2.29
C ALA B 11 -15.94 -13.13 2.28
N SER B 12 -16.49 -14.27 1.92
CA SER B 12 -17.93 -14.43 1.94
C SER B 12 -18.43 -14.33 3.37
N PRO B 13 -19.47 -13.55 3.65
CA PRO B 13 -19.96 -13.42 5.02
C PRO B 13 -20.61 -14.70 5.50
N ALA B 14 -20.80 -14.78 6.82
CA ALA B 14 -21.38 -15.96 7.43
C ALA B 14 -22.80 -16.24 6.94
N SER B 15 -23.48 -15.24 6.39
CA SER B 15 -24.82 -15.45 5.86
C SER B 15 -24.80 -16.18 4.53
N VAL B 16 -23.64 -16.28 3.89
CA VAL B 16 -23.49 -17.06 2.65
C VAL B 16 -22.94 -18.44 2.94
N CYS B 17 -21.84 -18.52 3.69
CA CYS B 17 -21.26 -19.80 4.06
C CYS B 17 -20.38 -19.57 5.28
N ARG B 18 -20.10 -20.65 6.00
CA ARG B 18 -19.34 -20.57 7.24
C ARG B 18 -18.36 -21.73 7.29
N THR B 19 -17.09 -21.43 7.60
CA THR B 19 -16.11 -22.48 7.79
C THR B 19 -16.35 -23.19 9.12
N LYS B 20 -16.45 -24.51 9.08
CA LYS B 20 -16.69 -25.27 10.31
C LYS B 20 -15.43 -25.89 10.89
N HIS B 21 -14.54 -26.41 10.04
CA HIS B 21 -13.32 -27.05 10.53
C HIS B 21 -12.16 -26.72 9.60
N LEU B 22 -10.95 -26.76 10.16
CA LEU B 22 -9.72 -26.55 9.40
C LEU B 22 -8.74 -27.65 9.75
N HIS B 23 -8.29 -28.39 8.74
CA HIS B 23 -7.24 -29.39 8.89
C HIS B 23 -5.98 -28.83 8.26
N LEU B 24 -4.99 -28.50 9.08
CA LEU B 24 -3.78 -27.84 8.63
C LEU B 24 -2.63 -28.83 8.63
N ARG B 25 -2.02 -29.01 7.47
CA ARG B 25 -0.81 -29.83 7.31
C ARG B 25 0.23 -28.93 6.69
N CYS B 26 1.23 -28.54 7.47
CA CYS B 26 2.21 -27.57 7.02
C CYS B 26 3.58 -27.94 7.56
N SER B 27 4.60 -27.25 7.05
CA SER B 27 5.97 -27.43 7.47
C SER B 27 6.58 -26.06 7.74
N VAL B 28 7.28 -25.92 8.86
CA VAL B 28 7.93 -24.66 9.23
C VAL B 28 9.32 -24.72 8.61
N ASP B 29 9.55 -23.87 7.60
CA ASP B 29 10.80 -23.88 6.86
C ASP B 29 11.61 -22.66 7.28
N PHE B 30 12.59 -22.90 8.15
CA PHE B 30 13.46 -21.82 8.59
C PHE B 30 14.45 -21.43 7.51
N THR B 31 14.66 -22.30 6.54
CA THR B 31 15.56 -21.96 5.44
C THR B 31 14.96 -20.84 4.60
N ARG B 32 13.69 -20.99 4.22
CA ARG B 32 13.00 -20.01 3.43
C ARG B 32 12.20 -19.03 4.28
N ARG B 33 12.05 -19.29 5.58
CA ARG B 33 11.24 -18.44 6.45
C ARG B 33 9.80 -18.37 5.97
N THR B 34 9.20 -19.54 5.73
CA THR B 34 7.84 -19.60 5.24
C THR B 34 7.16 -20.81 5.87
N LEU B 35 5.84 -20.81 5.79
CA LEU B 35 5.02 -21.94 6.20
C LEU B 35 4.44 -22.57 4.95
N THR B 36 4.83 -23.81 4.66
CA THR B 36 4.39 -24.55 3.50
C THR B 36 3.48 -25.70 3.92
N GLY B 37 2.37 -25.87 3.20
CA GLY B 37 1.48 -26.97 3.49
C GLY B 37 0.15 -26.79 2.78
N THR B 38 -0.88 -27.45 3.31
CA THR B 38 -2.22 -27.40 2.77
C THR B 38 -3.20 -27.06 3.87
N ALA B 39 -4.22 -26.28 3.52
CA ALA B 39 -5.28 -25.87 4.44
C ALA B 39 -6.59 -26.45 3.93
N ALA B 40 -7.06 -27.51 4.58
CA ALA B 40 -8.34 -28.14 4.24
C ALA B 40 -9.43 -27.45 5.05
N LEU B 41 -10.26 -26.67 4.39
CA LEU B 41 -11.32 -25.94 5.05
C LEU B 41 -12.65 -26.63 4.76
N THR B 42 -13.31 -27.12 5.82
CA THR B 42 -14.66 -27.63 5.71
C THR B 42 -15.64 -26.45 5.77
N VAL B 43 -16.27 -26.15 4.64
CA VAL B 43 -17.19 -25.03 4.52
C VAL B 43 -18.61 -25.56 4.35
N GLN B 44 -19.55 -25.00 5.09
CA GLN B 44 -20.96 -25.36 5.00
C GLN B 44 -21.73 -24.21 4.38
N SER B 45 -22.55 -24.50 3.38
CA SER B 45 -23.30 -23.46 2.71
C SER B 45 -24.48 -23.02 3.57
N GLN B 46 -24.77 -21.71 3.53
CA GLN B 46 -25.90 -21.15 4.25
C GLN B 46 -26.99 -20.67 3.29
N GLU B 47 -26.96 -21.13 2.05
CA GLU B 47 -27.95 -20.73 1.06
C GLU B 47 -28.05 -21.83 0.00
N ASP B 48 -29.06 -21.69 -0.86
CA ASP B 48 -29.29 -22.64 -1.93
C ASP B 48 -28.54 -22.19 -3.18
N ASN B 49 -28.00 -23.17 -3.91
CA ASN B 49 -27.31 -22.91 -5.18
C ASN B 49 -26.09 -22.02 -4.97
N LEU B 50 -25.20 -22.49 -4.08
CA LEU B 50 -23.93 -21.81 -3.84
C LEU B 50 -22.89 -22.36 -4.80
N ARG B 51 -22.40 -21.51 -5.70
CA ARG B 51 -21.52 -21.93 -6.78
C ARG B 51 -20.10 -21.39 -6.63
N SER B 52 -19.82 -20.55 -5.63
CA SER B 52 -18.49 -20.03 -5.42
C SER B 52 -18.44 -19.34 -4.06
N LEU B 53 -17.23 -19.17 -3.55
CA LEU B 53 -17.01 -18.47 -2.29
C LEU B 53 -15.67 -17.74 -2.36
N VAL B 54 -15.53 -16.73 -1.51
CA VAL B 54 -14.33 -15.90 -1.46
C VAL B 54 -13.68 -16.06 -0.09
N LEU B 55 -12.35 -16.06 -0.07
CA LEU B 55 -11.59 -16.19 1.17
C LEU B 55 -10.60 -15.04 1.29
N ASP B 56 -10.21 -14.75 2.53
CA ASP B 56 -9.20 -13.74 2.81
C ASP B 56 -7.81 -14.32 2.60
N THR B 57 -6.92 -13.52 2.00
CA THR B 57 -5.52 -13.89 1.91
C THR B 57 -4.69 -12.61 1.97
N LYS B 58 -3.44 -12.75 2.39
CA LYS B 58 -2.53 -11.60 2.47
C LYS B 58 -1.11 -12.08 2.22
N ASP B 59 -0.56 -11.75 1.06
CA ASP B 59 0.81 -12.12 0.69
C ASP B 59 1.01 -13.63 0.75
N LEU B 60 0.03 -14.37 0.24
CA LEU B 60 0.09 -15.82 0.17
C LEU B 60 0.38 -16.28 -1.26
N THR B 61 1.09 -17.40 -1.37
CA THR B 61 1.33 -18.05 -2.64
C THR B 61 0.44 -19.30 -2.72
N ILE B 62 -0.42 -19.34 -3.72
CA ILE B 62 -1.39 -20.43 -3.89
C ILE B 62 -0.90 -21.32 -5.02
N GLU B 63 -0.52 -22.56 -4.68
CA GLU B 63 -0.11 -23.53 -5.69
C GLU B 63 -1.31 -24.12 -6.41
N LYS B 64 -2.27 -24.66 -5.65
CA LYS B 64 -3.45 -25.29 -6.23
C LYS B 64 -4.59 -25.29 -5.21
N VAL B 65 -5.79 -25.59 -5.69
CA VAL B 65 -6.99 -25.75 -4.86
C VAL B 65 -7.71 -27.00 -5.32
N VAL B 66 -7.82 -27.98 -4.43
CA VAL B 66 -8.38 -29.30 -4.76
C VAL B 66 -9.69 -29.50 -4.01
N ILE B 67 -10.68 -30.03 -4.72
CA ILE B 67 -11.98 -30.38 -4.14
C ILE B 67 -12.39 -31.73 -4.71
N ASN B 68 -12.66 -32.70 -3.82
CA ASN B 68 -13.06 -34.04 -4.23
C ASN B 68 -11.98 -34.70 -5.11
N GLY B 69 -10.72 -34.45 -4.79
CA GLY B 69 -9.62 -35.02 -5.53
C GLY B 69 -9.36 -34.40 -6.89
N GLN B 70 -9.96 -33.25 -7.20
CA GLN B 70 -9.77 -32.58 -8.47
C GLN B 70 -9.45 -31.11 -8.24
N GLU B 71 -8.55 -30.58 -9.05
CA GLU B 71 -8.26 -29.15 -9.00
C GLU B 71 -9.42 -28.36 -9.58
N VAL B 72 -9.71 -27.22 -8.95
CA VAL B 72 -10.80 -26.34 -9.37
C VAL B 72 -10.23 -24.97 -9.70
N LYS B 73 -11.02 -24.18 -10.40
CA LYS B 73 -10.59 -22.84 -10.78
C LYS B 73 -10.70 -21.90 -9.58
N TYR B 74 -9.68 -21.05 -9.43
CA TYR B 74 -9.69 -20.02 -8.40
C TYR B 74 -9.05 -18.77 -8.98
N ALA B 75 -9.31 -17.64 -8.33
CA ALA B 75 -8.80 -16.38 -8.82
C ALA B 75 -8.52 -15.47 -7.62
N LEU B 76 -7.37 -14.81 -7.65
CA LEU B 76 -7.01 -13.83 -6.65
C LEU B 76 -7.30 -12.43 -7.21
N GLY B 77 -8.12 -11.67 -6.50
CA GLY B 77 -8.35 -10.29 -6.87
C GLY B 77 -7.14 -9.41 -6.60
N GLU B 78 -7.25 -8.14 -6.99
CA GLU B 78 -6.14 -7.22 -6.76
C GLU B 78 -6.08 -6.82 -5.28
N ARG B 79 -4.85 -6.62 -4.80
CA ARG B 79 -4.64 -6.36 -3.38
C ARG B 79 -5.37 -5.09 -2.92
N GLN B 80 -5.90 -5.14 -1.69
CA GLN B 80 -6.51 -3.98 -1.09
C GLN B 80 -5.78 -3.57 0.18
N SER B 81 -4.50 -3.20 0.04
CA SER B 81 -3.66 -2.66 1.12
C SER B 81 -3.73 -3.64 2.30
N TYR B 82 -4.01 -3.18 3.52
CA TYR B 82 -3.91 -4.03 4.70
C TYR B 82 -4.91 -5.19 4.67
N LYS B 83 -6.00 -5.07 3.92
CA LYS B 83 -6.98 -6.15 3.87
C LYS B 83 -6.48 -7.37 3.11
N GLY B 84 -5.44 -7.24 2.29
CA GLY B 84 -4.96 -8.36 1.51
C GLY B 84 -5.60 -8.49 0.14
N SER B 85 -5.66 -9.72 -0.38
CA SER B 85 -6.21 -10.00 -1.69
C SER B 85 -7.32 -11.04 -1.58
N PRO B 86 -8.51 -10.78 -2.11
CA PRO B 86 -9.57 -11.79 -2.05
C PRO B 86 -9.27 -12.95 -2.98
N MET B 87 -9.70 -14.14 -2.57
CA MET B 87 -9.50 -15.37 -3.32
C MET B 87 -10.86 -16.00 -3.58
N GLU B 88 -11.31 -15.95 -4.83
CA GLU B 88 -12.58 -16.56 -5.22
C GLU B 88 -12.33 -17.96 -5.76
N ILE B 89 -13.13 -18.93 -5.29
CA ILE B 89 -13.00 -20.33 -5.67
C ILE B 89 -14.29 -20.79 -6.32
N SER B 90 -14.16 -21.54 -7.42
CA SER B 90 -15.30 -22.07 -8.17
C SER B 90 -15.54 -23.51 -7.74
N LEU B 91 -16.66 -23.76 -7.07
CA LEU B 91 -16.95 -25.09 -6.56
C LEU B 91 -17.31 -26.03 -7.71
N PRO B 92 -16.86 -27.28 -7.66
CA PRO B 92 -17.20 -28.23 -8.73
C PRO B 92 -18.66 -28.63 -8.74
N ILE B 93 -19.39 -28.39 -7.66
CA ILE B 93 -20.81 -28.71 -7.58
C ILE B 93 -21.54 -27.55 -6.94
N ALA B 94 -22.84 -27.44 -7.24
CA ALA B 94 -23.68 -26.46 -6.57
C ALA B 94 -24.17 -27.03 -5.25
N LEU B 95 -24.08 -26.22 -4.19
CA LEU B 95 -24.43 -26.66 -2.84
C LEU B 95 -25.81 -26.16 -2.44
N SER B 96 -26.59 -27.04 -1.82
CA SER B 96 -27.84 -26.63 -1.18
C SER B 96 -27.52 -26.02 0.19
N LYS B 97 -28.55 -25.52 0.86
CA LYS B 97 -28.35 -25.00 2.21
C LYS B 97 -28.01 -26.13 3.18
N ASN B 98 -27.00 -25.88 4.02
CA ASN B 98 -26.51 -26.79 5.04
C ASN B 98 -25.60 -27.88 4.47
N GLN B 99 -25.38 -27.92 3.16
CA GLN B 99 -24.44 -28.87 2.59
C GLN B 99 -23.01 -28.37 2.79
N GLU B 100 -22.07 -29.31 2.83
CA GLU B 100 -20.69 -29.01 3.14
C GLU B 100 -19.77 -29.55 2.05
N ILE B 101 -18.60 -28.93 1.94
CA ILE B 101 -17.56 -29.36 1.01
C ILE B 101 -16.21 -29.05 1.63
N VAL B 102 -15.23 -29.91 1.35
CA VAL B 102 -13.88 -29.74 1.89
C VAL B 102 -12.99 -29.19 0.78
N ILE B 103 -12.35 -28.06 1.06
CA ILE B 103 -11.54 -27.34 0.09
C ILE B 103 -10.10 -27.39 0.60
N GLU B 104 -9.26 -28.18 -0.07
CA GLU B 104 -7.85 -28.27 0.29
CA GLU B 104 -7.85 -28.29 0.28
C GLU B 104 -7.08 -27.26 -0.55
N ILE B 105 -6.51 -26.26 0.12
CA ILE B 105 -5.76 -25.19 -0.53
C ILE B 105 -4.28 -25.36 -0.20
N SER B 106 -3.47 -25.60 -1.21
CA SER B 106 -2.01 -25.66 -1.05
C SER B 106 -1.47 -24.24 -1.10
N PHE B 107 -0.75 -23.84 -0.06
CA PHE B 107 -0.34 -22.45 0.08
C PHE B 107 1.10 -22.38 0.60
N GLU B 108 1.65 -21.18 0.55
CA GLU B 108 2.96 -20.89 1.12
CA GLU B 108 2.96 -20.89 1.12
C GLU B 108 3.02 -19.43 1.54
N THR B 109 3.41 -19.19 2.79
CA THR B 109 3.44 -17.84 3.30
C THR B 109 4.68 -17.11 2.77
N SER B 110 4.63 -15.78 2.85
CA SER B 110 5.74 -14.89 2.49
C SER B 110 6.58 -14.59 3.72
N PRO B 111 7.90 -14.54 3.58
CA PRO B 111 8.75 -14.20 4.74
C PRO B 111 8.38 -12.88 5.40
N LYS B 112 7.71 -11.99 4.65
CA LYS B 112 7.31 -10.68 5.18
C LYS B 112 5.84 -10.78 5.72
N SER B 113 5.34 -11.98 6.02
CA SER B 113 3.99 -12.14 6.52
C SER B 113 3.76 -11.26 7.74
N SER B 114 2.63 -10.55 7.76
CA SER B 114 2.30 -9.66 8.87
CA SER B 114 2.30 -9.66 8.86
C SER B 114 1.89 -10.40 10.12
N ALA B 115 1.64 -11.70 10.03
CA ALA B 115 1.25 -12.48 11.20
C ALA B 115 2.43 -13.15 11.90
N LEU B 116 3.60 -13.17 11.27
CA LEU B 116 4.73 -13.96 11.74
C LEU B 116 5.95 -13.07 12.01
N GLN B 117 6.76 -13.50 12.96
CA GLN B 117 8.10 -12.92 13.15
C GLN B 117 9.10 -14.07 13.23
N TRP B 118 10.06 -14.07 12.32
CA TRP B 118 11.13 -15.06 12.31
C TRP B 118 12.37 -14.46 12.97
N LEU B 119 12.91 -15.16 13.96
CA LEU B 119 14.10 -14.72 14.68
C LEU B 119 15.29 -15.59 14.32
N THR B 120 16.45 -14.98 14.19
CA THR B 120 17.67 -15.73 13.96
C THR B 120 18.24 -16.20 15.30
N PRO B 121 19.13 -17.18 15.28
CA PRO B 121 19.74 -17.64 16.55
C PRO B 121 20.29 -16.50 17.39
N GLU B 122 20.93 -15.50 16.77
CA GLU B 122 21.41 -14.36 17.55
CA GLU B 122 21.41 -14.34 17.52
C GLU B 122 20.28 -13.50 18.08
N GLN B 123 19.05 -13.67 17.59
CA GLN B 123 17.91 -12.91 18.08
C GLN B 123 17.18 -13.60 19.22
N THR B 124 17.59 -14.81 19.58
CA THR B 124 16.95 -15.56 20.65
C THR B 124 17.81 -15.50 21.92
N SER B 125 17.36 -16.22 22.95
CA SER B 125 18.15 -16.27 24.18
C SER B 125 19.26 -17.30 24.08
N GLY B 126 18.96 -18.50 23.57
CA GLY B 126 19.95 -19.55 23.49
C GLY B 126 21.06 -19.26 22.50
N LYS B 127 20.76 -18.50 21.45
CA LYS B 127 21.73 -18.11 20.43
C LYS B 127 22.13 -19.28 19.54
N GLU B 128 21.41 -20.39 19.60
CA GLU B 128 21.77 -21.57 18.83
C GLU B 128 20.64 -22.09 17.95
N HIS B 129 19.41 -21.61 18.12
CA HIS B 129 18.29 -22.11 17.33
C HIS B 129 17.43 -20.94 16.89
N PRO B 130 16.80 -21.03 15.71
CA PRO B 130 15.88 -19.97 15.28
C PRO B 130 14.56 -20.03 16.05
N TYR B 131 13.66 -19.09 15.77
CA TYR B 131 12.42 -18.98 16.53
C TYR B 131 11.34 -18.39 15.64
N LEU B 132 10.11 -18.88 15.80
CA LEU B 132 8.96 -18.40 15.05
C LEU B 132 7.75 -18.33 15.96
N PHE B 133 7.00 -17.22 15.85
CA PHE B 133 5.74 -17.10 16.57
C PHE B 133 4.76 -16.26 15.77
N SER B 134 3.47 -16.51 15.96
CA SER B 134 2.42 -15.86 15.19
C SER B 134 1.53 -14.99 16.07
N GLN B 135 1.00 -13.94 15.46
CA GLN B 135 0.01 -13.08 16.11
C GLN B 135 -1.07 -12.73 15.09
N CYS B 136 -2.20 -13.45 15.16
CA CYS B 136 -3.23 -13.31 14.16
C CYS B 136 -4.21 -12.17 14.44
N GLN B 137 -4.52 -11.91 15.70
CA GLN B 137 -5.40 -10.80 16.02
C GLN B 137 -4.76 -9.50 15.55
N ALA B 138 -5.55 -8.68 14.86
CA ALA B 138 -6.97 -8.94 14.64
C ALA B 138 -7.24 -9.64 13.32
N ILE B 139 -6.62 -9.16 12.24
CA ILE B 139 -6.90 -9.67 10.90
C ILE B 139 -5.61 -10.11 10.22
N HIS B 140 -4.76 -10.83 10.94
CA HIS B 140 -3.50 -11.32 10.38
C HIS B 140 -3.53 -12.81 10.04
N CYS B 141 -4.55 -13.54 10.46
CA CYS B 141 -4.63 -14.95 10.12
C CYS B 141 -4.67 -15.15 8.60
N ARG B 142 -5.23 -14.19 7.86
CA ARG B 142 -5.20 -14.27 6.41
C ARG B 142 -3.79 -14.25 5.87
N ALA B 143 -2.84 -13.76 6.67
CA ALA B 143 -1.44 -13.73 6.27
C ALA B 143 -0.74 -15.05 6.55
N ILE B 144 -1.44 -16.04 7.12
CA ILE B 144 -0.89 -17.36 7.36
C ILE B 144 -1.51 -18.38 6.42
N LEU B 145 -2.83 -18.37 6.28
CA LEU B 145 -3.51 -19.34 5.43
C LEU B 145 -4.82 -18.74 4.96
N PRO B 146 -5.30 -19.15 3.79
CA PRO B 146 -6.59 -18.64 3.31
C PRO B 146 -7.72 -19.07 4.24
N CYS B 147 -8.67 -18.16 4.45
CA CYS B 147 -9.72 -18.40 5.43
C CYS B 147 -10.71 -17.24 5.37
N GLN B 148 -11.84 -17.42 6.03
CA GLN B 148 -12.78 -16.34 6.30
C GLN B 148 -12.19 -15.63 7.51
N ASP B 149 -11.40 -14.58 7.26
CA ASP B 149 -10.70 -13.90 8.33
C ASP B 149 -11.69 -12.96 9.01
N THR B 150 -12.64 -13.51 9.78
CA THR B 150 -13.65 -12.71 10.43
C THR B 150 -14.08 -13.36 11.73
N PRO B 151 -14.18 -12.61 12.82
CA PRO B 151 -14.59 -13.21 14.10
C PRO B 151 -16.02 -13.66 14.12
N SER B 152 -16.79 -13.48 13.04
CA SER B 152 -18.17 -13.91 13.00
C SER B 152 -18.32 -15.39 12.68
N VAL B 153 -17.24 -16.07 12.30
CA VAL B 153 -17.24 -17.49 12.01
C VAL B 153 -16.33 -18.16 13.04
N LYS B 154 -16.79 -19.27 13.60
CA LYS B 154 -16.01 -20.04 14.57
C LYS B 154 -15.81 -21.45 14.04
N LEU B 155 -14.59 -21.95 14.16
CA LEU B 155 -14.24 -23.25 13.63
C LEU B 155 -13.29 -23.95 14.59
N THR B 156 -13.37 -25.26 14.61
CA THR B 156 -12.35 -26.09 15.25
C THR B 156 -11.26 -26.39 14.23
N TYR B 157 -10.12 -26.87 14.72
CA TYR B 157 -9.04 -27.16 13.80
C TYR B 157 -8.16 -28.27 14.35
N THR B 158 -7.62 -29.05 13.44
CA THR B 158 -6.58 -30.02 13.72
C THR B 158 -5.38 -29.69 12.84
N ALA B 159 -4.17 -29.88 13.38
CA ALA B 159 -2.97 -29.46 12.68
C ALA B 159 -1.85 -30.47 12.89
N GLU B 160 -1.07 -30.68 11.82
CA GLU B 160 0.15 -31.48 11.87
C GLU B 160 1.26 -30.62 11.31
N VAL B 161 2.17 -30.18 12.18
CA VAL B 161 3.20 -29.23 11.83
C VAL B 161 4.54 -29.94 11.86
N SER B 162 5.31 -29.80 10.78
CA SER B 162 6.62 -30.40 10.65
C SER B 162 7.67 -29.33 10.95
N VAL B 163 8.60 -29.64 11.83
CA VAL B 163 9.65 -28.69 12.23
C VAL B 163 10.95 -29.43 12.43
N PRO B 164 12.07 -28.71 12.42
CA PRO B 164 13.35 -29.35 12.74
C PRO B 164 13.25 -30.14 14.04
N LYS B 165 13.75 -31.38 14.01
CA LYS B 165 13.56 -32.27 15.15
C LYS B 165 14.07 -31.68 16.45
N GLU B 166 15.10 -30.85 16.40
CA GLU B 166 15.67 -30.28 17.61
C GLU B 166 14.81 -29.20 18.22
N LEU B 167 13.67 -28.85 17.60
CA LEU B 167 12.82 -27.77 18.05
C LEU B 167 11.45 -28.31 18.46
N VAL B 168 10.66 -27.43 19.10
CA VAL B 168 9.35 -27.78 19.62
C VAL B 168 8.31 -26.83 19.06
N ALA B 169 7.15 -27.35 18.69
CA ALA B 169 6.05 -26.57 18.15
C ALA B 169 4.85 -26.64 19.08
N LEU B 170 4.23 -25.49 19.32
CA LEU B 170 3.04 -25.40 20.15
C LEU B 170 1.99 -24.58 19.40
N MET B 171 0.73 -24.95 19.55
CA MET B 171 -0.38 -24.24 18.94
C MET B 171 -1.45 -23.95 19.98
N SER B 172 -2.42 -23.13 19.60
CA SER B 172 -3.55 -22.81 20.47
C SER B 172 -4.57 -23.96 20.42
N ALA B 173 -4.11 -25.12 20.86
CA ALA B 173 -4.92 -26.34 20.82
C ALA B 173 -4.31 -27.34 21.79
N ILE B 174 -4.97 -28.47 21.93
CA ILE B 174 -4.49 -29.54 22.82
C ILE B 174 -3.42 -30.36 22.09
N ARG B 175 -2.29 -30.56 22.76
CA ARG B 175 -1.23 -31.38 22.19
C ARG B 175 -1.73 -32.81 21.97
N ASP B 176 -1.50 -33.33 20.76
CA ASP B 176 -1.98 -34.65 20.37
C ASP B 176 -0.86 -35.57 19.90
N GLY B 177 0.33 -35.44 20.47
CA GLY B 177 1.39 -36.38 20.19
C GLY B 177 2.38 -35.86 19.15
N GLU B 178 3.53 -36.51 19.11
CA GLU B 178 4.59 -36.18 18.17
C GLU B 178 5.13 -37.47 17.57
N THR B 179 5.58 -37.39 16.32
CA THR B 179 6.17 -38.53 15.63
C THR B 179 7.26 -38.01 14.69
N PRO B 180 8.25 -38.83 14.39
CA PRO B 180 9.26 -38.42 13.40
C PRO B 180 8.63 -38.18 12.04
N ASP B 181 9.11 -37.13 11.36
CA ASP B 181 8.62 -36.81 10.03
C ASP B 181 8.93 -37.99 9.11
N PRO B 182 7.91 -38.68 8.60
CA PRO B 182 8.19 -39.84 7.74
C PRO B 182 8.91 -39.49 6.45
N GLU B 183 8.71 -38.27 5.94
CA GLU B 183 9.34 -37.83 4.70
C GLU B 183 10.75 -37.30 4.94
N ASP B 184 11.09 -36.93 6.17
CA ASP B 184 12.39 -36.32 6.43
C ASP B 184 12.92 -36.68 7.80
N PRO B 185 14.06 -37.38 7.88
CA PRO B 185 14.58 -37.80 9.20
C PRO B 185 15.08 -36.65 10.06
N SER B 186 15.23 -35.46 9.50
CA SER B 186 15.74 -34.32 10.25
C SER B 186 14.62 -33.48 10.88
N ARG B 187 13.38 -33.92 10.80
CA ARG B 187 12.24 -33.13 11.27
C ARG B 187 11.31 -34.00 12.11
N LYS B 188 10.54 -33.31 12.96
CA LYS B 188 9.47 -33.90 13.74
C LYS B 188 8.13 -33.39 13.25
N ILE B 189 7.07 -34.11 13.62
CA ILE B 189 5.70 -33.69 13.32
C ILE B 189 4.93 -33.65 14.63
N TYR B 190 4.50 -32.46 15.02
CA TYR B 190 3.67 -32.27 16.22
C TYR B 190 2.21 -32.16 15.79
N LYS B 191 1.33 -32.88 16.48
CA LYS B 191 -0.09 -32.94 16.15
C LYS B 191 -0.88 -32.16 17.20
N PHE B 192 -1.91 -31.45 16.75
CA PHE B 192 -2.71 -30.61 17.63
C PHE B 192 -4.18 -30.75 17.28
N ILE B 193 -5.04 -30.52 18.27
CA ILE B 193 -6.49 -30.58 18.06
C ILE B 193 -7.15 -29.56 18.97
N GLN B 194 -8.08 -28.78 18.41
CA GLN B 194 -8.85 -27.78 19.14
C GLN B 194 -10.32 -28.12 18.93
N LYS B 195 -10.91 -28.83 19.91
CA LYS B 195 -12.27 -29.30 19.80
C LYS B 195 -13.32 -28.24 20.12
N VAL B 196 -12.91 -27.10 20.65
CA VAL B 196 -13.82 -25.99 20.94
C VAL B 196 -13.81 -25.01 19.77
N PRO B 197 -14.96 -24.69 19.18
CA PRO B 197 -14.96 -23.77 18.04
C PRO B 197 -14.47 -22.40 18.46
N ILE B 198 -13.59 -21.83 17.64
CA ILE B 198 -12.97 -20.54 17.92
C ILE B 198 -12.97 -19.70 16.66
N PRO B 199 -12.93 -18.37 16.80
CA PRO B 199 -12.63 -17.52 15.65
C PRO B 199 -11.19 -17.73 15.22
N CYS B 200 -10.95 -17.60 13.91
CA CYS B 200 -9.64 -17.92 13.35
C CYS B 200 -8.54 -17.03 13.92
N TYR B 201 -8.87 -15.83 14.39
CA TYR B 201 -7.83 -14.97 14.93
C TYR B 201 -7.18 -15.56 16.18
N LEU B 202 -7.76 -16.60 16.77
CA LEU B 202 -7.18 -17.30 17.91
C LEU B 202 -6.28 -18.45 17.50
N ILE B 203 -6.03 -18.61 16.19
CA ILE B 203 -5.07 -19.58 15.71
C ILE B 203 -3.67 -19.07 16.00
N ALA B 204 -2.86 -19.89 16.69
CA ALA B 204 -1.53 -19.50 17.10
C ALA B 204 -0.57 -20.65 16.85
N LEU B 205 0.67 -20.28 16.54
CA LEU B 205 1.74 -21.24 16.30
C LEU B 205 3.05 -20.65 16.80
N VAL B 206 3.86 -21.51 17.43
CA VAL B 206 5.18 -21.14 17.91
C VAL B 206 6.10 -22.33 17.77
N VAL B 207 7.34 -22.08 17.36
CA VAL B 207 8.34 -23.13 17.17
C VAL B 207 9.69 -22.59 17.60
N GLY B 208 10.42 -23.37 18.39
CA GLY B 208 11.73 -22.96 18.87
C GLY B 208 12.24 -23.91 19.92
N ALA B 209 13.40 -23.55 20.50
CA ALA B 209 14.03 -24.35 21.55
C ALA B 209 13.30 -24.06 22.86
N LEU B 210 12.17 -24.74 23.03
CA LEU B 210 11.24 -24.49 24.11
C LEU B 210 11.33 -25.57 25.18
N GLU B 211 11.37 -25.15 26.43
CA GLU B 211 11.26 -26.06 27.55
C GLU B 211 10.05 -25.67 28.37
N SER B 212 9.58 -26.59 29.20
CA SER B 212 8.33 -26.39 29.93
C SER B 212 8.53 -26.65 31.40
N ARG B 213 7.68 -26.03 32.21
CA ARG B 213 7.70 -26.15 33.66
C ARG B 213 6.24 -26.14 34.16
N GLN B 214 5.78 -27.20 34.82
CA GLN B 214 4.42 -27.27 35.30
CA GLN B 214 4.42 -27.27 35.30
C GLN B 214 4.27 -26.48 36.59
N ILE B 215 3.34 -25.51 36.59
CA ILE B 215 3.07 -24.66 37.74
C ILE B 215 1.66 -24.90 38.28
N GLY B 216 0.94 -25.87 37.74
CA GLY B 216 -0.39 -26.18 38.20
C GLY B 216 -0.91 -27.48 37.63
N PRO B 217 -2.06 -27.94 38.12
CA PRO B 217 -2.61 -29.20 37.60
C PRO B 217 -2.96 -29.13 36.11
N ARG B 218 -3.03 -27.95 35.52
CA ARG B 218 -3.43 -27.84 34.12
C ARG B 218 -2.72 -26.68 33.41
N THR B 219 -1.50 -26.34 33.85
CA THR B 219 -0.81 -25.17 33.33
C THR B 219 0.69 -25.47 33.24
N LEU B 220 1.22 -25.34 32.04
CA LEU B 220 2.65 -25.45 31.77
CA LEU B 220 2.65 -25.45 31.77
C LEU B 220 3.18 -24.13 31.27
N VAL B 221 4.34 -23.71 31.76
CA VAL B 221 5.00 -22.49 31.31
C VAL B 221 6.07 -22.88 30.30
N TRP B 222 5.98 -22.32 29.10
CA TRP B 222 6.93 -22.60 28.03
C TRP B 222 7.75 -21.36 27.74
N SER B 223 9.04 -21.54 27.54
CA SER B 223 9.94 -20.49 27.06
C SER B 223 11.30 -21.11 26.82
N GLU B 224 12.27 -20.27 26.47
CA GLU B 224 13.64 -20.76 26.31
C GLU B 224 14.25 -21.08 27.66
N LYS B 225 15.28 -21.93 27.63
CA LYS B 225 15.92 -22.38 28.86
C LYS B 225 16.31 -21.21 29.76
N GLU B 226 16.57 -20.03 29.19
CA GLU B 226 17.03 -18.90 29.98
C GLU B 226 15.92 -18.26 30.81
N GLN B 227 14.65 -18.52 30.49
CA GLN B 227 13.54 -17.86 31.20
C GLN B 227 12.49 -18.80 31.75
N VAL B 228 12.60 -20.11 31.52
CA VAL B 228 11.53 -21.03 31.96
C VAL B 228 11.35 -20.95 33.47
N GLU B 229 12.42 -21.15 34.23
CA GLU B 229 12.28 -21.12 35.68
C GLU B 229 11.89 -19.74 36.17
N LYS B 230 12.52 -18.70 35.62
CA LYS B 230 12.16 -17.33 35.98
C LYS B 230 10.67 -17.08 35.79
N SER B 231 10.10 -17.63 34.72
CA SER B 231 8.69 -17.43 34.40
C SER B 231 7.78 -18.25 35.31
N ALA B 232 8.21 -19.48 35.64
CA ALA B 232 7.38 -20.34 36.49
C ALA B 232 7.09 -19.66 37.82
N TYR B 233 8.09 -18.99 38.41
CA TYR B 233 7.85 -18.29 39.66
C TYR B 233 6.93 -17.09 39.45
N GLU B 234 7.17 -16.32 38.39
CA GLU B 234 6.41 -15.08 38.18
C GLU B 234 4.91 -15.33 38.09
N PHE B 235 4.49 -16.47 37.53
CA PHE B 235 3.08 -16.74 37.26
C PHE B 235 2.52 -17.88 38.12
N SER B 236 3.01 -18.03 39.36
CA SER B 236 2.58 -19.15 40.19
C SER B 236 1.11 -19.07 40.57
N GLU B 237 0.51 -17.88 40.53
CA GLU B 237 -0.90 -17.70 40.89
C GLU B 237 -1.86 -18.18 39.81
N THR B 238 -1.36 -18.76 38.72
CA THR B 238 -2.22 -19.04 37.58
C THR B 238 -3.41 -19.92 37.98
N GLU B 239 -3.14 -21.05 38.66
CA GLU B 239 -4.24 -21.96 39.00
C GLU B 239 -5.28 -21.29 39.89
N SER B 240 -4.82 -20.52 40.88
CA SER B 240 -5.76 -19.84 41.76
CA SER B 240 -5.76 -19.84 41.76
C SER B 240 -6.67 -18.89 40.97
N MET B 241 -6.09 -18.12 40.05
CA MET B 241 -6.89 -17.20 39.25
C MET B 241 -7.88 -17.93 38.35
N LEU B 242 -7.49 -19.11 37.85
CA LEU B 242 -8.42 -19.92 37.05
C LEU B 242 -9.61 -20.36 37.89
N LYS B 243 -9.37 -20.78 39.14
CA LYS B 243 -10.49 -21.15 40.00
C LYS B 243 -11.40 -19.96 40.25
N ILE B 244 -10.81 -18.79 40.54
CA ILE B 244 -11.61 -17.59 40.72
C ILE B 244 -12.40 -17.26 39.46
N ALA B 245 -11.76 -17.35 38.30
CA ALA B 245 -12.46 -17.06 37.05
C ALA B 245 -13.59 -18.06 36.82
N GLU B 246 -13.37 -19.33 37.17
CA GLU B 246 -14.42 -20.33 37.01
C GLU B 246 -15.62 -20.00 37.87
N ASP B 247 -15.38 -19.45 39.08
CA ASP B 247 -16.48 -19.10 39.97
C ASP B 247 -17.28 -17.92 39.42
N LEU B 248 -16.65 -17.06 38.63
CA LEU B 248 -17.30 -15.86 38.11
C LEU B 248 -17.98 -16.10 36.77
N GLY B 249 -17.33 -16.82 35.86
CA GLY B 249 -17.88 -16.98 34.53
C GLY B 249 -18.35 -18.38 34.20
N GLY B 250 -18.16 -19.31 35.13
CA GLY B 250 -18.55 -20.69 34.89
C GLY B 250 -17.37 -21.58 34.53
N PRO B 251 -17.66 -22.81 34.13
CA PRO B 251 -16.58 -23.79 33.91
C PRO B 251 -15.60 -23.34 32.84
N TYR B 252 -14.34 -23.71 33.02
CA TYR B 252 -13.32 -23.51 32.00
C TYR B 252 -13.43 -24.64 30.99
N VAL B 253 -13.68 -24.31 29.72
CA VAL B 253 -14.08 -25.30 28.73
C VAL B 253 -12.94 -25.69 27.78
N TRP B 254 -11.71 -25.23 28.04
CA TRP B 254 -10.62 -25.44 27.11
C TRP B 254 -9.64 -26.52 27.55
N GLY B 255 -9.92 -27.21 28.65
CA GLY B 255 -9.04 -28.27 29.12
C GLY B 255 -7.73 -27.76 29.68
N GLN B 256 -6.75 -27.56 28.81
CA GLN B 256 -5.44 -27.07 29.21
C GLN B 256 -5.38 -25.56 29.17
N TYR B 257 -4.58 -25.00 30.08
CA TYR B 257 -4.24 -23.57 30.06
C TYR B 257 -2.73 -23.44 30.29
N ASP B 258 -1.97 -23.45 29.21
CA ASP B 258 -0.53 -23.24 29.30
C ASP B 258 -0.17 -21.77 29.08
N LEU B 259 1.01 -21.41 29.54
CA LEU B 259 1.56 -20.07 29.35
C LEU B 259 2.81 -20.15 28.52
N LEU B 260 3.03 -19.14 27.67
CA LEU B 260 4.21 -19.08 26.81
C LEU B 260 4.80 -17.68 26.88
N VAL B 261 6.03 -17.58 27.38
CA VAL B 261 6.75 -16.31 27.42
C VAL B 261 7.59 -16.20 26.16
N LEU B 262 7.26 -15.21 25.31
CA LEU B 262 7.88 -15.07 24.00
C LEU B 262 9.11 -14.17 24.10
N PRO B 263 9.85 -14.00 23.01
CA PRO B 263 11.00 -13.08 23.02
C PRO B 263 10.56 -11.65 23.23
N PRO B 264 11.49 -10.74 23.50
CA PRO B 264 11.09 -9.36 23.87
C PRO B 264 10.32 -8.64 22.78
N SER B 265 10.38 -9.11 21.53
CA SER B 265 9.74 -8.38 20.43
C SER B 265 8.24 -8.60 20.37
N PHE B 266 7.67 -9.38 21.28
CA PHE B 266 6.23 -9.61 21.28
C PHE B 266 5.51 -8.27 21.45
N PRO B 267 4.55 -7.94 20.56
CA PRO B 267 3.98 -6.58 20.57
C PRO B 267 3.08 -6.31 21.76
N TYR B 268 2.42 -7.32 22.32
CA TYR B 268 1.43 -7.11 23.35
C TYR B 268 1.92 -7.63 24.69
N GLY B 269 1.24 -7.21 25.76
CA GLY B 269 1.48 -7.81 27.05
C GLY B 269 1.03 -9.25 27.11
N GLY B 270 -0.02 -9.60 26.39
CA GLY B 270 -0.48 -10.96 26.34
C GLY B 270 -1.39 -11.17 25.15
N MET B 271 -1.58 -12.44 24.78
CA MET B 271 -2.52 -12.79 23.73
C MET B 271 -3.29 -14.02 24.17
N GLU B 272 -4.62 -13.88 24.27
CA GLU B 272 -5.48 -14.90 24.83
C GLU B 272 -5.68 -16.08 23.90
N ASN B 273 -4.62 -16.56 23.26
CA ASN B 273 -4.73 -17.73 22.41
C ASN B 273 -5.25 -18.91 23.23
N PRO B 274 -6.31 -19.60 22.78
CA PRO B 274 -6.88 -20.68 23.59
C PRO B 274 -5.88 -21.78 23.82
N CYS B 275 -5.80 -22.25 25.07
CA CYS B 275 -4.92 -23.30 25.56
C CYS B 275 -3.48 -22.82 25.73
N LEU B 276 -3.10 -21.65 25.19
CA LEU B 276 -1.70 -21.23 25.17
C LEU B 276 -1.61 -19.69 25.11
N THR B 277 -1.80 -19.07 26.27
CA THR B 277 -1.68 -17.62 26.35
C THR B 277 -0.24 -17.20 26.09
N PHE B 278 -0.04 -16.25 25.18
CA PHE B 278 1.26 -15.64 24.97
C PHE B 278 1.40 -14.43 25.88
N VAL B 279 2.57 -14.26 26.47
CA VAL B 279 2.83 -13.11 27.33
C VAL B 279 4.21 -12.54 27.00
N THR B 280 4.37 -11.26 27.23
CA THR B 280 5.64 -10.61 26.97
C THR B 280 6.62 -10.91 28.11
N PRO B 281 7.91 -11.08 27.79
CA PRO B 281 8.90 -11.27 28.86
C PRO B 281 9.05 -10.06 29.77
N THR B 282 8.47 -8.92 29.39
CA THR B 282 8.51 -7.75 30.26
C THR B 282 7.67 -7.93 31.52
N LEU B 283 6.93 -9.03 31.64
CA LEU B 283 6.18 -9.30 32.87
C LEU B 283 7.03 -9.88 33.98
N LEU B 284 8.28 -10.27 33.68
CA LEU B 284 9.17 -10.90 34.65
C LEU B 284 9.78 -9.82 35.55
N ALA B 285 8.92 -9.24 36.38
CA ALA B 285 9.33 -8.22 37.34
C ALA B 285 10.07 -8.79 38.54
N GLY B 286 9.95 -10.10 38.80
CA GLY B 286 10.61 -10.74 39.91
C GLY B 286 9.81 -10.83 41.19
N ASP B 287 8.56 -10.36 41.21
CA ASP B 287 7.78 -10.39 42.44
C ASP B 287 6.29 -10.67 42.19
N LYS B 288 5.91 -11.13 41.01
CA LYS B 288 4.52 -11.39 40.63
C LYS B 288 3.68 -10.11 40.51
N SER B 289 4.30 -8.93 40.58
CA SER B 289 3.53 -7.68 40.66
C SER B 289 2.77 -7.36 39.38
N LEU B 290 3.19 -7.92 38.25
CA LEU B 290 2.52 -7.68 36.98
C LEU B 290 1.60 -8.83 36.58
N SER B 291 1.28 -9.73 37.52
CA SER B 291 0.46 -10.89 37.21
C SER B 291 -0.98 -10.53 36.89
N ASN B 292 -1.34 -9.24 36.95
CA ASN B 292 -2.69 -8.86 36.55
C ASN B 292 -2.94 -9.15 35.07
N VAL B 293 -1.89 -9.14 34.25
CA VAL B 293 -2.05 -9.47 32.85
C VAL B 293 -2.46 -10.92 32.69
N ILE B 294 -1.94 -11.79 33.56
CA ILE B 294 -2.33 -13.20 33.54
C ILE B 294 -3.80 -13.35 33.87
N ALA B 295 -4.25 -12.65 34.92
CA ALA B 295 -5.69 -12.68 35.22
C ALA B 295 -6.49 -12.17 34.03
N HIS B 296 -5.99 -11.14 33.35
CA HIS B 296 -6.66 -10.63 32.16
C HIS B 296 -6.75 -11.71 31.09
N GLU B 297 -5.63 -12.36 30.77
CA GLU B 297 -5.62 -13.39 29.74
C GLU B 297 -6.48 -14.59 30.14
N ILE B 298 -6.51 -14.94 31.44
CA ILE B 298 -7.37 -16.02 31.90
C ILE B 298 -8.84 -15.69 31.65
N SER B 299 -9.22 -14.43 31.87
CA SER B 299 -10.63 -14.03 31.73
C SER B 299 -11.10 -14.10 30.29
N HIS B 300 -10.20 -13.90 29.33
CA HIS B 300 -10.58 -14.00 27.93
C HIS B 300 -11.11 -15.38 27.60
N SER B 301 -10.77 -16.39 28.41
CA SER B 301 -11.30 -17.73 28.19
C SER B 301 -12.82 -17.74 28.23
N TRP B 302 -13.43 -16.70 28.79
CA TRP B 302 -14.87 -16.52 28.77
C TRP B 302 -15.28 -15.34 27.89
N THR B 303 -14.88 -14.12 28.24
CA THR B 303 -15.29 -12.93 27.50
C THR B 303 -14.28 -12.66 26.39
N GLY B 304 -14.61 -13.13 25.18
CA GLY B 304 -13.71 -12.99 24.04
C GLY B 304 -13.55 -14.28 23.26
N ASN B 305 -13.10 -15.33 23.92
CA ASN B 305 -12.92 -16.63 23.28
C ASN B 305 -14.22 -17.45 23.29
N LEU B 306 -15.01 -17.34 24.35
CA LEU B 306 -16.31 -17.99 24.41
C LEU B 306 -17.43 -17.14 23.81
N VAL B 307 -17.63 -15.94 24.34
CA VAL B 307 -18.50 -14.95 23.73
C VAL B 307 -17.60 -13.98 22.97
N THR B 308 -17.68 -14.01 21.65
CA THR B 308 -16.77 -13.28 20.76
C THR B 308 -17.50 -12.12 20.08
N ASN B 309 -16.77 -11.05 19.82
CA ASN B 309 -17.37 -9.95 19.08
C ASN B 309 -17.62 -10.38 17.63
N LYS B 310 -18.82 -10.08 17.12
CA LYS B 310 -19.13 -10.49 15.76
C LYS B 310 -18.20 -9.81 14.75
N THR B 311 -17.91 -8.53 14.95
CA THR B 311 -16.92 -7.82 14.16
C THR B 311 -16.04 -7.01 15.10
N TRP B 312 -14.95 -6.48 14.54
CA TRP B 312 -14.00 -5.70 15.32
C TRP B 312 -14.52 -4.30 15.66
N ASP B 313 -15.65 -3.89 15.07
CA ASP B 313 -16.30 -2.67 15.53
C ASP B 313 -16.71 -2.78 16.99
N HIS B 314 -17.07 -3.98 17.43
CA HIS B 314 -17.52 -4.24 18.81
C HIS B 314 -16.41 -4.87 19.65
N PHE B 315 -15.17 -4.46 19.40
CA PHE B 315 -14.03 -5.00 20.13
C PHE B 315 -14.16 -4.78 21.64
N TRP B 316 -14.85 -3.72 22.07
CA TRP B 316 -14.92 -3.42 23.50
C TRP B 316 -15.63 -4.52 24.26
N LEU B 317 -16.52 -5.24 23.59
CA LEU B 317 -17.18 -6.37 24.24
C LEU B 317 -16.14 -7.35 24.76
N ASN B 318 -15.12 -7.66 23.96
CA ASN B 318 -14.08 -8.59 24.39
C ASN B 318 -13.24 -8.01 25.52
N GLU B 319 -12.69 -6.81 25.32
CA GLU B 319 -11.79 -6.22 26.31
C GLU B 319 -12.54 -5.65 27.51
N GLY B 320 -13.68 -5.01 27.27
CA GLY B 320 -14.43 -4.41 28.35
C GLY B 320 -14.73 -5.38 29.47
N HIS B 321 -15.40 -6.49 29.13
CA HIS B 321 -15.76 -7.47 30.14
C HIS B 321 -14.54 -8.20 30.68
N THR B 322 -13.51 -8.37 29.87
CA THR B 322 -12.31 -9.06 30.34
C THR B 322 -11.61 -8.24 31.42
N VAL B 323 -11.42 -6.94 31.19
CA VAL B 323 -10.83 -6.09 32.21
C VAL B 323 -11.68 -6.12 33.47
N TYR B 324 -13.00 -6.14 33.31
CA TYR B 324 -13.90 -6.19 34.45
C TYR B 324 -13.68 -7.47 35.25
N LEU B 325 -13.67 -8.62 34.58
CA LEU B 325 -13.38 -9.88 35.25
C LEU B 325 -12.00 -9.84 35.88
N GLU B 326 -11.00 -9.41 35.11
CA GLU B 326 -9.63 -9.32 35.60
C GLU B 326 -9.58 -8.60 36.94
N ARG B 327 -10.21 -7.43 37.02
CA ARG B 327 -10.12 -6.65 38.24
C ARG B 327 -10.96 -7.25 39.37
N HIS B 328 -11.95 -8.07 39.04
CA HIS B 328 -12.65 -8.82 40.07
C HIS B 328 -11.74 -9.93 40.60
N ILE B 329 -10.95 -10.54 39.73
CA ILE B 329 -10.01 -11.55 40.18
C ILE B 329 -8.98 -10.95 41.11
N CYS B 330 -8.44 -9.78 40.74
CA CYS B 330 -7.51 -9.10 41.62
C CYS B 330 -8.16 -8.68 42.92
N GLY B 331 -9.45 -8.32 42.88
CA GLY B 331 -10.16 -7.99 44.10
C GLY B 331 -10.32 -9.17 45.03
N ARG B 332 -10.73 -10.32 44.48
CA ARG B 332 -10.89 -11.51 45.29
CA ARG B 332 -10.89 -11.54 45.28
C ARG B 332 -9.57 -11.96 45.93
N LEU B 333 -8.44 -11.63 45.31
CA LEU B 333 -7.14 -12.05 45.80
CA LEU B 333 -7.14 -12.06 45.81
C LEU B 333 -6.48 -11.02 46.71
N PHE B 334 -6.85 -9.75 46.61
CA PHE B 334 -6.20 -8.71 47.40
C PHE B 334 -7.19 -7.71 47.99
N GLY B 335 -8.48 -7.94 47.88
CA GLY B 335 -9.44 -7.09 48.53
C GLY B 335 -10.12 -6.12 47.56
N GLU B 336 -11.32 -5.67 47.95
CA GLU B 336 -12.06 -4.73 47.13
C GLU B 336 -11.35 -3.39 47.02
N LYS B 337 -10.65 -2.97 48.08
CA LYS B 337 -9.94 -1.70 48.00
C LYS B 337 -8.91 -1.70 46.88
N PHE B 338 -8.32 -2.87 46.62
CA PHE B 338 -7.36 -2.98 45.52
C PHE B 338 -8.06 -2.92 44.17
N ARG B 339 -9.26 -3.52 44.06
CA ARG B 339 -9.99 -3.45 42.81
C ARG B 339 -10.28 -2.00 42.42
N HIS B 340 -10.72 -1.19 43.39
CA HIS B 340 -10.96 0.21 43.10
C HIS B 340 -9.67 0.93 42.71
N PHE B 341 -8.56 0.57 43.34
CA PHE B 341 -7.29 1.20 43.00
C PHE B 341 -6.95 0.98 41.53
N ASN B 342 -7.07 -0.26 41.05
CA ASN B 342 -6.84 -0.52 39.64
C ASN B 342 -7.91 0.15 38.78
N ALA B 343 -9.16 0.13 39.24
CA ALA B 343 -10.23 0.77 38.50
C ALA B 343 -9.96 2.27 38.33
N LEU B 344 -9.58 2.94 39.41
CA LEU B 344 -9.24 4.36 39.30
C LEU B 344 -8.02 4.56 38.42
N GLY B 345 -7.04 3.67 38.52
CA GLY B 345 -5.85 3.77 37.70
C GLY B 345 -6.15 3.58 36.22
N GLY B 346 -7.08 2.68 35.90
CA GLY B 346 -7.50 2.53 34.52
C GLY B 346 -8.15 3.79 33.98
N TRP B 347 -8.90 4.49 34.83
CA TRP B 347 -9.47 5.77 34.43
C TRP B 347 -8.38 6.75 34.02
N GLY B 348 -7.26 6.74 34.74
CA GLY B 348 -6.15 7.60 34.36
C GLY B 348 -5.58 7.23 33.01
N GLU B 349 -5.46 5.95 32.72
CA GLU B 349 -5.02 5.52 31.40
C GLU B 349 -6.00 5.97 30.33
N LEU B 350 -7.30 5.92 30.63
CA LEU B 350 -8.30 6.40 29.68
C LEU B 350 -8.15 7.90 29.44
N GLN B 351 -7.87 8.67 30.49
CA GLN B 351 -7.59 10.09 30.30
C GLN B 351 -6.39 10.31 29.39
N ASN B 352 -5.33 9.51 29.58
CA ASN B 352 -4.14 9.65 28.75
C ASN B 352 -4.44 9.33 27.30
N SER B 353 -5.17 8.24 27.05
CA SER B 353 -5.46 7.84 25.69
C SER B 353 -6.31 8.88 24.97
N VAL B 354 -7.35 9.38 25.64
CA VAL B 354 -8.21 10.38 25.00
C VAL B 354 -7.41 11.65 24.72
N LYS B 355 -6.59 12.08 25.68
CA LYS B 355 -5.78 13.27 25.45
C LYS B 355 -4.75 13.04 24.37
N THR B 356 -4.32 11.79 24.18
CA THR B 356 -3.34 11.49 23.13
C THR B 356 -4.00 11.45 21.74
N PHE B 357 -5.19 10.86 21.65
CA PHE B 357 -5.93 10.92 20.39
C PHE B 357 -6.60 12.27 20.20
N GLY B 358 -7.13 12.84 21.27
CA GLY B 358 -7.92 14.06 21.18
C GLY B 358 -9.37 13.74 21.48
N GLU B 359 -10.04 14.65 22.19
CA GLU B 359 -11.41 14.41 22.64
C GLU B 359 -12.37 14.11 21.49
N THR B 360 -12.00 14.42 20.24
CA THR B 360 -12.89 14.22 19.11
C THR B 360 -12.51 13.04 18.22
N HIS B 361 -11.39 12.36 18.51
CA HIS B 361 -10.90 11.34 17.58
C HIS B 361 -11.85 10.16 17.54
N PRO B 362 -12.21 9.66 16.34
CA PRO B 362 -13.16 8.55 16.27
C PRO B 362 -12.68 7.30 16.99
N PHE B 363 -11.37 7.13 17.15
CA PHE B 363 -10.85 5.95 17.84
C PHE B 363 -11.11 5.99 19.33
N THR B 364 -11.58 7.12 19.86
CA THR B 364 -11.95 7.19 21.26
C THR B 364 -13.39 6.78 21.50
N LYS B 365 -14.12 6.41 20.46
CA LYS B 365 -15.47 5.88 20.64
C LYS B 365 -15.41 4.45 21.15
N LEU B 366 -16.41 4.08 21.95
CA LEU B 366 -16.49 2.70 22.44
C LEU B 366 -16.71 1.74 21.28
N VAL B 367 -17.71 2.01 20.45
CA VAL B 367 -17.95 1.25 19.23
C VAL B 367 -17.39 2.05 18.05
N VAL B 368 -16.42 1.49 17.36
CA VAL B 368 -15.72 2.18 16.29
C VAL B 368 -16.23 1.68 14.95
N ASP B 369 -15.95 2.46 13.90
CA ASP B 369 -16.27 2.10 12.52
C ASP B 369 -14.94 1.93 11.79
N LEU B 370 -14.54 0.67 11.59
CA LEU B 370 -13.23 0.36 11.03
C LEU B 370 -13.23 0.29 9.50
N THR B 371 -14.25 0.84 8.85
CA THR B 371 -14.28 0.86 7.39
C THR B 371 -13.05 1.58 6.86
N ASP B 372 -12.21 0.86 6.10
CA ASP B 372 -10.99 1.39 5.51
C ASP B 372 -9.97 1.79 6.57
N ILE B 373 -10.06 1.20 7.75
CA ILE B 373 -9.15 1.48 8.86
C ILE B 373 -8.41 0.20 9.21
N ASP B 374 -7.09 0.28 9.19
CA ASP B 374 -6.28 -0.84 9.68
C ASP B 374 -6.50 -0.99 11.18
N PRO B 375 -6.99 -2.14 11.66
CA PRO B 375 -7.22 -2.28 13.10
C PRO B 375 -6.01 -1.98 13.95
N ASP B 376 -4.81 -2.32 13.46
CA ASP B 376 -3.60 -2.05 14.23
C ASP B 376 -3.40 -0.55 14.47
N VAL B 377 -4.00 0.29 13.62
CA VAL B 377 -3.82 1.73 13.77
C VAL B 377 -4.79 2.29 14.80
N ALA B 378 -5.94 1.64 14.99
CA ALA B 378 -6.94 2.09 15.95
C ALA B 378 -6.76 1.48 17.33
N TYR B 379 -5.95 0.43 17.46
CA TYR B 379 -5.80 -0.24 18.74
C TYR B 379 -5.25 0.72 19.78
N SER B 380 -5.90 0.74 20.95
CA SER B 380 -5.47 1.60 22.05
C SER B 380 -6.17 1.10 23.31
N SER B 381 -6.03 1.87 24.38
CA SER B 381 -6.64 1.53 25.65
C SER B 381 -8.12 1.90 25.72
N VAL B 382 -8.62 2.65 24.73
CA VAL B 382 -10.01 3.10 24.80
C VAL B 382 -10.97 1.94 24.98
N PRO B 383 -10.96 0.89 24.16
CA PRO B 383 -11.91 -0.21 24.36
C PRO B 383 -11.76 -0.89 25.69
N TYR B 384 -10.54 -0.89 26.24
CA TYR B 384 -10.30 -1.51 27.55
C TYR B 384 -10.94 -0.68 28.67
N GLU B 385 -10.56 0.60 28.77
CA GLU B 385 -10.92 1.40 29.95
C GLU B 385 -12.30 2.03 29.81
N LYS B 386 -12.61 2.62 28.66
CA LYS B 386 -13.96 3.14 28.46
C LYS B 386 -14.99 2.02 28.57
N GLY B 387 -14.66 0.84 28.03
CA GLY B 387 -15.55 -0.30 28.17
C GLY B 387 -15.70 -0.74 29.63
N PHE B 388 -14.59 -0.80 30.35
CA PHE B 388 -14.66 -1.14 31.78
C PHE B 388 -15.44 -0.08 32.54
N ALA B 389 -15.17 1.20 32.27
CA ALA B 389 -15.88 2.26 32.97
C ALA B 389 -17.39 2.13 32.81
N LEU B 390 -17.84 1.73 31.62
CA LEU B 390 -19.26 1.51 31.39
C LEU B 390 -19.79 0.41 32.31
N LEU B 391 -19.14 -0.75 32.30
CA LEU B 391 -19.57 -1.86 33.16
C LEU B 391 -19.47 -1.49 34.63
N PHE B 392 -18.37 -0.83 35.02
CA PHE B 392 -18.26 -0.38 36.41
C PHE B 392 -19.35 0.63 36.75
N TYR B 393 -19.65 1.54 35.82
CA TYR B 393 -20.75 2.48 36.03
C TYR B 393 -22.08 1.75 36.16
N LEU B 394 -22.30 0.74 35.32
CA LEU B 394 -23.52 -0.05 35.42
C LEU B 394 -23.57 -0.86 36.70
N GLU B 395 -22.41 -1.33 37.19
CA GLU B 395 -22.39 -2.07 38.44
C GLU B 395 -22.91 -1.22 39.59
N GLN B 396 -22.36 0.00 39.73
CA GLN B 396 -22.82 0.91 40.78
C GLN B 396 -24.24 1.39 40.55
N LEU B 397 -24.71 1.38 39.31
CA LEU B 397 -26.04 1.87 39.01
C LEU B 397 -27.14 0.84 39.22
N LEU B 398 -26.80 -0.45 39.21
CA LEU B 398 -27.79 -1.52 39.23
C LEU B 398 -27.79 -2.34 40.52
N GLY B 399 -26.95 -2.01 41.49
CA GLY B 399 -27.03 -2.68 42.78
C GLY B 399 -25.73 -3.23 43.33
N GLY B 400 -24.60 -2.98 42.65
CA GLY B 400 -23.32 -3.37 43.18
C GLY B 400 -22.70 -4.55 42.46
N PRO B 401 -21.52 -4.96 42.92
CA PRO B 401 -20.79 -6.02 42.19
C PRO B 401 -21.47 -7.36 42.22
N GLU B 402 -22.00 -7.77 43.37
CA GLU B 402 -22.65 -9.07 43.47
C GLU B 402 -23.75 -9.20 42.42
N ILE B 403 -24.61 -8.18 42.31
CA ILE B 403 -25.72 -8.24 41.37
C ILE B 403 -25.19 -8.27 39.95
N PHE B 404 -24.21 -7.42 39.63
CA PHE B 404 -23.70 -7.35 38.26
C PHE B 404 -22.94 -8.62 37.89
N LEU B 405 -22.24 -9.22 38.85
CA LEU B 405 -21.59 -10.51 38.59
C LEU B 405 -22.59 -11.58 38.20
N GLY B 406 -23.82 -11.50 38.73
CA GLY B 406 -24.86 -12.41 38.28
C GLY B 406 -25.20 -12.23 36.82
N PHE B 407 -25.30 -10.97 36.38
CA PHE B 407 -25.52 -10.70 34.96
C PHE B 407 -24.38 -11.22 34.11
N LEU B 408 -23.14 -11.04 34.57
CA LEU B 408 -21.99 -11.45 33.77
C LEU B 408 -21.98 -12.96 33.54
N LYS B 409 -22.26 -13.74 34.59
CA LYS B 409 -22.31 -15.19 34.41
C LYS B 409 -23.43 -15.60 33.47
N ALA B 410 -24.60 -14.97 33.60
CA ALA B 410 -25.69 -15.24 32.67
C ALA B 410 -25.33 -14.78 31.26
N TYR B 411 -24.60 -13.67 31.15
CA TYR B 411 -24.18 -13.17 29.85
C TYR B 411 -23.27 -14.17 29.15
N VAL B 412 -22.35 -14.77 29.90
CA VAL B 412 -21.42 -15.74 29.31
C VAL B 412 -22.16 -17.01 28.91
N GLU B 413 -23.08 -17.48 29.76
CA GLU B 413 -23.83 -18.70 29.43
C GLU B 413 -24.80 -18.48 28.28
N LYS B 414 -25.38 -17.28 28.18
CA LYS B 414 -26.34 -16.99 27.11
C LYS B 414 -25.66 -17.00 25.74
N PHE B 415 -24.45 -16.44 25.63
CA PHE B 415 -23.82 -16.27 24.34
C PHE B 415 -22.57 -17.13 24.18
N SER B 416 -22.45 -18.22 24.95
CA SER B 416 -21.29 -19.07 24.87
C SER B 416 -21.20 -19.74 23.49
N TYR B 417 -19.97 -19.79 22.96
CA TYR B 417 -19.65 -20.37 21.67
C TYR B 417 -20.23 -19.58 20.50
N LYS B 418 -20.69 -18.36 20.74
CA LYS B 418 -21.30 -17.55 19.70
C LYS B 418 -20.62 -16.18 19.62
N SER B 419 -20.94 -15.44 18.56
CA SER B 419 -20.40 -14.11 18.33
C SER B 419 -21.55 -13.11 18.28
N ILE B 420 -21.43 -12.05 19.08
CA ILE B 420 -22.53 -11.12 19.30
C ILE B 420 -22.06 -9.70 18.98
N THR B 421 -23.03 -8.80 18.86
CA THR B 421 -22.82 -7.39 18.62
C THR B 421 -23.14 -6.60 19.89
N THR B 422 -22.92 -5.28 19.81
CA THR B 422 -23.22 -4.43 20.96
C THR B 422 -24.70 -4.46 21.28
N ASP B 423 -25.55 -4.50 20.26
CA ASP B 423 -26.98 -4.55 20.50
C ASP B 423 -27.39 -5.86 21.14
N ASP B 424 -26.75 -6.97 20.75
CA ASP B 424 -27.00 -8.24 21.43
C ASP B 424 -26.74 -8.11 22.93
N TRP B 425 -25.64 -7.46 23.30
CA TRP B 425 -25.34 -7.24 24.72
C TRP B 425 -26.34 -6.29 25.36
N LYS B 426 -26.66 -5.18 24.69
CA LYS B 426 -27.60 -4.22 25.25
C LYS B 426 -28.98 -4.83 25.44
N ASP B 427 -29.45 -5.62 24.47
CA ASP B 427 -30.74 -6.27 24.59
C ASP B 427 -30.75 -7.24 25.76
N PHE B 428 -29.72 -8.08 25.86
CA PHE B 428 -29.65 -9.02 26.97
C PHE B 428 -29.51 -8.31 28.30
N LEU B 429 -28.84 -7.15 28.31
CA LEU B 429 -28.78 -6.35 29.54
C LEU B 429 -30.17 -5.92 29.98
N TYR B 430 -31.00 -5.48 29.04
CA TYR B 430 -32.38 -5.11 29.37
C TYR B 430 -33.21 -6.33 29.74
N SER B 431 -32.96 -7.47 29.10
CA SER B 431 -33.70 -8.69 29.44
C SER B 431 -33.36 -9.16 30.85
N TYR B 432 -32.09 -9.15 31.21
CA TYR B 432 -31.70 -9.63 32.53
C TYR B 432 -32.20 -8.68 33.60
N PHE B 433 -31.99 -7.38 33.42
CA PHE B 433 -32.43 -6.38 34.38
C PHE B 433 -33.78 -5.80 33.98
N LYS B 434 -34.72 -6.66 33.60
CA LYS B 434 -36.05 -6.20 33.23
C LYS B 434 -36.73 -5.44 34.37
N ASP B 435 -36.46 -5.84 35.61
CA ASP B 435 -37.03 -5.16 36.77
C ASP B 435 -36.37 -3.83 37.08
N LYS B 436 -35.47 -3.36 36.20
CA LYS B 436 -34.80 -2.09 36.43
C LYS B 436 -34.61 -1.32 35.13
N VAL B 437 -35.56 -1.45 34.19
CA VAL B 437 -35.46 -0.70 32.94
C VAL B 437 -35.55 0.79 33.22
N ASP B 438 -36.15 1.14 34.35
CA ASP B 438 -36.24 2.54 34.76
C ASP B 438 -34.86 3.13 35.02
N VAL B 439 -33.97 2.30 35.57
CA VAL B 439 -32.60 2.74 35.86
C VAL B 439 -31.76 2.74 34.58
N LEU B 440 -31.89 1.70 33.76
CA LEU B 440 -31.10 1.62 32.54
C LEU B 440 -31.45 2.74 31.57
N ASN B 441 -32.70 3.19 31.55
CA ASN B 441 -33.11 4.24 30.63
C ASN B 441 -32.50 5.59 30.99
N GLN B 442 -31.93 5.73 32.19
CA GLN B 442 -31.25 6.95 32.56
CA GLN B 442 -31.24 6.95 32.57
C GLN B 442 -29.82 7.02 32.01
N VAL B 443 -29.35 5.95 31.37
CA VAL B 443 -27.99 5.90 30.85
C VAL B 443 -27.95 6.55 29.47
N ASP B 444 -26.99 7.45 29.26
CA ASP B 444 -26.81 8.11 27.97
C ASP B 444 -26.09 7.14 27.05
N TRP B 445 -26.87 6.19 26.53
CA TRP B 445 -26.28 5.13 25.71
C TRP B 445 -25.56 5.68 24.50
N ASN B 446 -26.16 6.65 23.80
CA ASN B 446 -25.53 7.21 22.61
CA ASN B 446 -25.54 7.22 22.61
C ASN B 446 -24.19 7.84 22.96
N ALA B 447 -24.10 8.55 24.09
CA ALA B 447 -22.83 9.14 24.47
C ALA B 447 -21.81 8.07 24.84
N TRP B 448 -22.24 7.06 25.62
CA TRP B 448 -21.34 6.00 26.04
C TRP B 448 -20.85 5.19 24.85
N LEU B 449 -21.75 4.82 23.93
CA LEU B 449 -21.42 3.86 22.88
C LEU B 449 -20.80 4.50 21.65
N TYR B 450 -21.20 5.71 21.28
CA TYR B 450 -20.81 6.27 19.99
C TYR B 450 -20.24 7.67 20.07
N SER B 451 -20.02 8.22 21.27
CA SER B 451 -19.45 9.57 21.29
C SER B 451 -17.97 9.51 21.58
N PRO B 452 -17.16 10.38 20.99
CA PRO B 452 -15.73 10.42 21.30
C PRO B 452 -15.46 11.08 22.65
N GLY B 453 -14.21 10.97 23.08
CA GLY B 453 -13.77 11.57 24.32
C GLY B 453 -14.13 10.75 25.55
N LEU B 454 -13.97 11.39 26.71
CA LEU B 454 -14.27 10.74 27.98
C LEU B 454 -15.78 10.50 28.10
N PRO B 455 -16.17 9.45 28.83
CA PRO B 455 -17.59 9.14 28.97
C PRO B 455 -18.32 10.31 29.60
N PRO B 456 -19.64 10.38 29.44
CA PRO B 456 -20.39 11.51 30.00
C PRO B 456 -20.38 11.57 31.53
N ILE B 457 -20.03 10.48 32.22
CA ILE B 457 -20.08 10.45 33.67
C ILE B 457 -18.99 9.53 34.19
N LYS B 458 -18.38 9.90 35.34
CA LYS B 458 -17.31 9.15 35.96
C LYS B 458 -17.83 8.36 37.14
N PRO B 459 -17.48 7.08 37.26
CA PRO B 459 -17.97 6.28 38.39
C PRO B 459 -17.34 6.73 39.70
N ASN B 460 -17.84 6.15 40.78
CA ASN B 460 -17.36 6.46 42.12
C ASN B 460 -16.23 5.50 42.48
N TYR B 461 -15.06 6.04 42.83
CA TYR B 461 -13.90 5.22 43.13
C TYR B 461 -13.50 5.39 44.60
N ASP B 462 -13.15 4.27 45.24
CA ASP B 462 -12.56 4.33 46.56
C ASP B 462 -11.14 4.86 46.47
N MET B 463 -10.77 5.71 47.43
CA MET B 463 -9.47 6.38 47.40
C MET B 463 -8.50 5.86 48.45
N THR B 464 -8.82 4.75 49.13
CA THR B 464 -7.99 4.29 50.23
C THR B 464 -6.54 4.08 49.78
N LEU B 465 -6.34 3.24 48.77
CA LEU B 465 -4.99 2.92 48.33
C LEU B 465 -4.38 3.95 47.40
N THR B 466 -5.16 4.94 46.96
CA THR B 466 -4.67 5.94 46.02
C THR B 466 -4.20 7.22 46.70
N ASN B 467 -4.71 7.52 47.90
CA ASN B 467 -4.37 8.77 48.55
C ASN B 467 -2.87 8.91 48.76
N ALA B 468 -2.20 7.83 49.20
CA ALA B 468 -0.76 7.91 49.43
C ALA B 468 -0.01 8.30 48.16
N CYS B 469 -0.48 7.84 47.00
CA CYS B 469 0.14 8.22 45.73
C CYS B 469 -0.06 9.70 45.45
N ILE B 470 -1.28 10.20 45.65
CA ILE B 470 -1.56 11.61 45.39
C ILE B 470 -0.76 12.50 46.32
N ALA B 471 -0.62 12.09 47.58
CA ALA B 471 0.14 12.87 48.54
C ALA B 471 1.59 13.06 48.07
N LEU B 472 2.30 11.95 47.82
CA LEU B 472 3.69 12.06 47.40
C LEU B 472 3.82 12.72 46.04
N SER B 473 2.87 12.51 45.14
CA SER B 473 2.96 13.13 43.84
C SER B 473 2.82 14.65 43.94
N GLN B 474 1.86 15.12 44.76
CA GLN B 474 1.68 16.56 44.92
C GLN B 474 2.88 17.21 45.59
N ARG B 475 3.52 16.51 46.53
CA ARG B 475 4.72 17.05 47.17
C ARG B 475 5.77 17.39 46.12
N TRP B 476 6.03 16.48 45.20
CA TRP B 476 7.06 16.72 44.19
C TRP B 476 6.62 17.80 43.20
N ILE B 477 5.33 17.84 42.86
CA ILE B 477 4.86 18.82 41.89
C ILE B 477 4.91 20.22 42.48
N THR B 478 4.47 20.38 43.72
CA THR B 478 4.42 21.68 44.35
C THR B 478 5.72 22.04 45.07
N ALA B 479 6.70 21.15 45.07
CA ALA B 479 7.93 21.40 45.81
C ALA B 479 8.76 22.49 45.13
N LYS B 480 9.30 23.40 45.94
CA LYS B 480 10.24 24.39 45.47
C LYS B 480 11.66 23.89 45.67
N GLU B 481 12.63 24.71 45.29
CA GLU B 481 14.03 24.28 45.39
C GLU B 481 14.44 24.00 46.83
N ASP B 482 13.95 24.81 47.76
CA ASP B 482 14.28 24.62 49.16
C ASP B 482 13.51 23.47 49.81
N ASP B 483 12.73 22.73 49.03
CA ASP B 483 12.03 21.56 49.54
C ASP B 483 12.65 20.25 49.09
N LEU B 484 13.57 20.28 48.12
CA LEU B 484 14.10 19.04 47.55
C LEU B 484 14.92 18.26 48.57
N ASN B 485 15.63 18.94 49.47
CA ASN B 485 16.48 18.23 50.42
C ASN B 485 15.70 17.35 51.38
N SER B 486 14.42 17.65 51.61
CA SER B 486 13.62 16.91 52.58
C SER B 486 13.14 15.57 52.05
N PHE B 487 13.23 15.32 50.75
CA PHE B 487 12.84 14.02 50.21
C PHE B 487 13.87 12.96 50.58
N ASN B 488 13.39 11.73 50.77
CA ASN B 488 14.25 10.68 51.27
C ASN B 488 13.69 9.33 50.85
N ALA B 489 14.57 8.33 50.83
CA ALA B 489 14.15 6.98 50.45
C ALA B 489 13.03 6.48 51.36
N THR B 490 12.95 6.98 52.60
CA THR B 490 11.89 6.55 53.50
C THR B 490 10.51 6.94 53.00
N ASP B 491 10.41 7.83 52.01
CA ASP B 491 9.11 8.21 51.47
C ASP B 491 8.39 7.05 50.81
N LEU B 492 9.10 5.98 50.46
CA LEU B 492 8.52 4.85 49.76
C LEU B 492 8.34 3.60 50.62
N LYS B 493 8.65 3.68 51.92
CA LYS B 493 8.67 2.48 52.74
C LYS B 493 7.30 1.82 52.83
N ASP B 494 6.22 2.59 52.66
CA ASP B 494 4.87 2.07 52.81
C ASP B 494 4.10 2.06 51.50
N LEU B 495 4.79 2.14 50.36
CA LEU B 495 4.16 2.13 49.04
C LEU B 495 4.44 0.81 48.34
N SER B 496 3.39 0.16 47.86
CA SER B 496 3.55 -1.05 47.08
C SER B 496 4.07 -0.73 45.69
N SER B 497 4.49 -1.76 44.97
CA SER B 497 4.97 -1.57 43.61
CA SER B 497 4.97 -1.57 43.61
C SER B 497 3.91 -0.90 42.73
N HIS B 498 2.63 -1.20 42.97
CA HIS B 498 1.57 -0.60 42.20
C HIS B 498 1.38 0.87 42.57
N GLN B 499 1.39 1.16 43.87
CA GLN B 499 1.35 2.56 44.31
C GLN B 499 2.55 3.32 43.76
N LEU B 500 3.71 2.69 43.77
CA LEU B 500 4.89 3.34 43.21
C LEU B 500 4.67 3.66 41.73
N ASN B 501 4.06 2.74 40.99
CA ASN B 501 3.78 2.99 39.58
C ASN B 501 2.71 4.04 39.42
N GLU B 502 1.66 4.00 40.24
CA GLU B 502 0.62 5.03 40.17
C GLU B 502 1.16 6.40 40.55
N PHE B 503 2.13 6.45 41.47
CA PHE B 503 2.74 7.73 41.83
C PHE B 503 3.42 8.38 40.64
N LEU B 504 4.18 7.60 39.86
CA LEU B 504 4.80 8.16 38.67
C LEU B 504 3.77 8.58 37.64
N ALA B 505 2.72 7.78 37.48
CA ALA B 505 1.64 8.14 36.56
C ALA B 505 1.06 9.51 36.89
N GLN B 506 0.71 9.72 38.16
CA GLN B 506 0.21 11.02 38.59
C GLN B 506 1.22 12.12 38.31
N THR B 507 2.49 11.87 38.62
CA THR B 507 3.51 12.89 38.34
C THR B 507 3.67 13.09 36.84
N LEU B 508 3.66 12.01 36.06
CA LEU B 508 3.87 12.14 34.62
C LEU B 508 2.78 12.97 33.95
N GLN B 509 1.55 12.92 34.49
CA GLN B 509 0.46 13.73 33.93
C GLN B 509 0.75 15.20 34.05
N ARG B 510 1.62 15.57 35.01
CA ARG B 510 1.97 16.97 35.27
C ARG B 510 3.37 17.31 34.77
N ALA B 511 3.90 16.51 33.86
CA ALA B 511 5.19 16.83 33.24
C ALA B 511 5.04 18.04 32.32
N PRO B 512 6.16 18.77 32.07
CA PRO B 512 7.50 18.46 32.59
C PRO B 512 7.70 19.01 33.99
N LEU B 513 8.62 18.40 34.73
CA LEU B 513 9.05 18.91 36.02
C LEU B 513 10.38 19.63 35.89
N PRO B 514 10.72 20.49 36.86
CA PRO B 514 12.02 21.16 36.84
C PRO B 514 13.14 20.13 36.77
N LEU B 515 14.15 20.42 35.96
CA LEU B 515 15.24 19.48 35.76
C LEU B 515 15.91 19.12 37.09
N GLY B 516 15.93 20.05 38.04
CA GLY B 516 16.51 19.77 39.34
C GLY B 516 15.70 18.79 40.17
N HIS B 517 14.38 18.75 39.98
CA HIS B 517 13.54 17.80 40.70
C HIS B 517 13.79 16.38 40.21
N ILE B 518 13.97 16.20 38.91
CA ILE B 518 14.18 14.86 38.37
C ILE B 518 15.50 14.28 38.89
N LYS B 519 16.55 15.09 38.90
CA LYS B 519 17.84 14.61 39.38
C LYS B 519 17.78 14.23 40.85
N ARG B 520 17.11 15.06 41.66
CA ARG B 520 16.93 14.72 43.07
C ARG B 520 16.08 13.47 43.23
N MET B 521 15.10 13.26 42.35
CA MET B 521 14.26 12.07 42.45
C MET B 521 15.09 10.80 42.23
N GLN B 522 15.96 10.81 41.22
CA GLN B 522 16.87 9.68 41.03
C GLN B 522 17.86 9.56 42.18
N GLU B 523 18.20 10.68 42.82
CA GLU B 523 19.19 10.65 43.89
C GLU B 523 18.64 9.98 45.14
N VAL B 524 17.36 10.15 45.44
CA VAL B 524 16.81 9.66 46.70
C VAL B 524 16.01 8.39 46.47
N TYR B 525 15.45 8.22 45.28
CA TYR B 525 14.62 7.07 44.98
C TYR B 525 15.29 6.03 44.10
N ASN B 526 16.29 6.42 43.29
CA ASN B 526 17.04 5.49 42.46
C ASN B 526 16.12 4.63 41.59
N PHE B 527 15.23 5.31 40.86
CA PHE B 527 14.32 4.60 39.96
C PHE B 527 15.06 3.97 38.79
N ASN B 528 16.27 4.42 38.49
CA ASN B 528 17.03 3.81 37.39
C ASN B 528 17.31 2.33 37.65
N ALA B 529 17.41 1.93 38.91
CA ALA B 529 17.76 0.56 39.26
C ALA B 529 16.56 -0.39 39.29
N ILE B 530 15.34 0.13 39.16
CA ILE B 530 14.15 -0.71 39.23
C ILE B 530 13.95 -1.43 37.90
N ASN B 531 13.69 -2.73 37.96
CA ASN B 531 13.51 -3.56 36.77
C ASN B 531 12.05 -3.77 36.37
N ASN B 532 11.09 -3.33 37.20
CA ASN B 532 9.68 -3.38 36.85
C ASN B 532 9.45 -2.56 35.58
N SER B 533 9.07 -3.22 34.49
CA SER B 533 8.96 -2.52 33.21
C SER B 533 7.89 -1.42 33.24
N GLU B 534 6.81 -1.64 34.01
CA GLU B 534 5.78 -0.61 34.10
C GLU B 534 6.31 0.64 34.79
N ILE B 535 7.07 0.47 35.87
CA ILE B 535 7.62 1.62 36.59
C ILE B 535 8.74 2.25 35.79
N ARG B 536 9.68 1.43 35.32
CA ARG B 536 10.79 1.97 34.53
C ARG B 536 10.27 2.74 33.32
N PHE B 537 9.22 2.22 32.67
CA PHE B 537 8.66 2.89 31.50
C PHE B 537 8.18 4.30 31.85
N ARG B 538 7.43 4.44 32.93
CA ARG B 538 6.93 5.76 33.29
C ARG B 538 8.03 6.64 33.87
N TRP B 539 8.98 6.05 34.59
CA TRP B 539 10.11 6.82 35.09
C TRP B 539 10.91 7.43 33.95
N LEU B 540 11.18 6.67 32.89
CA LEU B 540 11.95 7.19 31.77
C LEU B 540 11.14 8.23 31.00
N ARG B 541 9.83 8.00 30.82
CA ARG B 541 8.99 9.01 30.21
C ARG B 541 9.02 10.32 31.01
N LEU B 542 8.96 10.22 32.33
CA LEU B 542 9.08 11.41 33.17
C LEU B 542 10.41 12.12 32.93
N CYS B 543 11.49 11.35 32.75
CA CYS B 543 12.79 11.97 32.53
C CYS B 543 12.86 12.66 31.17
N ILE B 544 12.53 11.94 30.11
CA ILE B 544 12.66 12.50 28.77
C ILE B 544 11.76 13.71 28.61
N GLN B 545 10.52 13.62 29.09
CA GLN B 545 9.61 14.76 28.96
C GLN B 545 10.08 15.97 29.74
N SER B 546 10.88 15.77 30.78
CA SER B 546 11.43 16.88 31.57
C SER B 546 12.81 17.31 31.08
N LYS B 547 13.25 16.82 29.92
CA LYS B 547 14.44 17.31 29.23
C LYS B 547 15.73 16.89 29.92
N TRP B 548 15.74 15.72 30.54
CA TRP B 548 16.96 15.19 31.17
C TRP B 548 17.71 14.34 30.16
N GLU B 549 18.84 14.86 29.68
CA GLU B 549 19.61 14.15 28.65
C GLU B 549 20.14 12.82 29.16
N ASP B 550 20.40 12.73 30.48
CA ASP B 550 20.98 11.51 31.02
C ASP B 550 20.09 10.30 30.74
N ALA B 551 18.79 10.51 30.62
CA ALA B 551 17.87 9.41 30.42
C ALA B 551 17.75 8.99 28.96
N ILE B 552 18.40 9.70 28.05
CA ILE B 552 18.28 9.38 26.62
C ILE B 552 18.78 7.97 26.32
N PRO B 553 20.01 7.59 26.69
CA PRO B 553 20.46 6.22 26.42
C PRO B 553 19.62 5.17 27.12
N LEU B 554 19.10 5.48 28.31
CA LEU B 554 18.24 4.54 29.02
C LEU B 554 16.93 4.35 28.26
N ALA B 555 16.32 5.45 27.80
CA ALA B 555 15.07 5.37 27.05
C ALA B 555 15.26 4.67 25.72
N LEU B 556 16.36 4.94 25.02
CA LEU B 556 16.63 4.25 23.77
C LEU B 556 16.88 2.76 24.01
N LYS B 557 17.55 2.41 25.11
CA LYS B 557 17.83 1.00 25.35
C LYS B 557 16.54 0.22 25.63
N MET B 558 15.65 0.79 26.47
CA MET B 558 14.39 0.11 26.76
C MET B 558 13.48 0.07 25.53
N ALA B 559 13.52 1.14 24.72
CA ALA B 559 12.67 1.20 23.55
C ALA B 559 13.06 0.19 22.48
N THR B 560 14.28 -0.33 22.52
CA THR B 560 14.76 -1.26 21.49
C THR B 560 15.04 -2.66 22.03
N GLU B 561 15.37 -2.80 23.31
CA GLU B 561 15.63 -4.11 23.89
C GLU B 561 14.36 -4.92 24.10
N GLN B 562 13.19 -4.29 24.04
CA GLN B 562 11.91 -4.98 24.10
C GLN B 562 10.96 -4.33 23.09
N GLY B 563 9.91 -5.06 22.72
CA GLY B 563 9.04 -4.63 21.65
C GLY B 563 7.59 -4.40 21.99
N ARG B 564 7.22 -4.42 23.27
CA ARG B 564 5.82 -4.19 23.63
CA ARG B 564 5.83 -4.18 23.66
C ARG B 564 5.41 -2.78 23.22
N MET B 565 4.47 -2.70 22.28
CA MET B 565 4.06 -1.40 21.75
C MET B 565 3.62 -0.46 22.86
N LYS B 566 3.09 -0.99 23.96
CA LYS B 566 2.71 -0.15 25.09
C LYS B 566 3.88 0.69 25.57
N PHE B 567 5.09 0.13 25.55
CA PHE B 567 6.30 0.81 25.98
C PHE B 567 7.09 1.41 24.81
N THR B 568 7.31 0.63 23.75
CA THR B 568 8.17 1.09 22.67
C THR B 568 7.58 2.31 21.95
N ARG B 569 6.27 2.31 21.69
CA ARG B 569 5.69 3.42 20.95
C ARG B 569 5.75 4.72 21.74
N PRO B 570 5.23 4.81 22.96
CA PRO B 570 5.35 6.08 23.70
C PRO B 570 6.80 6.49 23.96
N LEU B 571 7.70 5.53 24.19
CA LEU B 571 9.09 5.90 24.40
C LEU B 571 9.67 6.58 23.17
N PHE B 572 9.50 5.96 21.99
CA PHE B 572 10.00 6.57 20.76
C PHE B 572 9.35 7.92 20.50
N LYS B 573 8.04 8.01 20.72
CA LYS B 573 7.35 9.28 20.53
C LYS B 573 7.93 10.35 21.45
N ASP B 574 8.11 10.05 22.73
CA ASP B 574 8.67 11.02 23.67
C ASP B 574 10.07 11.43 23.26
N LEU B 575 10.90 10.48 22.82
CA LEU B 575 12.26 10.80 22.38
C LEU B 575 12.23 11.67 21.13
N ALA B 576 11.29 11.42 20.22
CA ALA B 576 11.21 12.22 19.00
C ALA B 576 10.76 13.64 19.30
N ALA B 577 9.92 13.83 20.33
CA ALA B 577 9.51 15.16 20.73
C ALA B 577 10.56 15.91 21.54
N PHE B 578 11.62 15.23 21.96
CA PHE B 578 12.72 15.85 22.67
C PHE B 578 13.79 16.22 21.66
N ASP B 579 14.02 17.53 21.48
CA ASP B 579 14.97 18.00 20.47
C ASP B 579 16.36 17.40 20.69
N LYS B 580 16.72 17.13 21.95
CA LYS B 580 18.03 16.56 22.25
C LYS B 580 18.15 15.10 21.84
N SER B 581 17.05 14.46 21.42
CA SER B 581 17.09 13.03 21.09
C SER B 581 16.32 12.70 19.81
N HIS B 582 15.82 13.69 19.08
CA HIS B 582 15.03 13.42 17.89
C HIS B 582 15.83 12.60 16.88
N ASP B 583 17.02 13.07 16.53
CA ASP B 583 17.79 12.39 15.49
C ASP B 583 18.14 10.96 15.90
N GLN B 584 18.54 10.75 17.15
CA GLN B 584 18.87 9.39 17.59
C GLN B 584 17.65 8.48 17.52
N ALA B 585 16.48 8.99 17.90
CA ALA B 585 15.26 8.18 17.86
C ALA B 585 15.02 7.64 16.45
N VAL B 586 15.04 8.54 15.47
CA VAL B 586 14.90 8.11 14.08
C VAL B 586 16.07 7.20 13.69
N ARG B 587 17.30 7.50 14.11
CA ARG B 587 18.40 6.61 13.78
C ARG B 587 18.13 5.23 14.36
N THR B 588 17.85 5.16 15.66
CA THR B 588 17.69 3.87 16.33
C THR B 588 16.57 3.06 15.70
N TYR B 589 15.46 3.71 15.36
CA TYR B 589 14.36 3.00 14.73
C TYR B 589 14.77 2.47 13.36
N GLN B 590 15.33 3.33 12.52
CA GLN B 590 15.72 2.90 11.19
C GLN B 590 16.72 1.75 11.24
N GLU B 591 17.64 1.77 12.20
CA GLU B 591 18.64 0.71 12.28
C GLU B 591 18.03 -0.59 12.79
N HIS B 592 17.02 -0.51 13.67
CA HIS B 592 16.39 -1.69 14.24
C HIS B 592 15.14 -2.13 13.49
N LYS B 593 14.67 -1.33 12.52
CA LYS B 593 13.42 -1.65 11.84
C LYS B 593 13.45 -3.05 11.25
N ALA B 594 14.56 -3.44 10.63
CA ALA B 594 14.61 -4.73 9.93
C ALA B 594 14.42 -5.90 10.88
N SER B 595 14.71 -5.74 12.17
CA SER B 595 14.64 -6.84 13.13
C SER B 595 13.47 -6.72 14.09
N MET B 596 12.62 -5.72 13.94
CA MET B 596 11.45 -5.57 14.78
C MET B 596 10.30 -6.44 14.29
N HIS B 597 9.28 -6.59 15.12
CA HIS B 597 8.07 -7.27 14.70
C HIS B 597 7.37 -6.45 13.60
N PRO B 598 6.86 -7.10 12.56
CA PRO B 598 6.30 -6.33 11.44
C PRO B 598 5.23 -5.32 11.87
N VAL B 599 4.37 -5.66 12.82
CA VAL B 599 3.33 -4.72 13.22
C VAL B 599 3.95 -3.55 13.98
N THR B 600 4.86 -3.83 14.92
CA THR B 600 5.48 -2.75 15.68
C THR B 600 6.30 -1.84 14.76
N ALA B 601 7.07 -2.43 13.84
CA ALA B 601 7.86 -1.63 12.92
C ALA B 601 6.97 -0.70 12.10
N MET B 602 5.79 -1.17 11.70
CA MET B 602 4.90 -0.32 10.91
C MET B 602 4.37 0.84 11.75
N LEU B 603 3.89 0.54 12.97
CA LEU B 603 3.29 1.58 13.80
C LEU B 603 4.32 2.60 14.28
N VAL B 604 5.50 2.13 14.72
CA VAL B 604 6.54 3.05 15.14
C VAL B 604 6.99 3.92 13.99
N GLY B 605 6.98 3.37 12.77
CA GLY B 605 7.31 4.18 11.61
C GLY B 605 6.32 5.31 11.39
N LYS B 606 5.04 5.03 11.62
CA LYS B 606 4.03 6.07 11.46
C LYS B 606 4.12 7.12 12.57
N ASP B 607 4.38 6.67 13.81
CA ASP B 607 4.52 7.61 14.91
C ASP B 607 5.66 8.59 14.67
N LEU B 608 6.77 8.11 14.12
CA LEU B 608 7.92 8.94 13.85
C LEU B 608 7.84 9.67 12.52
N LYS B 609 6.81 9.41 11.70
CA LYS B 609 6.67 10.06 10.39
C LYS B 609 7.88 9.78 9.50
N VAL B 610 8.24 8.49 9.41
CA VAL B 610 9.36 8.02 8.61
C VAL B 610 8.82 7.26 7.40
N ASP B 611 9.70 6.66 6.61
CA ASP B 611 9.36 5.93 5.40
C ASP B 611 8.07 6.40 4.74
N ILE C 4 17.85 -27.18 -15.43
CA ILE C 4 16.91 -27.97 -16.22
C ILE C 4 16.11 -27.06 -17.18
N VAL C 5 15.57 -25.97 -16.65
CA VAL C 5 14.78 -25.01 -17.44
C VAL C 5 15.38 -23.62 -17.25
N ASP C 6 15.73 -22.97 -18.35
CA ASP C 6 16.29 -21.62 -18.30
C ASP C 6 15.16 -20.61 -18.45
N THR C 7 14.73 -20.03 -17.32
CA THR C 7 13.61 -19.11 -17.32
C THR C 7 13.97 -17.72 -17.86
N CYS C 8 15.23 -17.48 -18.18
CA CYS C 8 15.63 -16.19 -18.75
C CYS C 8 15.66 -16.19 -20.27
N SER C 9 15.47 -17.34 -20.91
CA SER C 9 15.59 -17.45 -22.36
C SER C 9 14.26 -17.89 -22.95
N LEU C 10 13.92 -17.30 -24.10
CA LEU C 10 12.72 -17.69 -24.83
C LEU C 10 13.03 -18.60 -26.00
N ALA C 11 14.30 -18.95 -26.20
CA ALA C 11 14.70 -19.75 -27.35
C ALA C 11 14.51 -21.23 -27.05
N SER C 12 14.76 -22.05 -28.07
CA SER C 12 14.67 -23.49 -27.91
C SER C 12 15.74 -23.97 -26.93
N PRO C 13 15.39 -24.80 -25.95
CA PRO C 13 16.39 -25.25 -24.99
C PRO C 13 17.40 -26.22 -25.61
N ALA C 14 18.50 -26.43 -24.89
CA ALA C 14 19.55 -27.30 -25.37
C ALA C 14 19.08 -28.73 -25.59
N SER C 15 17.97 -29.14 -24.96
CA SER C 15 17.41 -30.47 -25.16
C SER C 15 16.71 -30.63 -26.51
N VAL C 16 16.42 -29.53 -27.19
CA VAL C 16 15.84 -29.56 -28.54
C VAL C 16 16.90 -29.40 -29.61
N CYS C 17 17.76 -28.38 -29.47
CA CYS C 17 18.85 -28.16 -30.41
C CYS C 17 19.89 -27.28 -29.73
N ARG C 18 21.11 -27.34 -30.24
CA ARG C 18 22.21 -26.59 -29.66
C ARG C 18 23.04 -25.97 -30.77
N THR C 19 23.33 -24.67 -30.64
CA THR C 19 24.18 -23.98 -31.60
C THR C 19 25.62 -24.43 -31.41
N LYS C 20 26.27 -24.79 -32.52
CA LYS C 20 27.65 -25.24 -32.48
C LYS C 20 28.64 -24.14 -32.85
N HIS C 21 28.32 -23.32 -33.85
CA HIS C 21 29.22 -22.28 -34.31
C HIS C 21 28.43 -21.05 -34.70
N LEU C 22 29.09 -19.90 -34.64
CA LEU C 22 28.50 -18.63 -35.08
C LEU C 22 29.51 -17.93 -35.97
N HIS C 23 29.12 -17.61 -37.20
CA HIS C 23 29.93 -16.82 -38.13
C HIS C 23 29.27 -15.46 -38.26
N LEU C 24 29.93 -14.44 -37.72
CA LEU C 24 29.37 -13.09 -37.67
C LEU C 24 30.09 -12.19 -38.66
N ARG C 25 29.32 -11.58 -39.56
CA ARG C 25 29.83 -10.58 -40.51
C ARG C 25 28.98 -9.33 -40.37
N CYS C 26 29.55 -8.27 -39.79
CA CYS C 26 28.78 -7.07 -39.49
C CYS C 26 29.63 -5.83 -39.75
N SER C 27 28.97 -4.67 -39.74
CA SER C 27 29.61 -3.37 -39.93
C SER C 27 29.09 -2.40 -38.88
N VAL C 28 30.01 -1.66 -38.26
CA VAL C 28 29.68 -0.72 -37.20
C VAL C 28 29.46 0.67 -37.80
N ASP C 29 28.23 1.17 -37.72
CA ASP C 29 27.85 2.47 -38.26
C ASP C 29 27.61 3.42 -37.08
N PHE C 30 28.59 4.30 -36.82
CA PHE C 30 28.40 5.28 -35.74
C PHE C 30 27.42 6.38 -36.10
N THR C 31 27.17 6.61 -37.40
CA THR C 31 26.19 7.62 -37.78
C THR C 31 24.80 7.24 -37.30
N ARG C 32 24.39 5.99 -37.54
CA ARG C 32 23.08 5.49 -37.14
C ARG C 32 23.10 4.77 -35.80
N ARG C 33 24.28 4.46 -35.26
CA ARG C 33 24.39 3.73 -34.00
C ARG C 33 23.74 2.35 -34.12
N THR C 34 24.14 1.61 -35.15
CA THR C 34 23.56 0.30 -35.43
C THR C 34 24.60 -0.66 -35.98
N LEU C 35 24.52 -1.91 -35.53
CA LEU C 35 25.38 -2.98 -36.04
CA LEU C 35 25.37 -2.99 -36.03
C LEU C 35 24.59 -3.77 -37.08
N THR C 36 25.07 -3.75 -38.32
CA THR C 36 24.39 -4.43 -39.42
C THR C 36 25.26 -5.55 -39.99
N GLY C 37 24.64 -6.69 -40.25
CA GLY C 37 25.36 -7.81 -40.83
C GLY C 37 24.53 -9.09 -40.78
N THR C 38 25.23 -10.22 -40.84
CA THR C 38 24.59 -11.52 -40.82
C THR C 38 25.24 -12.41 -39.78
N ALA C 39 24.43 -13.24 -39.12
CA ALA C 39 24.89 -14.19 -38.11
C ALA C 39 24.58 -15.60 -38.59
N ALA C 40 25.61 -16.31 -39.04
CA ALA C 40 25.46 -17.69 -39.51
C ALA C 40 25.62 -18.63 -38.31
N LEU C 41 24.52 -19.25 -37.90
CA LEU C 41 24.52 -20.15 -36.76
C LEU C 41 24.49 -21.60 -37.25
N THR C 42 25.52 -22.37 -36.91
CA THR C 42 25.51 -23.81 -37.15
C THR C 42 24.76 -24.46 -36.00
N VAL C 43 23.58 -24.99 -36.29
CA VAL C 43 22.69 -25.55 -35.27
C VAL C 43 22.63 -27.06 -35.47
N GLN C 44 22.75 -27.80 -34.36
CA GLN C 44 22.65 -29.25 -34.34
C GLN C 44 21.38 -29.67 -33.61
N SER C 45 20.61 -30.56 -34.23
CA SER C 45 19.37 -31.03 -33.63
C SER C 45 19.66 -32.04 -32.55
N GLN C 46 18.85 -32.01 -31.48
CA GLN C 46 18.95 -32.97 -30.39
C GLN C 46 17.75 -33.91 -30.33
N GLU C 47 16.97 -33.99 -31.39
CA GLU C 47 15.80 -34.85 -31.43
C GLU C 47 15.50 -35.22 -32.88
N ASP C 48 14.58 -36.16 -33.06
CA ASP C 48 14.21 -36.64 -34.38
C ASP C 48 13.08 -35.80 -34.94
N ASN C 49 13.13 -35.53 -36.24
CA ASN C 49 12.09 -34.78 -36.93
C ASN C 49 11.95 -33.36 -36.36
N LEU C 50 13.07 -32.63 -36.37
CA LEU C 50 13.09 -31.24 -35.93
C LEU C 50 12.75 -30.36 -37.12
N ARG C 51 11.62 -29.67 -37.05
CA ARG C 51 11.08 -28.93 -38.19
C ARG C 51 11.12 -27.42 -37.98
N SER C 52 11.53 -26.96 -36.80
CA SER C 52 11.62 -25.54 -36.50
C SER C 52 12.35 -25.38 -35.18
N LEU C 53 12.77 -24.15 -34.90
CA LEU C 53 13.43 -23.83 -33.64
C LEU C 53 13.12 -22.37 -33.29
N VAL C 54 13.53 -21.97 -32.10
CA VAL C 54 13.27 -20.63 -31.59
C VAL C 54 14.59 -20.02 -31.12
N LEU C 55 14.75 -18.72 -31.37
CA LEU C 55 15.95 -17.99 -30.97
C LEU C 55 15.57 -16.77 -30.14
N ASP C 56 16.51 -16.32 -29.32
CA ASP C 56 16.31 -15.10 -28.54
C ASP C 56 16.63 -13.87 -29.38
N THR C 57 15.82 -12.82 -29.22
CA THR C 57 16.09 -11.53 -29.84
C THR C 57 15.59 -10.43 -28.91
N LYS C 58 16.18 -9.25 -29.05
CA LYS C 58 15.78 -8.11 -28.24
C LYS C 58 16.03 -6.85 -29.06
N ASP C 59 14.95 -6.24 -29.54
CA ASP C 59 15.01 -4.99 -30.31
C ASP C 59 15.89 -5.16 -31.56
N LEU C 60 15.75 -6.28 -32.25
CA LEU C 60 16.51 -6.53 -33.46
C LEU C 60 15.61 -6.39 -34.68
N THR C 61 16.21 -5.92 -35.77
CA THR C 61 15.53 -5.85 -37.06
C THR C 61 16.04 -6.99 -37.94
N ILE C 62 15.13 -7.87 -38.36
CA ILE C 62 15.46 -9.08 -39.12
C ILE C 62 15.07 -8.83 -40.57
N GLU C 63 16.08 -8.76 -41.44
CA GLU C 63 15.82 -8.57 -42.88
C GLU C 63 15.38 -9.87 -43.55
N LYS C 64 16.18 -10.93 -43.39
CA LYS C 64 15.87 -12.20 -44.02
C LYS C 64 16.59 -13.31 -43.26
N VAL C 65 16.20 -14.55 -43.55
CA VAL C 65 16.83 -15.74 -43.00
C VAL C 65 17.03 -16.71 -44.15
N VAL C 66 18.30 -17.02 -44.46
CA VAL C 66 18.66 -17.86 -45.59
C VAL C 66 19.24 -19.17 -45.08
N ILE C 67 18.82 -20.28 -45.70
CA ILE C 67 19.32 -21.62 -45.38
C ILE C 67 19.55 -22.36 -46.68
N ASN C 68 20.78 -22.84 -46.89
CA ASN C 68 21.14 -23.57 -48.11
C ASN C 68 20.85 -22.74 -49.35
N GLY C 69 21.11 -21.43 -49.27
CA GLY C 69 20.91 -20.56 -50.41
C GLY C 69 19.47 -20.22 -50.72
N GLN C 70 18.54 -20.48 -49.80
CA GLN C 70 17.13 -20.18 -49.98
C GLN C 70 16.61 -19.43 -48.77
N GLU C 71 15.73 -18.46 -49.00
CA GLU C 71 15.07 -17.80 -47.90
C GLU C 71 14.03 -18.72 -47.29
N VAL C 72 13.93 -18.72 -45.97
CA VAL C 72 12.99 -19.56 -45.26
C VAL C 72 12.06 -18.67 -44.43
N LYS C 73 10.96 -19.26 -43.99
CA LYS C 73 9.97 -18.52 -43.22
C LYS C 73 10.45 -18.33 -41.79
N TYR C 74 10.18 -17.15 -41.23
CA TYR C 74 10.50 -16.88 -39.83
C TYR C 74 9.37 -16.05 -39.24
N ALA C 75 9.31 -16.04 -37.91
CA ALA C 75 8.24 -15.33 -37.23
C ALA C 75 8.76 -14.76 -35.92
N LEU C 76 8.45 -13.49 -35.66
CA LEU C 76 8.79 -12.83 -34.41
C LEU C 76 7.57 -12.80 -33.50
N GLY C 77 7.70 -13.35 -32.31
CA GLY C 77 6.65 -13.25 -31.32
C GLY C 77 6.58 -11.85 -30.73
N GLU C 78 5.59 -11.66 -29.87
CA GLU C 78 5.44 -10.37 -29.19
C GLU C 78 6.47 -10.23 -28.08
N ARG C 79 6.93 -8.99 -27.89
CA ARG C 79 7.99 -8.73 -26.93
C ARG C 79 7.55 -9.13 -25.52
N GLN C 80 8.48 -9.68 -24.75
CA GLN C 80 8.22 -10.03 -23.37
C GLN C 80 9.27 -9.23 -22.56
N SER C 81 9.05 -7.91 -22.49
CA SER C 81 9.82 -7.03 -21.61
C SER C 81 11.32 -7.37 -21.74
N TYR C 82 12.05 -7.57 -20.64
CA TYR C 82 13.50 -7.74 -20.72
C TYR C 82 13.92 -9.00 -21.46
N LYS C 83 13.04 -10.00 -21.56
CA LYS C 83 13.41 -11.23 -22.26
C LYS C 83 13.51 -11.04 -23.77
N GLY C 84 12.90 -10.00 -24.32
CA GLY C 84 12.95 -9.77 -25.75
C GLY C 84 11.78 -10.41 -26.49
N SER C 85 12.00 -10.76 -27.75
CA SER C 85 10.97 -11.34 -28.59
C SER C 85 11.45 -12.68 -29.14
N PRO C 86 10.69 -13.76 -29.00
CA PRO C 86 11.12 -15.04 -29.57
C PRO C 86 11.02 -15.01 -31.09
N MET C 87 11.95 -15.73 -31.73
CA MET C 87 12.04 -15.81 -33.19
C MET C 87 12.01 -17.28 -33.59
N GLU C 88 10.89 -17.68 -34.21
CA GLU C 88 10.73 -19.05 -34.68
C GLU C 88 11.14 -19.13 -36.14
N ILE C 89 11.91 -20.15 -36.48
CA ILE C 89 12.44 -20.33 -37.82
C ILE C 89 11.94 -21.67 -38.34
N SER C 90 11.50 -21.67 -39.60
CA SER C 90 10.99 -22.88 -40.26
C SER C 90 12.13 -23.49 -41.07
N LEU C 91 12.58 -24.67 -40.66
CA LEU C 91 13.69 -25.30 -41.34
C LEU C 91 13.24 -25.84 -42.69
N PRO C 92 14.08 -25.72 -43.73
CA PRO C 92 13.70 -26.28 -45.04
C PRO C 92 13.73 -27.80 -45.08
N ILE C 93 14.37 -28.45 -44.11
CA ILE C 93 14.41 -29.91 -44.06
C ILE C 93 14.16 -30.35 -42.62
N ALA C 94 13.63 -31.56 -42.48
CA ALA C 94 13.47 -32.14 -41.15
C ALA C 94 14.78 -32.78 -40.74
N LEU C 95 15.25 -32.47 -39.53
CA LEU C 95 16.54 -32.93 -39.07
C LEU C 95 16.39 -34.13 -38.15
N SER C 96 17.26 -35.11 -38.33
CA SER C 96 17.37 -36.22 -37.38
C SER C 96 18.19 -35.74 -36.17
N LYS C 97 18.31 -36.60 -35.17
CA LYS C 97 19.14 -36.26 -34.02
C LYS C 97 20.60 -36.21 -34.44
N ASN C 98 21.30 -35.15 -34.02
CA ASN C 98 22.71 -34.87 -34.28
C ASN C 98 22.95 -34.30 -35.68
N GLN C 99 21.93 -34.09 -36.49
CA GLN C 99 22.11 -33.44 -37.77
C GLN C 99 22.23 -31.93 -37.60
N GLU C 100 22.95 -31.29 -38.52
CA GLU C 100 23.27 -29.87 -38.41
C GLU C 100 22.84 -29.12 -39.66
N ILE C 101 22.56 -27.83 -39.48
CA ILE C 101 22.23 -26.94 -40.59
C ILE C 101 22.70 -25.55 -40.21
N VAL C 102 23.10 -24.76 -41.21
CA VAL C 102 23.60 -23.40 -41.02
C VAL C 102 22.49 -22.42 -41.36
N ILE C 103 22.16 -21.54 -40.42
CA ILE C 103 21.08 -20.58 -40.57
C ILE C 103 21.68 -19.18 -40.60
N GLU C 104 21.70 -18.56 -41.77
CA GLU C 104 22.22 -17.21 -41.93
CA GLU C 104 22.22 -17.21 -41.94
C GLU C 104 21.09 -16.21 -41.73
N ILE C 105 21.19 -15.39 -40.69
CA ILE C 105 20.17 -14.41 -40.34
C ILE C 105 20.72 -13.01 -40.58
N SER C 106 20.09 -12.28 -41.49
CA SER C 106 20.46 -10.89 -41.73
C SER C 106 19.73 -10.01 -40.72
N PHE C 107 20.49 -9.24 -39.94
CA PHE C 107 19.92 -8.52 -38.81
C PHE C 107 20.51 -7.12 -38.72
N GLU C 108 19.80 -6.26 -38.00
CA GLU C 108 20.26 -4.92 -37.69
C GLU C 108 19.90 -4.62 -36.24
N THR C 109 20.85 -4.07 -35.49
CA THR C 109 20.61 -3.75 -34.09
C THR C 109 19.89 -2.41 -33.95
N SER C 110 19.31 -2.20 -32.79
CA SER C 110 18.68 -0.93 -32.46
C SER C 110 19.66 -0.02 -31.74
N PRO C 111 19.64 1.29 -32.03
CA PRO C 111 20.46 2.22 -31.27
C PRO C 111 20.22 2.15 -29.77
N LYS C 112 19.03 1.69 -29.36
CA LYS C 112 18.66 1.53 -27.97
C LYS C 112 19.03 0.14 -27.43
N SER C 113 19.96 -0.55 -28.07
CA SER C 113 20.36 -1.88 -27.64
C SER C 113 20.83 -1.87 -26.19
N SER C 114 20.28 -2.79 -25.39
CA SER C 114 20.68 -2.89 -23.99
CA SER C 114 20.68 -2.91 -23.99
C SER C 114 22.10 -3.43 -23.83
N ALA C 115 22.64 -4.07 -24.85
CA ALA C 115 23.97 -4.64 -24.78
C ALA C 115 25.07 -3.67 -25.21
N LEU C 116 24.71 -2.54 -25.80
CA LEU C 116 25.68 -1.63 -26.40
C LEU C 116 25.57 -0.26 -25.76
N GLN C 117 26.71 0.45 -25.72
CA GLN C 117 26.75 1.86 -25.38
C GLN C 117 27.55 2.59 -26.45
N TRP C 118 26.92 3.56 -27.09
CA TRP C 118 27.59 4.38 -28.10
C TRP C 118 28.05 5.68 -27.45
N LEU C 119 29.33 5.99 -27.59
CA LEU C 119 29.93 7.19 -27.02
C LEU C 119 30.27 8.18 -28.12
N THR C 120 30.04 9.46 -27.85
CA THR C 120 30.45 10.51 -28.77
C THR C 120 31.89 10.91 -28.51
N PRO C 121 32.54 11.54 -29.49
CA PRO C 121 33.93 11.97 -29.28
C PRO C 121 34.14 12.77 -28.00
N GLU C 122 33.12 13.49 -27.55
CA GLU C 122 33.28 14.26 -26.31
CA GLU C 122 33.24 14.27 -26.31
C GLU C 122 33.23 13.38 -25.07
N GLN C 123 32.74 12.15 -25.18
CA GLN C 123 32.66 11.24 -24.05
C GLN C 123 33.90 10.37 -23.89
N THR C 124 34.86 10.46 -24.80
CA THR C 124 36.06 9.66 -24.73
C THR C 124 37.22 10.50 -24.22
N SER C 125 38.42 9.90 -24.18
CA SER C 125 39.62 10.61 -23.77
C SER C 125 40.22 11.40 -24.92
N GLY C 126 40.30 10.80 -26.11
CA GLY C 126 40.89 11.49 -27.24
C GLY C 126 40.08 12.68 -27.72
N LYS C 127 38.76 12.64 -27.53
CA LYS C 127 37.85 13.73 -27.89
C LYS C 127 37.71 13.92 -29.39
N GLU C 128 38.19 12.99 -30.20
CA GLU C 128 38.14 13.14 -31.65
C GLU C 128 37.47 11.98 -32.38
N HIS C 129 37.20 10.87 -31.71
CA HIS C 129 36.58 9.71 -32.35
C HIS C 129 35.50 9.15 -31.42
N PRO C 130 34.46 8.55 -31.99
CA PRO C 130 33.45 7.89 -31.15
C PRO C 130 33.95 6.57 -30.57
N TYR C 131 33.12 5.92 -29.78
CA TYR C 131 33.54 4.71 -29.07
C TYR C 131 32.35 3.80 -28.88
N LEU C 132 32.57 2.50 -29.00
CA LEU C 132 31.51 1.51 -28.83
C LEU C 132 32.05 0.32 -28.05
N PHE C 133 31.27 -0.15 -27.07
CA PHE C 133 31.61 -1.36 -26.35
C PHE C 133 30.33 -2.08 -25.95
N SER C 134 30.42 -3.40 -25.83
CA SER C 134 29.28 -4.27 -25.56
C SER C 134 29.41 -4.97 -24.22
N GLN C 135 28.26 -5.23 -23.60
CA GLN C 135 28.20 -6.00 -22.36
C GLN C 135 27.03 -6.99 -22.43
N CYS C 136 27.34 -8.24 -22.76
CA CYS C 136 26.30 -9.23 -23.01
C CYS C 136 25.81 -9.93 -21.76
N GLN C 137 26.68 -10.17 -20.78
CA GLN C 137 26.23 -10.80 -19.54
C GLN C 137 25.22 -9.91 -18.84
N ALA C 138 24.10 -10.50 -18.43
CA ALA C 138 23.88 -11.93 -18.58
C ALA C 138 23.11 -12.30 -19.85
N ILE C 139 22.03 -11.57 -20.14
CA ILE C 139 21.15 -11.93 -21.24
C ILE C 139 20.96 -10.75 -22.18
N HIS C 140 22.06 -10.07 -22.52
CA HIS C 140 22.01 -8.95 -23.45
C HIS C 140 22.55 -9.31 -24.83
N CYS C 141 23.16 -10.49 -24.99
CA CYS C 141 23.63 -10.90 -26.30
C CYS C 141 22.49 -10.98 -27.31
N ARG C 142 21.28 -11.31 -26.85
CA ARG C 142 20.12 -11.33 -27.74
C ARG C 142 19.81 -9.95 -28.30
N ALA C 143 20.31 -8.89 -27.67
CA ALA C 143 20.11 -7.54 -28.16
C ALA C 143 21.12 -7.14 -29.21
N ILE C 144 22.06 -8.02 -29.55
CA ILE C 144 23.03 -7.79 -30.62
C ILE C 144 22.74 -8.67 -31.83
N LEU C 145 22.48 -9.95 -31.60
CA LEU C 145 22.25 -10.86 -32.70
C LEU C 145 21.37 -12.00 -32.23
N PRO C 146 20.61 -12.64 -33.13
CA PRO C 146 19.78 -13.77 -32.73
C PRO C 146 20.66 -14.93 -32.27
N CYS C 147 20.21 -15.62 -31.24
CA CYS C 147 21.00 -16.69 -30.64
C CYS C 147 20.17 -17.34 -29.54
N GLN C 148 20.65 -18.50 -29.09
CA GLN C 148 20.14 -19.14 -27.87
C GLN C 148 20.91 -18.45 -26.75
N ASP C 149 20.30 -17.39 -26.20
CA ASP C 149 20.97 -16.59 -25.19
C ASP C 149 20.82 -17.32 -23.85
N THR C 150 21.55 -18.41 -23.68
CA THR C 150 21.48 -19.24 -22.48
C THR C 150 22.84 -19.86 -22.22
N PRO C 151 23.34 -19.81 -20.97
CA PRO C 151 24.64 -20.41 -20.68
C PRO C 151 24.66 -21.92 -20.78
N SER C 152 23.53 -22.55 -21.10
CA SER C 152 23.49 -23.98 -21.25
C SER C 152 24.00 -24.44 -22.62
N VAL C 153 24.24 -23.52 -23.55
CA VAL C 153 24.78 -23.84 -24.87
C VAL C 153 26.13 -23.15 -25.01
N LYS C 154 27.11 -23.89 -25.53
CA LYS C 154 28.44 -23.34 -25.77
C LYS C 154 28.77 -23.48 -27.25
N LEU C 155 29.31 -22.41 -27.84
CA LEU C 155 29.60 -22.36 -29.26
C LEU C 155 30.91 -21.64 -29.51
N THR C 156 31.60 -22.05 -30.58
CA THR C 156 32.72 -21.30 -31.13
C THR C 156 32.21 -20.28 -32.12
N TYR C 157 33.05 -19.30 -32.43
CA TYR C 157 32.60 -18.27 -33.37
C TYR C 157 33.79 -17.67 -34.10
N THR C 158 33.53 -17.26 -35.34
CA THR C 158 34.43 -16.44 -36.12
C THR C 158 33.69 -15.17 -36.51
N ALA C 159 34.39 -14.04 -36.53
CA ALA C 159 33.75 -12.77 -36.77
C ALA C 159 34.61 -11.89 -37.67
N GLU C 160 33.96 -11.16 -38.57
CA GLU C 160 34.61 -10.16 -39.42
C GLU C 160 33.83 -8.86 -39.25
N VAL C 161 34.46 -7.88 -38.60
CA VAL C 161 33.80 -6.62 -38.26
C VAL C 161 34.39 -5.50 -39.09
N SER C 162 33.54 -4.73 -39.75
CA SER C 162 33.95 -3.59 -40.57
C SER C 162 33.74 -2.30 -39.79
N VAL C 163 34.78 -1.48 -39.71
CA VAL C 163 34.72 -0.22 -38.98
C VAL C 163 35.49 0.84 -39.74
N PRO C 164 35.25 2.11 -39.43
CA PRO C 164 36.07 3.18 -40.02
C PRO C 164 37.56 2.88 -39.84
N LYS C 165 38.33 3.04 -40.93
CA LYS C 165 39.73 2.63 -40.94
C LYS C 165 40.53 3.29 -39.82
N GLU C 166 40.15 4.51 -39.41
CA GLU C 166 40.92 5.16 -38.36
C GLU C 166 40.68 4.55 -36.98
N LEU C 167 39.81 3.56 -36.86
CA LEU C 167 39.48 2.94 -35.57
C LEU C 167 39.91 1.49 -35.56
N VAL C 168 39.89 0.91 -34.36
CA VAL C 168 40.29 -0.48 -34.14
C VAL C 168 39.17 -1.22 -33.45
N ALA C 169 38.94 -2.47 -33.87
CA ALA C 169 37.90 -3.31 -33.29
C ALA C 169 38.54 -4.52 -32.63
N LEU C 170 38.05 -4.86 -31.44
CA LEU C 170 38.52 -6.02 -30.69
C LEU C 170 37.31 -6.81 -30.20
N MET C 171 37.45 -8.13 -30.19
CA MET C 171 36.41 -9.03 -29.72
C MET C 171 37.01 -10.03 -28.74
N SER C 172 36.13 -10.78 -28.08
CA SER C 172 36.53 -11.82 -27.14
C SER C 172 37.01 -13.06 -27.89
N ALA C 173 38.08 -12.88 -28.66
CA ALA C 173 38.63 -13.94 -29.49
C ALA C 173 40.07 -13.58 -29.85
N ILE C 174 40.73 -14.49 -30.56
CA ILE C 174 42.10 -14.28 -31.01
C ILE C 174 42.09 -13.45 -32.29
N ARG C 175 42.87 -12.37 -32.30
CA ARG C 175 42.98 -11.56 -33.51
C ARG C 175 43.46 -12.43 -34.67
N ASP C 176 42.82 -12.25 -35.83
CA ASP C 176 43.13 -13.08 -36.98
C ASP C 176 43.38 -12.24 -38.23
N GLY C 177 43.92 -11.04 -38.05
CA GLY C 177 44.35 -10.19 -39.15
C GLY C 177 43.33 -9.11 -39.48
N GLU C 178 43.80 -8.09 -40.20
CA GLU C 178 42.96 -7.00 -40.66
C GLU C 178 43.30 -6.70 -42.10
N THR C 179 42.31 -6.25 -42.87
CA THR C 179 42.51 -5.86 -44.26
C THR C 179 41.55 -4.73 -44.59
N PRO C 180 41.89 -3.87 -45.55
CA PRO C 180 40.95 -2.83 -45.96
C PRO C 180 39.67 -3.44 -46.51
N ASP C 181 38.55 -2.81 -46.15
CA ASP C 181 37.25 -3.27 -46.62
C ASP C 181 37.19 -3.17 -48.14
N PRO C 182 37.07 -4.28 -48.87
CA PRO C 182 37.04 -4.20 -50.34
C PRO C 182 35.83 -3.44 -50.87
N GLU C 183 34.74 -3.39 -50.12
CA GLU C 183 33.54 -2.70 -50.57
C GLU C 183 33.64 -1.20 -50.30
N ASP C 184 34.46 -0.79 -49.33
CA ASP C 184 34.55 0.61 -48.95
C ASP C 184 35.97 0.98 -48.51
N PRO C 185 36.65 1.87 -49.23
CA PRO C 185 38.03 2.23 -48.88
C PRO C 185 38.15 3.01 -47.59
N SER C 186 37.04 3.48 -47.01
CA SER C 186 37.07 4.28 -45.80
C SER C 186 36.97 3.44 -44.53
N ARG C 187 36.98 2.11 -44.65
CA ARG C 187 36.77 1.20 -43.54
C ARG C 187 37.81 0.10 -43.54
N LYS C 188 38.02 -0.48 -42.36
CA LYS C 188 38.84 -1.67 -42.20
C LYS C 188 37.97 -2.83 -41.77
N ILE C 189 38.49 -4.04 -41.96
CA ILE C 189 37.83 -5.26 -41.54
C ILE C 189 38.78 -6.02 -40.61
N TYR C 190 38.38 -6.16 -39.35
CA TYR C 190 39.15 -6.92 -38.37
C TYR C 190 38.54 -8.31 -38.24
N LYS C 191 39.39 -9.33 -38.27
CA LYS C 191 38.95 -10.72 -38.25
C LYS C 191 39.28 -11.34 -36.89
N PHE C 192 38.38 -12.16 -36.37
CA PHE C 192 38.53 -12.78 -35.07
C PHE C 192 38.08 -14.24 -35.13
N ILE C 193 38.66 -15.06 -34.27
CA ILE C 193 38.30 -16.48 -34.19
C ILE C 193 38.47 -16.94 -32.76
N GLN C 194 37.47 -17.64 -32.24
CA GLN C 194 37.46 -18.19 -30.88
C GLN C 194 37.26 -19.70 -30.99
N LYS C 195 38.36 -20.45 -30.94
CA LYS C 195 38.28 -21.89 -31.13
C LYS C 195 37.83 -22.66 -29.91
N VAL C 196 37.74 -22.01 -28.75
CA VAL C 196 37.24 -22.64 -27.53
C VAL C 196 35.75 -22.35 -27.42
N PRO C 197 34.90 -23.37 -27.31
CA PRO C 197 33.46 -23.12 -27.21
C PRO C 197 33.12 -22.33 -25.95
N ILE C 198 32.27 -21.32 -26.11
CA ILE C 198 31.91 -20.42 -25.02
C ILE C 198 30.41 -20.19 -25.01
N PRO C 199 29.82 -19.87 -23.86
CA PRO C 199 28.43 -19.37 -23.87
C PRO C 199 28.39 -18.00 -24.51
N CYS C 200 27.26 -17.70 -25.16
CA CYS C 200 27.18 -16.47 -25.95
C CYS C 200 27.36 -15.21 -25.11
N TYR C 201 27.06 -15.25 -23.80
CA TYR C 201 27.21 -14.05 -23.00
C TYR C 201 28.66 -13.58 -22.92
N LEU C 202 29.61 -14.40 -23.37
CA LEU C 202 31.01 -14.03 -23.43
C LEU C 202 31.40 -13.42 -24.77
N ILE C 203 30.43 -13.18 -25.65
CA ILE C 203 30.68 -12.46 -26.88
C ILE C 203 30.82 -10.97 -26.56
N ALA C 204 31.95 -10.39 -26.98
CA ALA C 204 32.24 -8.98 -26.69
C ALA C 204 32.81 -8.32 -27.93
N LEU C 205 32.53 -7.02 -28.06
CA LEU C 205 33.02 -6.22 -29.16
C LEU C 205 33.30 -4.82 -28.65
N VAL C 206 34.36 -4.21 -29.18
CA VAL C 206 34.71 -2.84 -28.85
C VAL C 206 35.31 -2.20 -30.08
N VAL C 207 34.90 -0.97 -30.35
CA VAL C 207 35.39 -0.22 -31.50
C VAL C 207 35.81 1.18 -31.07
N GLY C 208 37.00 1.59 -31.47
CA GLY C 208 37.45 2.92 -31.15
C GLY C 208 38.93 3.10 -31.43
N ALA C 209 39.40 4.30 -31.04
CA ALA C 209 40.80 4.68 -31.19
C ALA C 209 41.62 4.01 -30.08
N LEU C 210 41.97 2.74 -30.31
CA LEU C 210 42.60 1.90 -29.32
C LEU C 210 44.06 1.67 -29.66
N GLU C 211 44.92 1.81 -28.65
CA GLU C 211 46.33 1.45 -28.76
C GLU C 211 46.67 0.40 -27.71
N SER C 212 47.80 -0.28 -27.91
CA SER C 212 48.17 -1.41 -27.08
C SER C 212 49.60 -1.25 -26.58
N ARG C 213 49.89 -1.93 -25.48
CA ARG C 213 51.24 -1.97 -24.89
C ARG C 213 51.48 -3.32 -24.23
N GLN C 214 52.27 -4.16 -24.87
CA GLN C 214 52.50 -5.52 -24.39
C GLN C 214 53.15 -5.51 -23.01
N ILE C 215 52.56 -6.26 -22.08
CA ILE C 215 53.08 -6.38 -20.72
C ILE C 215 53.40 -7.82 -20.35
N GLY C 216 53.26 -8.76 -21.29
CA GLY C 216 53.56 -10.15 -21.04
C GLY C 216 53.61 -10.96 -22.31
N PRO C 217 54.06 -12.22 -22.21
CA PRO C 217 54.16 -13.07 -23.40
C PRO C 217 52.82 -13.35 -24.05
N ARG C 218 51.71 -13.11 -23.35
CA ARG C 218 50.40 -13.43 -23.88
C ARG C 218 49.36 -12.41 -23.45
N THR C 219 49.79 -11.17 -23.22
CA THR C 219 48.89 -10.15 -22.70
C THR C 219 49.25 -8.80 -23.30
N LEU C 220 48.23 -8.12 -23.84
CA LEU C 220 48.34 -6.76 -24.31
C LEU C 220 47.31 -5.90 -23.60
N VAL C 221 47.71 -4.71 -23.16
CA VAL C 221 46.81 -3.78 -22.50
C VAL C 221 46.30 -2.80 -23.55
N TRP C 222 44.97 -2.75 -23.73
CA TRP C 222 44.35 -1.89 -24.71
C TRP C 222 43.55 -0.79 -24.02
N SER C 223 43.67 0.42 -24.54
CA SER C 223 42.83 1.56 -24.13
C SER C 223 43.18 2.72 -25.05
N GLU C 224 42.61 3.88 -24.77
CA GLU C 224 42.97 5.06 -25.55
C GLU C 224 44.38 5.51 -25.20
N LYS C 225 44.99 6.25 -26.14
CA LYS C 225 46.38 6.68 -25.98
C LYS C 225 46.61 7.36 -24.64
N GLU C 226 45.57 7.97 -24.07
CA GLU C 226 45.72 8.71 -22.83
C GLU C 226 45.87 7.81 -21.61
N GLN C 227 45.52 6.52 -21.72
CA GLN C 227 45.55 5.63 -20.56
C GLN C 227 46.37 4.36 -20.75
N VAL C 228 46.93 4.13 -21.93
CA VAL C 228 47.64 2.88 -22.19
C VAL C 228 48.79 2.69 -21.20
N GLU C 229 49.66 3.70 -21.08
CA GLU C 229 50.82 3.57 -20.21
C GLU C 229 50.40 3.44 -18.74
N LYS C 230 49.43 4.26 -18.30
CA LYS C 230 48.89 4.13 -16.94
C LYS C 230 48.40 2.70 -16.68
N SER C 231 47.74 2.10 -17.66
CA SER C 231 47.16 0.78 -17.47
C SER C 231 48.22 -0.32 -17.50
N ALA C 232 49.23 -0.17 -18.37
CA ALA C 232 50.28 -1.18 -18.45
C ALA C 232 50.98 -1.35 -17.11
N TYR C 233 51.26 -0.24 -16.44
CA TYR C 233 51.89 -0.35 -15.12
C TYR C 233 50.94 -0.92 -14.09
N GLU C 234 49.68 -0.45 -14.10
CA GLU C 234 48.74 -0.85 -13.06
C GLU C 234 48.55 -2.36 -13.04
N PHE C 235 48.63 -3.01 -14.20
CA PHE C 235 48.35 -4.44 -14.32
C PHE C 235 49.60 -5.23 -14.70
N SER C 236 50.77 -4.78 -14.25
CA SER C 236 52.02 -5.46 -14.58
C SER C 236 52.10 -6.86 -13.98
N GLU C 237 51.35 -7.15 -12.92
CA GLU C 237 51.37 -8.46 -12.29
C GLU C 237 50.58 -9.52 -13.05
N THR C 238 50.02 -9.19 -14.21
CA THR C 238 49.13 -10.11 -14.89
C THR C 238 49.80 -11.45 -15.16
N GLU C 239 50.98 -11.44 -15.78
CA GLU C 239 51.61 -12.72 -16.12
C GLU C 239 51.86 -13.57 -14.89
N SER C 240 52.36 -12.96 -13.82
CA SER C 240 52.57 -13.71 -12.58
CA SER C 240 52.56 -13.71 -12.58
C SER C 240 51.26 -14.34 -12.11
N MET C 241 50.17 -13.55 -12.11
CA MET C 241 48.87 -14.08 -11.69
C MET C 241 48.39 -15.18 -12.62
N LEU C 242 48.70 -15.07 -13.91
CA LEU C 242 48.34 -16.13 -14.86
C LEU C 242 49.05 -17.44 -14.52
N LYS C 243 50.33 -17.37 -14.17
CA LYS C 243 51.05 -18.58 -13.78
C LYS C 243 50.47 -19.18 -12.51
N ILE C 244 50.20 -18.36 -11.50
CA ILE C 244 49.61 -18.87 -10.28
C ILE C 244 48.27 -19.53 -10.58
N ALA C 245 47.45 -18.90 -11.43
CA ALA C 245 46.15 -19.47 -11.79
C ALA C 245 46.31 -20.82 -12.49
N GLU C 246 47.32 -20.95 -13.35
CA GLU C 246 47.55 -22.22 -14.04
C GLU C 246 47.94 -23.30 -13.04
N ASP C 247 48.73 -22.93 -12.03
CA ASP C 247 49.15 -23.91 -11.03
C ASP C 247 47.98 -24.37 -10.17
N LEU C 248 46.96 -23.53 -10.01
CA LEU C 248 45.79 -23.87 -9.21
C LEU C 248 44.71 -24.58 -10.00
N GLY C 249 44.42 -24.11 -11.21
CA GLY C 249 43.28 -24.66 -11.92
C GLY C 249 43.64 -25.47 -13.15
N GLY C 250 44.93 -25.54 -13.48
CA GLY C 250 45.37 -26.26 -14.65
C GLY C 250 45.69 -25.33 -15.80
N PRO C 251 45.96 -25.90 -16.97
CA PRO C 251 46.44 -25.06 -18.09
C PRO C 251 45.42 -24.01 -18.52
N TYR C 252 45.94 -22.86 -18.93
CA TYR C 252 45.15 -21.81 -19.56
C TYR C 252 44.95 -22.14 -21.04
N VAL C 253 43.69 -22.31 -21.45
CA VAL C 253 43.36 -22.88 -22.76
C VAL C 253 42.92 -21.82 -23.75
N TRP C 254 43.08 -20.54 -23.43
CA TRP C 254 42.55 -19.49 -24.28
C TRP C 254 43.62 -18.79 -25.10
N GLY C 255 44.87 -19.26 -25.04
CA GLY C 255 45.95 -18.67 -25.81
C GLY C 255 46.34 -17.30 -25.31
N GLN C 256 45.67 -16.27 -25.81
CA GLN C 256 45.97 -14.88 -25.44
C GLN C 256 45.09 -14.47 -24.26
N TYR C 257 45.64 -13.61 -23.40
CA TYR C 257 44.89 -12.96 -22.33
C TYR C 257 45.23 -11.48 -22.35
N ASP C 258 44.44 -10.70 -23.08
CA ASP C 258 44.60 -9.26 -23.16
C ASP C 258 43.67 -8.56 -22.18
N LEU C 259 44.01 -7.30 -21.88
CA LEU C 259 43.22 -6.43 -21.02
C LEU C 259 42.76 -5.21 -21.82
N LEU C 260 41.57 -4.73 -21.49
CA LEU C 260 40.99 -3.56 -22.15
C LEU C 260 40.41 -2.65 -21.10
N VAL C 261 40.95 -1.43 -21.00
CA VAL C 261 40.44 -0.42 -20.09
C VAL C 261 39.44 0.46 -20.84
N LEU C 262 38.18 0.41 -20.44
CA LEU C 262 37.11 1.14 -21.14
C LEU C 262 36.93 2.52 -20.52
N PRO C 263 36.11 3.35 -21.15
CA PRO C 263 35.81 4.67 -20.58
C PRO C 263 35.10 4.53 -19.24
N PRO C 264 34.96 5.63 -18.50
CA PRO C 264 34.44 5.53 -17.13
C PRO C 264 33.03 4.98 -17.02
N SER C 265 32.23 4.97 -18.10
CA SER C 265 30.84 4.55 -18.01
C SER C 265 30.66 3.03 -17.95
N PHE C 266 31.74 2.26 -18.00
CA PHE C 266 31.63 0.81 -17.91
C PHE C 266 30.93 0.40 -16.62
N PRO C 267 29.88 -0.42 -16.69
CA PRO C 267 29.06 -0.67 -15.50
C PRO C 267 29.74 -1.49 -14.43
N TYR C 268 30.64 -2.39 -14.81
CA TYR C 268 31.22 -3.35 -13.88
C TYR C 268 32.68 -3.05 -13.63
N GLY C 269 33.21 -3.64 -12.55
CA GLY C 269 34.64 -3.55 -12.30
C GLY C 269 35.45 -4.32 -13.32
N GLY C 270 34.92 -5.44 -13.79
CA GLY C 270 35.57 -6.22 -14.82
C GLY C 270 34.59 -7.17 -15.46
N MET C 271 34.94 -7.64 -16.65
CA MET C 271 34.11 -8.62 -17.35
C MET C 271 35.03 -9.68 -17.96
N GLU C 272 34.80 -10.94 -17.57
CA GLU C 272 35.67 -12.05 -17.92
C GLU C 272 35.22 -12.43 -19.32
N ASN C 273 35.42 -11.56 -20.28
CA ASN C 273 35.33 -11.92 -21.70
C ASN C 273 36.58 -12.71 -22.12
N PRO C 274 36.42 -13.88 -22.73
CA PRO C 274 37.60 -14.69 -23.07
C PRO C 274 38.51 -13.97 -24.04
N CYS C 275 39.81 -14.00 -23.76
CA CYS C 275 40.88 -13.41 -24.55
C CYS C 275 40.95 -11.90 -24.38
N LEU C 276 39.94 -11.26 -23.79
CA LEU C 276 39.93 -9.81 -23.71
C LEU C 276 39.09 -9.35 -22.52
N THR C 277 39.67 -9.40 -21.32
CA THR C 277 38.97 -8.94 -20.12
C THR C 277 38.73 -7.43 -20.18
N PHE C 278 37.49 -7.02 -19.93
CA PHE C 278 37.17 -5.61 -19.78
C PHE C 278 37.32 -5.22 -18.32
N VAL C 279 37.91 -4.05 -18.09
CA VAL C 279 38.11 -3.54 -16.74
C VAL C 279 37.74 -2.05 -16.71
N THR C 280 37.33 -1.58 -15.53
CA THR C 280 36.97 -0.19 -15.32
C THR C 280 38.21 0.67 -15.17
N PRO C 281 38.21 1.90 -15.71
CA PRO C 281 39.34 2.81 -15.47
C PRO C 281 39.47 3.24 -14.02
N THR C 282 38.48 2.94 -13.17
CA THR C 282 38.60 3.25 -11.75
C THR C 282 39.62 2.39 -11.05
N LEU C 283 40.17 1.37 -11.72
CA LEU C 283 41.22 0.56 -11.13
C LEU C 283 42.60 1.22 -11.19
N LEU C 284 42.76 2.30 -11.95
CA LEU C 284 44.06 2.93 -12.13
C LEU C 284 44.38 3.80 -10.90
N ALA C 285 44.60 3.12 -9.77
CA ALA C 285 44.92 3.82 -8.54
C ALA C 285 46.35 4.32 -8.52
N GLY C 286 47.23 3.76 -9.36
CA GLY C 286 48.61 4.18 -9.40
C GLY C 286 49.56 3.38 -8.55
N ASP C 287 49.07 2.33 -7.86
CA ASP C 287 49.90 1.55 -6.97
C ASP C 287 49.58 0.06 -7.02
N LYS C 288 48.83 -0.41 -8.02
CA LYS C 288 48.45 -1.80 -8.17
C LYS C 288 47.53 -2.29 -7.07
N SER C 289 47.01 -1.38 -6.23
CA SER C 289 46.29 -1.82 -5.04
C SER C 289 44.95 -2.47 -5.38
N LEU C 290 44.38 -2.20 -6.56
CA LEU C 290 43.13 -2.80 -6.96
C LEU C 290 43.33 -3.93 -7.97
N SER C 291 44.56 -4.43 -8.11
CA SER C 291 44.81 -5.49 -9.09
C SER C 291 44.19 -6.83 -8.69
N ASN C 292 43.53 -6.90 -7.54
CA ASN C 292 42.79 -8.11 -7.20
C ASN C 292 41.65 -8.33 -8.18
N VAL C 293 41.14 -7.26 -8.78
CA VAL C 293 40.10 -7.42 -9.81
C VAL C 293 40.66 -8.15 -11.01
N ILE C 294 41.93 -7.91 -11.35
CA ILE C 294 42.55 -8.63 -12.46
C ILE C 294 42.66 -10.11 -12.14
N ALA C 295 43.14 -10.44 -10.92
CA ALA C 295 43.18 -11.84 -10.51
C ALA C 295 41.80 -12.48 -10.55
N HIS C 296 40.78 -11.72 -10.15
CA HIS C 296 39.41 -12.23 -10.25
C HIS C 296 39.06 -12.52 -11.70
N GLU C 297 39.33 -11.56 -12.60
CA GLU C 297 39.02 -11.76 -14.01
C GLU C 297 39.86 -12.88 -14.61
N ILE C 298 41.12 -13.00 -14.19
CA ILE C 298 41.96 -14.08 -14.68
C ILE C 298 41.38 -15.43 -14.28
N SER C 299 40.84 -15.53 -13.06
CA SER C 299 40.34 -16.80 -12.56
C SER C 299 39.13 -17.28 -13.34
N HIS C 300 38.33 -16.37 -13.90
CA HIS C 300 37.16 -16.78 -14.67
C HIS C 300 37.53 -17.63 -15.88
N SER C 301 38.78 -17.56 -16.34
CA SER C 301 39.22 -18.41 -17.44
C SER C 301 39.06 -19.89 -17.11
N TRP C 302 38.91 -20.20 -15.82
CA TRP C 302 38.60 -21.55 -15.36
C TRP C 302 37.18 -21.63 -14.82
N THR C 303 36.89 -20.90 -13.74
CA THR C 303 35.58 -20.96 -13.08
C THR C 303 34.68 -19.90 -13.69
N GLY C 304 33.84 -20.32 -14.63
CA GLY C 304 32.94 -19.41 -15.31
C GLY C 304 32.99 -19.59 -16.82
N ASN C 305 34.17 -19.44 -17.42
CA ASN C 305 34.33 -19.58 -18.86
C ASN C 305 34.54 -21.02 -19.29
N LEU C 306 35.27 -21.79 -18.49
CA LEU C 306 35.45 -23.22 -18.77
C LEU C 306 34.32 -24.07 -18.21
N VAL C 307 34.12 -24.02 -16.89
CA VAL C 307 32.97 -24.63 -16.23
C VAL C 307 31.96 -23.50 -16.02
N THR C 308 30.85 -23.57 -16.75
CA THR C 308 29.87 -22.51 -16.78
C THR C 308 28.57 -22.95 -16.10
N ASN C 309 27.88 -21.99 -15.50
CA ASN C 309 26.58 -22.27 -14.92
C ASN C 309 25.58 -22.62 -16.02
N LYS C 310 24.81 -23.68 -15.82
CA LYS C 310 23.84 -24.09 -16.84
C LYS C 310 22.76 -23.02 -17.03
N THR C 311 22.30 -22.43 -15.94
CA THR C 311 21.40 -21.29 -15.99
C THR C 311 21.87 -20.23 -15.01
N TRP C 312 21.25 -19.05 -15.09
CA TRP C 312 21.64 -17.95 -14.22
C TRP C 312 21.15 -18.15 -12.79
N ASP C 313 20.28 -19.13 -12.54
CA ASP C 313 19.95 -19.45 -11.16
C ASP C 313 21.18 -19.92 -10.41
N HIS C 314 22.12 -20.58 -11.09
CA HIS C 314 23.33 -21.10 -10.49
C HIS C 314 24.53 -20.18 -10.76
N PHE C 315 24.28 -18.87 -10.80
CA PHE C 315 25.33 -17.90 -11.05
C PHE C 315 26.44 -17.98 -10.02
N TRP C 316 26.12 -18.40 -8.79
CA TRP C 316 27.11 -18.42 -7.72
C TRP C 316 28.26 -19.37 -8.04
N LEU C 317 28.00 -20.42 -8.82
CA LEU C 317 29.07 -21.32 -9.22
C LEU C 317 30.20 -20.55 -9.91
N ASN C 318 29.84 -19.62 -10.79
CA ASN C 318 30.84 -18.82 -11.49
C ASN C 318 31.57 -17.88 -10.55
N GLU C 319 30.83 -17.05 -9.81
CA GLU C 319 31.46 -16.05 -8.97
C GLU C 319 32.02 -16.65 -7.69
N GLY C 320 31.28 -17.57 -7.07
CA GLY C 320 31.75 -18.19 -5.84
C GLY C 320 33.15 -18.78 -5.97
N HIS C 321 33.35 -19.67 -6.94
CA HIS C 321 34.65 -20.28 -7.13
C HIS C 321 35.67 -19.28 -7.66
N THR C 322 35.23 -18.30 -8.43
CA THR C 322 36.16 -17.30 -8.96
C THR C 322 36.74 -16.46 -7.84
N VAL C 323 35.90 -16.00 -6.91
CA VAL C 323 36.41 -15.26 -5.76
C VAL C 323 37.38 -16.14 -4.97
N TYR C 324 37.06 -17.43 -4.85
CA TYR C 324 37.95 -18.34 -4.13
C TYR C 324 39.32 -18.41 -4.78
N LEU C 325 39.36 -18.60 -6.11
CA LEU C 325 40.63 -18.57 -6.83
C LEU C 325 41.32 -17.23 -6.67
N GLU C 326 40.58 -16.14 -6.90
CA GLU C 326 41.15 -14.80 -6.80
C GLU C 326 41.93 -14.64 -5.50
N ARG C 327 41.31 -14.97 -4.38
CA ARG C 327 41.96 -14.77 -3.09
C ARG C 327 43.08 -15.77 -2.83
N HIS C 328 43.07 -16.93 -3.52
CA HIS C 328 44.22 -17.82 -3.45
C HIS C 328 45.40 -17.25 -4.23
N ILE C 329 45.13 -16.59 -5.35
CA ILE C 329 46.19 -15.94 -6.11
C ILE C 329 46.82 -14.82 -5.29
N CYS C 330 45.99 -14.00 -4.64
CA CYS C 330 46.52 -12.97 -3.77
C CYS C 330 47.24 -13.56 -2.57
N GLY C 331 46.78 -14.71 -2.07
CA GLY C 331 47.48 -15.35 -0.98
C GLY C 331 48.86 -15.83 -1.36
N ARG C 332 49.00 -16.37 -2.58
CA ARG C 332 50.32 -16.81 -3.04
CA ARG C 332 50.30 -16.81 -3.06
C ARG C 332 51.25 -15.63 -3.32
N LEU C 333 50.71 -14.44 -3.58
CA LEU C 333 51.53 -13.29 -3.93
CA LEU C 333 51.53 -13.29 -3.93
C LEU C 333 51.90 -12.44 -2.72
N PHE C 334 51.11 -12.47 -1.66
CA PHE C 334 51.36 -11.59 -0.52
C PHE C 334 51.23 -12.29 0.83
N GLY C 335 51.07 -13.61 0.85
CA GLY C 335 51.04 -14.33 2.11
C GLY C 335 49.63 -14.75 2.49
N GLU C 336 49.56 -15.79 3.32
CA GLU C 336 48.27 -16.31 3.76
C GLU C 336 47.52 -15.28 4.60
N LYS C 337 48.24 -14.44 5.35
CA LYS C 337 47.58 -13.42 6.16
C LYS C 337 46.79 -12.46 5.29
N PHE C 338 47.26 -12.19 4.07
CA PHE C 338 46.51 -11.31 3.17
C PHE C 338 45.26 -11.99 2.64
N ARG C 339 45.32 -13.30 2.39
CA ARG C 339 44.12 -14.02 1.96
C ARG C 339 43.03 -13.95 3.02
N HIS C 340 43.40 -14.16 4.28
CA HIS C 340 42.41 -14.10 5.35
C HIS C 340 41.87 -12.68 5.50
N PHE C 341 42.73 -11.67 5.34
CA PHE C 341 42.28 -10.29 5.41
C PHE C 341 41.21 -10.02 4.37
N ASN C 342 41.46 -10.44 3.13
CA ASN C 342 40.46 -10.28 2.08
C ASN C 342 39.22 -11.12 2.34
N ALA C 343 39.41 -12.34 2.86
CA ALA C 343 38.26 -13.20 3.18
C ALA C 343 37.39 -12.55 4.25
N LEU C 344 38.00 -12.06 5.31
CA LEU C 344 37.22 -11.41 6.36
C LEU C 344 36.56 -10.13 5.84
N GLY C 345 37.25 -9.40 4.97
CA GLY C 345 36.64 -8.21 4.39
C GLY C 345 35.44 -8.53 3.52
N GLY C 346 35.50 -9.65 2.80
CA GLY C 346 34.35 -10.07 2.01
C GLY C 346 33.14 -10.40 2.87
N TRP C 347 33.38 -10.97 4.05
CA TRP C 347 32.27 -11.23 4.97
C TRP C 347 31.55 -9.94 5.31
N GLY C 348 32.30 -8.85 5.50
CA GLY C 348 31.67 -7.57 5.79
C GLY C 348 30.81 -7.07 4.64
N GLU C 349 31.30 -7.26 3.41
CA GLU C 349 30.49 -6.89 2.25
C GLU C 349 29.21 -7.72 2.19
N LEU C 350 29.29 -8.99 2.57
CA LEU C 350 28.09 -9.83 2.61
C LEU C 350 27.09 -9.30 3.64
N GLN C 351 27.59 -8.87 4.81
CA GLN C 351 26.72 -8.26 5.80
C GLN C 351 26.04 -7.02 5.23
N ASN C 352 26.79 -6.19 4.49
CA ASN C 352 26.22 -4.98 3.93
C ASN C 352 25.12 -5.31 2.93
N SER C 353 25.38 -6.27 2.04
CA SER C 353 24.40 -6.61 1.02
C SER C 353 23.14 -7.18 1.65
N VAL C 354 23.29 -8.08 2.63
CA VAL C 354 22.12 -8.67 3.28
C VAL C 354 21.32 -7.60 4.00
N LYS C 355 22.01 -6.67 4.68
CA LYS C 355 21.30 -5.59 5.37
C LYS C 355 20.59 -4.65 4.41
N THR C 356 21.13 -4.48 3.18
CA THR C 356 20.48 -3.63 2.20
C THR C 356 19.29 -4.32 1.54
N PHE C 357 19.44 -5.62 1.25
CA PHE C 357 18.32 -6.38 0.70
C PHE C 357 17.34 -6.79 1.78
N GLY C 358 17.85 -7.16 2.94
CA GLY C 358 17.02 -7.67 4.03
C GLY C 358 17.28 -9.15 4.23
N GLU C 359 17.26 -9.58 5.50
CA GLU C 359 17.58 -10.97 5.83
C GLU C 359 16.70 -11.96 5.09
N THR C 360 15.55 -11.53 4.58
CA THR C 360 14.63 -12.46 3.94
C THR C 360 14.55 -12.28 2.44
N HIS C 361 15.25 -11.30 1.88
CA HIS C 361 15.05 -10.98 0.47
C HIS C 361 15.47 -12.15 -0.40
N PRO C 362 14.66 -12.54 -1.39
CA PRO C 362 15.01 -13.72 -2.20
C PRO C 362 16.34 -13.58 -2.92
N PHE C 363 16.78 -12.36 -3.22
CA PHE C 363 18.04 -12.16 -3.92
C PHE C 363 19.26 -12.43 -3.03
N THR C 364 19.07 -12.62 -1.73
CA THR C 364 20.17 -12.96 -0.84
C THR C 364 20.40 -14.47 -0.75
N LYS C 365 19.62 -15.27 -1.47
CA LYS C 365 19.86 -16.70 -1.53
C LYS C 365 21.06 -17.01 -2.43
N LEU C 366 21.78 -18.08 -2.07
CA LEU C 366 22.90 -18.52 -2.91
C LEU C 366 22.41 -18.94 -4.29
N VAL C 367 21.42 -19.84 -4.33
CA VAL C 367 20.76 -20.24 -5.57
C VAL C 367 19.44 -19.49 -5.66
N VAL C 368 19.30 -18.64 -6.68
CA VAL C 368 18.15 -17.77 -6.81
C VAL C 368 17.19 -18.33 -7.83
N ASP C 369 15.95 -17.86 -7.78
CA ASP C 369 14.91 -18.25 -8.73
C ASP C 369 14.58 -17.00 -9.56
N LEU C 370 15.12 -16.93 -10.77
CA LEU C 370 15.01 -15.76 -11.63
C LEU C 370 13.76 -15.76 -12.50
N THR C 371 12.75 -16.57 -12.14
CA THR C 371 11.50 -16.58 -12.89
C THR C 371 10.86 -15.20 -12.85
N ASP C 372 10.70 -14.59 -14.03
CA ASP C 372 10.09 -13.27 -14.17
C ASP C 372 10.91 -12.19 -13.49
N ILE C 373 12.20 -12.41 -13.30
CA ILE C 373 13.09 -11.44 -12.65
C ILE C 373 14.17 -11.06 -13.65
N ASP C 374 14.31 -9.76 -13.89
CA ASP C 374 15.40 -9.26 -14.72
C ASP C 374 16.73 -9.52 -14.01
N PRO C 375 17.64 -10.27 -14.60
CA PRO C 375 18.92 -10.54 -13.92
C PRO C 375 19.64 -9.29 -13.48
N ASP C 376 19.56 -8.21 -14.25
CA ASP C 376 20.22 -6.98 -13.87
C ASP C 376 19.68 -6.42 -12.55
N VAL C 377 18.44 -6.75 -12.19
CA VAL C 377 17.87 -6.22 -10.97
C VAL C 377 18.28 -7.06 -9.77
N ALA C 378 18.60 -8.33 -9.97
CA ALA C 378 18.99 -9.20 -8.88
C ALA C 378 20.50 -9.21 -8.63
N TYR C 379 21.29 -8.71 -9.56
CA TYR C 379 22.74 -8.76 -9.44
C TYR C 379 23.23 -7.99 -8.21
N SER C 380 24.10 -8.62 -7.44
CA SER C 380 24.67 -7.98 -6.24
C SER C 380 25.89 -8.78 -5.81
N SER C 381 26.42 -8.44 -4.63
CA SER C 381 27.59 -9.12 -4.10
C SER C 381 27.26 -10.46 -3.45
N VAL C 382 25.97 -10.78 -3.29
CA VAL C 382 25.58 -12.00 -2.59
C VAL C 382 26.24 -13.23 -3.19
N PRO C 383 26.10 -13.51 -4.49
CA PRO C 383 26.76 -14.70 -5.05
C PRO C 383 28.27 -14.69 -4.90
N TYR C 384 28.88 -13.51 -4.87
CA TYR C 384 30.33 -13.42 -4.72
C TYR C 384 30.77 -13.82 -3.32
N GLU C 385 30.25 -13.13 -2.30
CA GLU C 385 30.75 -13.35 -0.94
C GLU C 385 30.11 -14.54 -0.26
N LYS C 386 28.79 -14.70 -0.37
CA LYS C 386 28.16 -15.89 0.19
C LYS C 386 28.70 -17.15 -0.48
N GLY C 387 28.94 -17.10 -1.79
CA GLY C 387 29.55 -18.24 -2.46
C GLY C 387 30.95 -18.52 -1.96
N PHE C 388 31.76 -17.47 -1.78
CA PHE C 388 33.10 -17.65 -1.24
C PHE C 388 33.08 -18.17 0.19
N ALA C 389 32.22 -17.59 1.04
CA ALA C 389 32.14 -18.04 2.44
C ALA C 389 31.83 -19.53 2.52
N LEU C 390 30.94 -20.01 1.64
CA LEU C 390 30.63 -21.44 1.62
C LEU C 390 31.87 -22.26 1.31
N LEU C 391 32.54 -21.94 0.20
CA LEU C 391 33.75 -22.67 -0.18
C LEU C 391 34.82 -22.55 0.89
N PHE C 392 35.00 -21.35 1.43
CA PHE C 392 35.96 -21.17 2.52
C PHE C 392 35.57 -22.00 3.75
N TYR C 393 34.27 -22.07 4.04
CA TYR C 393 33.79 -22.90 5.14
C TYR C 393 34.07 -24.39 4.87
N LEU C 394 33.84 -24.83 3.64
CA LEU C 394 34.14 -26.22 3.29
C LEU C 394 35.64 -26.49 3.31
N GLU C 395 36.47 -25.50 2.94
CA GLU C 395 37.91 -25.69 3.01
C GLU C 395 38.34 -25.99 4.43
N GLN C 396 37.90 -25.17 5.39
CA GLN C 396 38.23 -25.42 6.79
C GLN C 396 37.59 -26.69 7.31
N LEU C 397 36.49 -27.13 6.70
CA LEU C 397 35.79 -28.30 7.18
C LEU C 397 36.42 -29.59 6.71
N LEU C 398 37.20 -29.55 5.64
CA LEU C 398 37.73 -30.75 5.01
C LEU C 398 39.24 -30.90 5.16
N GLY C 399 39.91 -29.95 5.80
CA GLY C 399 41.31 -30.16 6.09
C GLY C 399 42.26 -29.05 5.68
N GLY C 400 41.72 -27.94 5.19
CA GLY C 400 42.54 -26.80 4.86
C GLY C 400 42.68 -26.54 3.37
N PRO C 401 43.46 -25.51 3.02
CA PRO C 401 43.51 -25.07 1.61
C PRO C 401 44.15 -26.09 0.67
N GLU C 402 45.23 -26.75 1.07
CA GLU C 402 45.87 -27.71 0.18
C GLU C 402 44.89 -28.77 -0.28
N ILE C 403 44.12 -29.33 0.66
CA ILE C 403 43.17 -30.39 0.31
C ILE C 403 42.09 -29.85 -0.61
N PHE C 404 41.52 -28.69 -0.28
CA PHE C 404 40.42 -28.17 -1.07
C PHE C 404 40.87 -27.72 -2.45
N LEU C 405 42.09 -27.18 -2.56
CA LEU C 405 42.61 -26.84 -3.87
C LEU C 405 42.69 -28.06 -4.77
N GLY C 406 42.93 -29.24 -4.19
CA GLY C 406 42.92 -30.45 -4.98
C GLY C 406 41.56 -30.74 -5.58
N PHE C 407 40.50 -30.59 -4.78
CA PHE C 407 39.16 -30.75 -5.32
C PHE C 407 38.87 -29.74 -6.42
N LEU C 408 39.26 -28.48 -6.22
CA LEU C 408 38.95 -27.44 -7.19
C LEU C 408 39.58 -27.74 -8.54
N LYS C 409 40.85 -28.18 -8.55
CA LYS C 409 41.50 -28.55 -9.81
C LYS C 409 40.80 -29.73 -10.46
N ALA C 410 40.45 -30.74 -9.67
CA ALA C 410 39.69 -31.85 -10.22
C ALA C 410 38.29 -31.40 -10.66
N TYR C 411 37.71 -30.43 -9.95
CA TYR C 411 36.40 -29.93 -10.35
C TYR C 411 36.46 -29.26 -11.71
N VAL C 412 37.51 -28.50 -11.98
CA VAL C 412 37.63 -27.79 -13.25
C VAL C 412 37.83 -28.77 -14.39
N GLU C 413 38.67 -29.80 -14.18
CA GLU C 413 38.88 -30.79 -15.23
C GLU C 413 37.64 -31.63 -15.48
N LYS C 414 36.86 -31.90 -14.43
CA LYS C 414 35.68 -32.76 -14.59
C LYS C 414 34.64 -32.12 -15.50
N PHE C 415 34.39 -30.81 -15.34
CA PHE C 415 33.31 -30.13 -16.04
C PHE C 415 33.80 -29.06 -17.03
N SER C 416 35.02 -29.19 -17.52
CA SER C 416 35.54 -28.21 -18.46
C SER C 416 34.74 -28.24 -19.77
N TYR C 417 34.50 -27.06 -20.32
CA TYR C 417 33.77 -26.84 -21.57
C TYR C 417 32.31 -27.23 -21.46
N LYS C 418 31.80 -27.42 -20.24
CA LYS C 418 30.44 -27.85 -20.01
C LYS C 418 29.70 -26.83 -19.15
N SER C 419 28.38 -27.02 -19.04
CA SER C 419 27.52 -26.19 -18.21
C SER C 419 26.83 -27.09 -17.19
N ILE C 420 26.97 -26.75 -15.91
CA ILE C 420 26.52 -27.61 -14.83
C ILE C 420 25.61 -26.82 -13.90
N THR C 421 24.88 -27.54 -13.05
CA THR C 421 24.01 -26.93 -12.05
C THR C 421 24.63 -27.12 -10.67
N THR C 422 23.96 -26.54 -9.67
CA THR C 422 24.47 -26.65 -8.30
C THR C 422 24.52 -28.10 -7.85
N ASP C 423 23.53 -28.91 -8.24
CA ASP C 423 23.53 -30.31 -7.84
C ASP C 423 24.69 -31.07 -8.48
N ASP C 424 25.01 -30.78 -9.74
CA ASP C 424 26.21 -31.35 -10.34
C ASP C 424 27.43 -31.05 -9.48
N TRP C 425 27.54 -29.81 -8.99
CA TRP C 425 28.65 -29.44 -8.13
C TRP C 425 28.59 -30.18 -6.81
N LYS C 426 27.41 -30.25 -6.20
CA LYS C 426 27.27 -30.96 -4.93
C LYS C 426 27.55 -32.44 -5.10
N ASP C 427 27.05 -33.04 -6.18
CA ASP C 427 27.29 -34.46 -6.42
C ASP C 427 28.79 -34.75 -6.56
N PHE C 428 29.48 -33.94 -7.38
CA PHE C 428 30.91 -34.16 -7.55
C PHE C 428 31.67 -33.89 -6.26
N LEU C 429 31.21 -32.91 -5.47
CA LEU C 429 31.84 -32.67 -4.17
C LEU C 429 31.75 -33.90 -3.28
N TYR C 430 30.59 -34.56 -3.23
CA TYR C 430 30.46 -35.79 -2.47
C TYR C 430 31.26 -36.91 -3.09
N SER C 431 31.34 -36.95 -4.43
CA SER C 431 32.13 -37.98 -5.09
C SER C 431 33.61 -37.81 -4.78
N TYR C 432 34.11 -36.57 -4.84
CA TYR C 432 35.54 -36.33 -4.59
C TYR C 432 35.90 -36.63 -3.15
N PHE C 433 35.11 -36.14 -2.20
CA PHE C 433 35.36 -36.37 -0.78
C PHE C 433 34.60 -37.57 -0.25
N LYS C 434 34.67 -38.70 -0.97
CA LYS C 434 33.95 -39.88 -0.55
C LYS C 434 34.42 -40.36 0.82
N ASP C 435 35.70 -40.22 1.13
CA ASP C 435 36.22 -40.60 2.43
C ASP C 435 35.87 -39.60 3.52
N LYS C 436 35.03 -38.61 3.24
CA LYS C 436 34.63 -37.63 4.23
C LYS C 436 33.16 -37.26 4.10
N VAL C 437 32.32 -38.21 3.72
CA VAL C 437 30.89 -37.94 3.62
C VAL C 437 30.30 -37.63 4.98
N ASP C 438 30.88 -38.19 6.05
CA ASP C 438 30.38 -37.87 7.39
C ASP C 438 30.58 -36.39 7.71
N VAL C 439 31.66 -35.80 7.23
CA VAL C 439 31.90 -34.37 7.44
C VAL C 439 30.99 -33.55 6.55
N LEU C 440 30.82 -33.96 5.30
CA LEU C 440 29.97 -33.20 4.40
C LEU C 440 28.51 -33.19 4.87
N ASN C 441 28.07 -34.27 5.51
CA ASN C 441 26.68 -34.34 5.99
C ASN C 441 26.41 -33.37 7.13
N GLN C 442 27.44 -32.96 7.87
CA GLN C 442 27.25 -31.98 8.92
C GLN C 442 26.96 -30.58 8.40
N VAL C 443 27.01 -30.38 7.08
CA VAL C 443 26.79 -29.07 6.46
C VAL C 443 25.30 -28.85 6.26
N ASP C 444 24.82 -27.68 6.66
CA ASP C 444 23.41 -27.34 6.48
C ASP C 444 23.23 -26.90 5.02
N TRP C 445 23.15 -27.90 4.14
CA TRP C 445 23.09 -27.61 2.71
C TRP C 445 21.87 -26.77 2.36
N ASN C 446 20.71 -27.09 2.94
CA ASN C 446 19.51 -26.32 2.65
C ASN C 446 19.69 -24.85 3.00
N ALA C 447 20.33 -24.57 4.13
CA ALA C 447 20.50 -23.19 4.56
C ALA C 447 21.52 -22.46 3.70
N TRP C 448 22.64 -23.11 3.40
CA TRP C 448 23.68 -22.46 2.60
C TRP C 448 23.18 -22.15 1.20
N LEU C 449 22.48 -23.09 0.57
CA LEU C 449 22.12 -22.99 -0.84
C LEU C 449 20.82 -22.23 -1.08
N TYR C 450 19.86 -22.32 -0.16
CA TYR C 450 18.51 -21.83 -0.42
C TYR C 450 17.97 -20.89 0.65
N SER C 451 18.80 -20.51 1.62
CA SER C 451 18.25 -19.59 2.62
C SER C 451 18.72 -18.17 2.35
N PRO C 452 17.84 -17.19 2.58
CA PRO C 452 18.26 -15.80 2.49
C PRO C 452 19.05 -15.41 3.74
N GLY C 453 19.66 -14.22 3.67
CA GLY C 453 20.38 -13.70 4.81
C GLY C 453 21.78 -14.26 4.95
N LEU C 454 22.35 -14.00 6.13
CA LEU C 454 23.69 -14.44 6.42
C LEU C 454 23.75 -15.96 6.52
N PRO C 455 24.90 -16.56 6.17
CA PRO C 455 25.03 -18.02 6.23
C PRO C 455 24.81 -18.51 7.65
N PRO C 456 24.49 -19.80 7.81
CA PRO C 456 24.24 -20.32 9.17
C PRO C 456 25.47 -20.37 10.06
N ILE C 457 26.67 -20.29 9.50
CA ILE C 457 27.90 -20.38 10.29
C ILE C 457 28.98 -19.55 9.61
N LYS C 458 29.82 -18.90 10.42
CA LYS C 458 30.87 -18.03 9.94
C LYS C 458 32.22 -18.73 10.00
N PRO C 459 33.03 -18.65 8.96
CA PRO C 459 34.32 -19.34 8.99
C PRO C 459 35.27 -18.70 10.00
N ASN C 460 36.42 -19.35 10.16
CA ASN C 460 37.47 -18.87 11.05
C ASN C 460 38.46 -18.03 10.25
N TYR C 461 38.64 -16.77 10.66
CA TYR C 461 39.47 -15.81 9.94
C TYR C 461 40.65 -15.39 10.80
N ASP C 462 41.82 -15.30 10.18
CA ASP C 462 42.96 -14.69 10.86
C ASP C 462 42.75 -13.19 10.96
N MET C 463 43.11 -12.62 12.11
CA MET C 463 42.86 -11.22 12.39
C MET C 463 44.13 -10.37 12.38
N THR C 464 45.26 -10.96 11.95
CA THR C 464 46.54 -10.25 12.06
C THR C 464 46.49 -8.89 11.38
N LEU C 465 46.11 -8.87 10.10
CA LEU C 465 46.11 -7.62 9.34
C LEU C 465 44.88 -6.77 9.57
N THR C 466 43.86 -7.30 10.26
CA THR C 466 42.62 -6.54 10.46
C THR C 466 42.58 -5.82 11.79
N ASN C 467 43.36 -6.26 12.79
CA ASN C 467 43.29 -5.64 14.11
C ASN C 467 43.56 -4.15 14.03
N ALA C 468 44.57 -3.74 13.26
CA ALA C 468 44.89 -2.33 13.15
C ALA C 468 43.68 -1.53 12.65
N CYS C 469 42.90 -2.12 11.73
CA CYS C 469 41.71 -1.43 11.24
C CYS C 469 40.66 -1.30 12.34
N ILE C 470 40.40 -2.39 13.05
CA ILE C 470 39.38 -2.35 14.10
C ILE C 470 39.79 -1.40 15.20
N ALA C 471 41.07 -1.38 15.57
CA ALA C 471 41.54 -0.48 16.61
C ALA C 471 41.24 0.97 16.25
N LEU C 472 41.74 1.42 15.09
CA LEU C 472 41.50 2.80 14.67
C LEU C 472 40.02 3.06 14.42
N SER C 473 39.29 2.04 13.95
CA SER C 473 37.88 2.21 13.68
C SER C 473 37.08 2.43 14.96
N GLN C 474 37.38 1.66 16.01
CA GLN C 474 36.68 1.82 17.30
C GLN C 474 37.01 3.15 17.97
N ARG C 475 38.26 3.62 17.83
CA ARG C 475 38.61 4.92 18.40
C ARG C 475 37.67 6.01 17.91
N TRP C 476 37.44 6.06 16.59
CA TRP C 476 36.60 7.12 16.04
C TRP C 476 35.15 6.93 16.45
N ILE C 477 34.68 5.68 16.51
CA ILE C 477 33.28 5.43 16.84
C ILE C 477 32.99 5.78 18.29
N THR C 478 33.87 5.39 19.20
CA THR C 478 33.67 5.62 20.63
C THR C 478 34.23 6.96 21.10
N ALA C 479 34.81 7.76 20.21
CA ALA C 479 35.47 8.99 20.61
C ALA C 479 34.45 10.04 21.05
N LYS C 480 34.78 10.75 22.13
CA LYS C 480 34.02 11.90 22.56
C LYS C 480 34.63 13.17 21.95
N GLU C 481 34.03 14.31 22.26
CA GLU C 481 34.53 15.56 21.68
C GLU C 481 35.94 15.88 22.17
N ASP C 482 36.22 15.61 23.45
CA ASP C 482 37.54 15.84 24.00
C ASP C 482 38.58 14.80 23.57
N ASP C 483 38.22 13.88 22.68
CA ASP C 483 39.18 12.93 22.14
C ASP C 483 39.59 13.22 20.70
N LEU C 484 38.87 14.10 20.00
CA LEU C 484 39.12 14.31 18.57
C LEU C 484 40.46 14.99 18.30
N ASN C 485 40.90 15.86 19.20
CA ASN C 485 42.13 16.60 18.94
C ASN C 485 43.35 15.69 18.88
N SER C 486 43.28 14.51 19.50
CA SER C 486 44.43 13.62 19.56
C SER C 486 44.63 12.82 18.27
N PHE C 487 43.64 12.79 17.39
CA PHE C 487 43.79 12.10 16.12
C PHE C 487 44.70 12.90 15.19
N ASN C 488 45.66 12.22 14.57
CA ASN C 488 46.65 12.87 13.73
CA ASN C 488 46.58 12.91 13.67
C ASN C 488 47.02 11.94 12.57
N ALA C 489 47.67 12.51 11.55
CA ALA C 489 48.07 11.74 10.37
C ALA C 489 48.93 10.54 10.74
N THR C 490 49.64 10.59 11.87
CA THR C 490 50.46 9.46 12.27
C THR C 490 49.64 8.22 12.55
N ASP C 491 48.31 8.36 12.71
CA ASP C 491 47.47 7.19 12.94
C ASP C 491 47.46 6.23 11.75
N LEU C 492 47.83 6.70 10.57
CA LEU C 492 47.79 5.90 9.35
C LEU C 492 49.18 5.48 8.87
N LYS C 493 50.24 5.80 9.62
CA LYS C 493 51.60 5.63 9.10
C LYS C 493 51.89 4.18 8.75
N ASP C 494 51.22 3.24 9.43
CA ASP C 494 51.50 1.82 9.23
C ASP C 494 50.33 1.08 8.61
N LEU C 495 49.40 1.80 7.97
CA LEU C 495 48.22 1.21 7.37
C LEU C 495 48.38 1.18 5.85
N SER C 496 48.19 0.00 5.27
CA SER C 496 48.23 -0.13 3.82
C SER C 496 46.97 0.45 3.19
N SER C 497 47.02 0.63 1.87
CA SER C 497 45.85 1.11 1.14
CA SER C 497 45.85 1.11 1.14
C SER C 497 44.66 0.20 1.36
N HIS C 498 44.90 -1.11 1.48
CA HIS C 498 43.81 -2.04 1.74
C HIS C 498 43.30 -1.90 3.17
N GLN C 499 44.22 -1.81 4.14
CA GLN C 499 43.82 -1.56 5.52
C GLN C 499 43.10 -0.22 5.66
N LEU C 500 43.58 0.80 4.95
CA LEU C 500 42.92 2.10 4.99
C LEU C 500 41.48 2.00 4.51
N ASN C 501 41.24 1.22 3.45
CA ASN C 501 39.89 1.03 2.95
C ASN C 501 39.04 0.24 3.92
N GLU C 502 39.63 -0.80 4.55
CA GLU C 502 38.89 -1.60 5.53
C GLU C 502 38.53 -0.77 6.75
N PHE C 503 39.37 0.20 7.13
CA PHE C 503 39.05 1.08 8.24
C PHE C 503 37.80 1.88 7.94
N LEU C 504 37.68 2.42 6.73
CA LEU C 504 36.48 3.15 6.36
C LEU C 504 35.27 2.23 6.33
N ALA C 505 35.43 1.02 5.80
CA ALA C 505 34.34 0.05 5.81
C ALA C 505 33.85 -0.19 7.23
N GLN C 506 34.78 -0.50 8.14
CA GLN C 506 34.40 -0.71 9.53
C GLN C 506 33.70 0.50 10.09
N THR C 507 34.21 1.71 9.82
CA THR C 507 33.56 2.92 10.29
C THR C 507 32.21 3.12 9.60
N LEU C 508 32.14 2.88 8.29
CA LEU C 508 30.93 3.14 7.53
C LEU C 508 29.76 2.28 8.02
N GLN C 509 30.04 1.08 8.53
CA GLN C 509 28.96 0.25 9.03
C GLN C 509 28.23 0.88 10.21
N ARG C 510 28.90 1.78 10.94
CA ARG C 510 28.32 2.44 12.10
C ARG C 510 27.93 3.88 11.80
N ALA C 511 27.78 4.25 10.53
CA ALA C 511 27.30 5.57 10.21
C ALA C 511 25.84 5.69 10.61
N PRO C 512 25.36 6.91 10.91
CA PRO C 512 26.14 8.16 10.83
C PRO C 512 27.02 8.41 12.06
N LEU C 513 28.09 9.15 11.86
CA LEU C 513 28.91 9.66 12.94
C LEU C 513 28.61 11.13 13.19
N PRO C 514 28.94 11.66 14.37
CA PRO C 514 28.75 13.08 14.60
C PRO C 514 29.46 13.92 13.55
N LEU C 515 28.80 14.99 13.11
CA LEU C 515 29.39 15.82 12.07
C LEU C 515 30.77 16.33 12.47
N GLY C 516 31.00 16.54 13.76
CA GLY C 516 32.31 16.99 14.21
C GLY C 516 33.39 15.94 14.03
N HIS C 517 33.02 14.66 14.09
CA HIS C 517 33.98 13.60 13.87
C HIS C 517 34.42 13.54 12.41
N ILE C 518 33.49 13.75 11.48
CA ILE C 518 33.84 13.68 10.06
C ILE C 518 34.78 14.81 9.69
N LYS C 519 34.48 16.03 10.15
CA LYS C 519 35.34 17.16 9.83
C LYS C 519 36.73 16.97 10.43
N ARG C 520 36.81 16.50 11.68
CA ARG C 520 38.10 16.22 12.26
C ARG C 520 38.83 15.13 11.49
N MET C 521 38.08 14.18 10.92
CA MET C 521 38.70 13.13 10.12
C MET C 521 39.32 13.72 8.86
N GLN C 522 38.60 14.60 8.18
CA GLN C 522 39.16 15.27 7.01
C GLN C 522 40.30 16.20 7.40
N GLU C 523 40.26 16.75 8.61
CA GLU C 523 41.30 17.68 9.03
C GLU C 523 42.63 16.97 9.28
N VAL C 524 42.60 15.73 9.76
CA VAL C 524 43.82 15.03 10.16
C VAL C 524 44.22 14.00 9.11
N TYR C 525 43.25 13.50 8.35
CA TYR C 525 43.53 12.46 7.36
C TYR C 525 43.52 12.93 5.92
N ASN C 526 42.78 14.00 5.62
CA ASN C 526 42.74 14.56 4.27
C ASN C 526 42.39 13.49 3.24
N PHE C 527 41.29 12.78 3.51
CA PHE C 527 40.82 11.75 2.57
C PHE C 527 40.33 12.34 1.26
N ASN C 528 40.01 13.64 1.22
CA ASN C 528 39.56 14.25 -0.03
C ASN C 528 40.63 14.15 -1.11
N ALA C 529 41.90 14.10 -0.73
CA ALA C 529 42.99 14.09 -1.70
C ALA C 529 43.28 12.71 -2.27
N ILE C 530 42.68 11.67 -1.72
CA ILE C 530 42.94 10.30 -2.16
C ILE C 530 42.17 10.04 -3.45
N ASN C 531 42.86 9.48 -4.44
CA ASN C 531 42.24 9.18 -5.72
C ASN C 531 41.81 7.73 -5.86
N ASN C 532 42.17 6.87 -4.91
CA ASN C 532 41.72 5.49 -4.94
C ASN C 532 40.19 5.44 -4.92
N SER C 533 39.59 4.93 -5.99
CA SER C 533 38.14 4.97 -6.10
C SER C 533 37.47 4.18 -4.98
N GLU C 534 38.07 3.07 -4.55
CA GLU C 534 37.48 2.30 -3.46
C GLU C 534 37.48 3.10 -2.16
N ILE C 535 38.59 3.77 -1.85
CA ILE C 535 38.66 4.55 -0.61
C ILE C 535 37.81 5.80 -0.71
N ARG C 536 37.93 6.53 -1.82
CA ARG C 536 37.13 7.73 -2.00
C ARG C 536 35.65 7.41 -1.95
N PHE C 537 35.26 6.28 -2.53
CA PHE C 537 33.84 5.89 -2.54
C PHE C 537 33.32 5.74 -1.13
N ARG C 538 34.06 5.02 -0.27
CA ARG C 538 33.59 4.80 1.09
C ARG C 538 33.72 6.05 1.94
N TRP C 539 34.77 6.84 1.72
CA TRP C 539 34.91 8.09 2.44
C TRP C 539 33.77 9.04 2.12
N LEU C 540 33.36 9.12 0.85
CA LEU C 540 32.26 10.01 0.50
C LEU C 540 30.92 9.50 1.04
N ARG C 541 30.71 8.18 1.02
CA ARG C 541 29.50 7.63 1.63
C ARG C 541 29.43 7.96 3.11
N LEU C 542 30.55 7.84 3.82
CA LEU C 542 30.58 8.22 5.23
C LEU C 542 30.18 9.67 5.40
N CYS C 543 30.59 10.55 4.49
CA CYS C 543 30.26 11.96 4.60
C CYS C 543 28.78 12.20 4.34
N ILE C 544 28.28 11.71 3.20
CA ILE C 544 26.89 11.97 2.84
C ILE C 544 25.95 11.38 3.88
N GLN C 545 26.23 10.15 4.32
CA GLN C 545 25.39 9.52 5.34
C GLN C 545 25.47 10.22 6.69
N SER C 546 26.56 10.95 6.96
CA SER C 546 26.72 11.69 8.19
C SER C 546 26.24 13.14 8.08
N LYS C 547 25.60 13.51 6.97
CA LYS C 547 24.93 14.80 6.82
C LYS C 547 25.93 15.95 6.67
N TRP C 548 27.09 15.70 6.03
CA TRP C 548 28.06 16.75 5.78
C TRP C 548 27.80 17.37 4.40
N GLU C 549 27.29 18.61 4.41
CA GLU C 549 26.91 19.24 3.14
C GLU C 549 28.12 19.48 2.25
N ASP C 550 29.30 19.68 2.84
CA ASP C 550 30.49 19.93 2.04
C ASP C 550 30.78 18.78 1.08
N ALA C 551 30.35 17.57 1.42
CA ALA C 551 30.61 16.39 0.60
C ALA C 551 29.60 16.19 -0.52
N ILE C 552 28.56 17.01 -0.60
CA ILE C 552 27.53 16.80 -1.62
C ILE C 552 28.11 16.96 -3.01
N PRO C 553 28.76 18.07 -3.33
CA PRO C 553 29.33 18.21 -4.68
C PRO C 553 30.38 17.16 -4.99
N LEU C 554 31.15 16.71 -3.99
CA LEU C 554 32.15 15.66 -4.24
C LEU C 554 31.47 14.36 -4.65
N ALA C 555 30.42 13.97 -3.93
CA ALA C 555 29.72 12.73 -4.26
C ALA C 555 29.05 12.83 -5.62
N LEU C 556 28.46 13.98 -5.94
CA LEU C 556 27.81 14.14 -7.24
C LEU C 556 28.81 14.03 -8.38
N LYS C 557 30.02 14.56 -8.19
CA LYS C 557 31.02 14.49 -9.25
C LYS C 557 31.47 13.04 -9.47
N MET C 558 31.74 12.31 -8.39
CA MET C 558 32.20 10.93 -8.55
C MET C 558 31.10 10.04 -9.11
N ALA C 559 29.86 10.28 -8.70
CA ALA C 559 28.76 9.43 -9.15
C ALA C 559 28.44 9.61 -10.63
N THR C 560 28.89 10.71 -11.24
CA THR C 560 28.57 10.99 -12.63
C THR C 560 29.78 10.96 -13.55
N GLU C 561 30.98 11.24 -13.03
CA GLU C 561 32.19 11.20 -13.85
C GLU C 561 32.65 9.78 -14.14
N GLN C 562 32.08 8.78 -13.47
CA GLN C 562 32.33 7.39 -13.79
C GLN C 562 31.01 6.63 -13.64
N GLY C 563 30.95 5.45 -14.26
CA GLY C 563 29.71 4.71 -14.32
C GLY C 563 29.74 3.34 -13.71
N ARG C 564 30.73 3.06 -12.88
CA ARG C 564 30.81 1.77 -12.19
C ARG C 564 29.66 1.66 -11.20
N MET C 565 28.73 0.73 -11.47
CA MET C 565 27.53 0.63 -10.65
C MET C 565 27.86 0.36 -9.20
N LYS C 566 28.98 -0.29 -8.92
CA LYS C 566 29.41 -0.49 -7.54
C LYS C 566 29.52 0.84 -6.80
N PHE C 567 29.97 1.89 -7.48
CA PHE C 567 30.12 3.23 -6.93
C PHE C 567 28.93 4.13 -7.25
N THR C 568 28.50 4.14 -8.52
CA THR C 568 27.48 5.10 -8.94
C THR C 568 26.16 4.84 -8.24
N ARG C 569 25.75 3.57 -8.12
CA ARG C 569 24.45 3.28 -7.52
C ARG C 569 24.41 3.65 -6.04
N PRO C 570 25.32 3.16 -5.19
CA PRO C 570 25.26 3.55 -3.78
C PRO C 570 25.40 5.05 -3.56
N LEU C 571 26.23 5.73 -4.34
CA LEU C 571 26.37 7.18 -4.19
C LEU C 571 25.04 7.89 -4.48
N PHE C 572 24.38 7.54 -5.59
CA PHE C 572 23.11 8.17 -5.91
C PHE C 572 22.07 7.93 -4.82
N LYS C 573 21.99 6.69 -4.31
CA LYS C 573 21.02 6.41 -3.24
C LYS C 573 21.32 7.22 -1.99
N ASP C 574 22.58 7.26 -1.56
CA ASP C 574 22.93 8.01 -0.37
C ASP C 574 22.61 9.49 -0.54
N LEU C 575 22.92 10.05 -1.71
CA LEU C 575 22.61 11.45 -1.95
C LEU C 575 21.11 11.69 -1.93
N ALA C 576 20.33 10.75 -2.49
CA ALA C 576 18.88 10.90 -2.49
C ALA C 576 18.30 10.78 -1.08
N ALA C 577 18.94 10.00 -0.22
CA ALA C 577 18.50 9.85 1.16
C ALA C 577 18.90 11.04 2.04
N PHE C 578 19.76 11.92 1.54
CA PHE C 578 20.16 13.13 2.27
C PHE C 578 19.26 14.26 1.82
N ASP C 579 18.41 14.76 2.73
CA ASP C 579 17.45 15.79 2.34
C ASP C 579 18.14 17.00 1.73
N LYS C 580 19.35 17.32 2.18
CA LYS C 580 20.09 18.45 1.63
C LYS C 580 20.59 18.20 0.22
N SER C 581 20.44 16.97 -0.30
CA SER C 581 20.94 16.67 -1.63
C SER C 581 19.94 15.88 -2.48
N HIS C 582 18.73 15.65 -1.98
CA HIS C 582 17.75 14.86 -2.73
C HIS C 582 17.43 15.50 -4.08
N ASP C 583 17.05 16.78 -4.06
CA ASP C 583 16.62 17.44 -5.30
C ASP C 583 17.75 17.46 -6.33
N GLN C 584 18.98 17.75 -5.89
CA GLN C 584 20.09 17.76 -6.84
C GLN C 584 20.32 16.39 -7.43
N ALA C 585 20.25 15.34 -6.59
CA ALA C 585 20.49 13.99 -7.07
C ALA C 585 19.51 13.60 -8.17
N VAL C 586 18.22 13.78 -7.90
CA VAL C 586 17.21 13.40 -8.90
C VAL C 586 17.37 14.22 -10.18
N ARG C 587 17.63 15.50 -10.02
CA ARG C 587 17.92 16.37 -11.15
C ARG C 587 19.15 15.88 -11.91
N THR C 588 20.26 15.69 -11.20
CA THR C 588 21.49 15.32 -11.86
C THR C 588 21.31 14.05 -12.66
N TYR C 589 20.58 13.07 -12.11
CA TYR C 589 20.34 11.85 -12.86
C TYR C 589 19.56 12.12 -14.13
N GLN C 590 18.52 12.96 -14.05
CA GLN C 590 17.73 13.25 -15.24
CA GLN C 590 17.73 13.25 -15.24
C GLN C 590 18.59 13.90 -16.33
N GLU C 591 19.52 14.76 -15.93
CA GLU C 591 20.36 15.43 -16.91
C GLU C 591 21.37 14.49 -17.55
N HIS C 592 21.85 13.49 -16.80
CA HIS C 592 22.85 12.55 -17.30
C HIS C 592 22.25 11.26 -17.85
N LYS C 593 20.96 11.03 -17.63
CA LYS C 593 20.37 9.75 -18.04
C LYS C 593 20.60 9.47 -19.52
N ALA C 594 20.43 10.47 -20.38
CA ALA C 594 20.50 10.21 -21.82
C ALA C 594 21.87 9.72 -22.28
N SER C 595 22.93 10.02 -21.53
CA SER C 595 24.28 9.66 -21.94
C SER C 595 24.90 8.57 -21.07
N MET C 596 24.16 8.02 -20.12
CA MET C 596 24.67 6.94 -19.29
C MET C 596 24.55 5.61 -20.02
N HIS C 597 25.18 4.59 -19.45
CA HIS C 597 25.02 3.24 -19.99
C HIS C 597 23.57 2.79 -19.82
N PRO C 598 22.98 2.16 -20.84
CA PRO C 598 21.55 1.83 -20.77
C PRO C 598 21.16 1.03 -19.54
N VAL C 599 21.99 0.07 -19.13
CA VAL C 599 21.68 -0.72 -17.96
C VAL C 599 21.79 0.13 -16.70
N THR C 600 22.87 0.91 -16.61
CA THR C 600 23.06 1.73 -15.41
C THR C 600 21.95 2.76 -15.26
N ALA C 601 21.58 3.41 -16.36
CA ALA C 601 20.50 4.40 -16.31
C ALA C 601 19.21 3.77 -15.79
N MET C 602 18.94 2.52 -16.17
CA MET C 602 17.72 1.87 -15.71
C MET C 602 17.77 1.60 -14.22
N LEU C 603 18.89 1.07 -13.74
CA LEU C 603 18.99 0.72 -12.33
C LEU C 603 18.98 1.96 -11.45
N VAL C 604 19.74 3.00 -11.84
CA VAL C 604 19.74 4.22 -11.05
C VAL C 604 18.36 4.85 -11.02
N GLY C 605 17.61 4.71 -12.11
CA GLY C 605 16.24 5.21 -12.12
C GLY C 605 15.35 4.48 -11.13
N LYS C 606 15.51 3.17 -11.02
CA LYS C 606 14.70 2.41 -10.08
C LYS C 606 15.12 2.69 -8.64
N ASP C 607 16.42 2.82 -8.38
CA ASP C 607 16.87 3.15 -7.03
C ASP C 607 16.31 4.51 -6.61
N LEU C 608 16.28 5.47 -7.52
CA LEU C 608 15.76 6.79 -7.24
C LEU C 608 14.25 6.88 -7.41
N LYS C 609 13.61 5.82 -7.89
CA LYS C 609 12.16 5.81 -8.13
C LYS C 609 11.75 6.95 -9.04
N VAL C 610 12.48 7.05 -10.18
CA VAL C 610 12.21 8.03 -11.23
C VAL C 610 11.86 7.26 -12.51
N ASP C 611 11.32 7.98 -13.50
CA ASP C 611 10.96 7.33 -14.75
C ASP C 611 10.21 6.02 -14.52
ZN ZN D . -30.48 20.93 -10.98
C1 N0Y E . -36.09 19.57 -1.12
C10 N0Y E . -31.15 16.61 -1.87
C11 N0Y E . -30.50 17.55 -2.66
C12 N0Y E . -30.97 18.85 -2.68
C13 N0Y E . -32.06 19.21 -1.91
C15 N0Y E . -29.66 16.21 -4.39
C2 N0Y E . -35.23 18.48 -1.00
C3 N0Y E . -35.58 17.26 -1.55
C4 N0Y E . -36.80 17.14 -2.22
C5 N0Y E . -37.66 18.23 -2.34
C6 N0Y E . -37.30 19.45 -1.78
C7 N0Y E . -33.90 18.64 -0.27
C8 N0Y E . -32.71 18.26 -1.13
C9 N0Y E . -32.25 16.96 -1.10
O14 N0Y E . -29.39 17.19 -3.42
OAA 28T F . -30.61 12.87 -13.82
CAN 28T F . -30.64 12.50 -12.61
OAD 28T F . -29.94 11.51 -12.24
CAR 28T F . -31.52 13.26 -11.58
CAK 28T F . -32.75 13.13 -11.71
CAF 28T F . -33.36 14.47 -11.19
CAL 28T F . -32.20 15.45 -11.20
NAS 28T F . -31.19 14.81 -11.55
CAP 28T F . -29.92 15.36 -11.82
OAC 28T F . -29.13 14.68 -12.13
CAI 28T F . -30.00 16.89 -12.08
CAH 28T F . -28.98 17.52 -11.21
C 28T F . -29.25 18.78 -10.62
O 28T F . -30.26 19.68 -11.09
CA 28T F . -28.74 18.82 -9.25
CB 28T F . -28.48 17.54 -9.04
CG 28T F . -28.77 16.97 -7.80
CD 28T F . -29.22 18.06 -6.87
N 28T F . -28.99 19.24 -7.73
H2 28T F . -31.37 12.89 -10.70
H3 28T F . -32.94 13.04 -12.66
H4 28T F . -33.11 12.38 -11.21
H5 28T F . -33.71 14.36 -10.28
H6 28T F . -34.06 14.78 -11.78
H7 28T F . -32.38 16.16 -11.85
H8 28T F . -32.07 15.83 -10.33
H9 28T F . -29.76 17.08 -13.12
H10 28T F . -30.98 17.29 -11.85
H11 28T F . -28.78 16.82 -10.40
H12 28T F . -28.07 17.60 -11.79
H13 28T F . -28.03 19.43 -9.47
H14 28T F . -27.53 17.39 -9.26
H15 28T F . -29.12 16.80 -8.98
H16 28T F . -29.29 16.29 -8.08
H17 28T F . -27.96 16.50 -7.23
H18 28T F . -28.91 18.14 -6.06
H19 28T F . -30.27 17.88 -6.84
H20 28T F . -28.51 19.60 -7.29
ZN ZN G . -7.62 -8.47 26.17
C1 N0Y H . -9.44 -0.87 18.21
C10 N0Y H . -8.69 -5.84 17.96
C11 N0Y H . -7.31 -5.75 17.87
C12 N0Y H . -6.73 -4.64 17.29
C13 N0Y H . -7.53 -3.63 16.81
C15 N0Y H . -5.15 -6.43 18.48
C2 N0Y H . -10.32 -1.65 17.47
C3 N0Y H . -11.68 -1.57 17.71
C4 N0Y H . -12.18 -0.75 18.71
C5 N0Y H . -11.31 0.02 19.46
C6 N0Y H . -9.95 -0.05 19.20
C7 N0Y H . -9.78 -2.58 16.35
C8 N0Y H . -8.91 -3.71 16.90
C9 N0Y H . -9.49 -4.82 17.46
O14 N0Y H . -6.50 -6.78 18.37
OAA 28T I . -0.09 -4.31 27.69
CAN 28T I . -0.07 -4.06 26.46
OAD 28T I . 1.02 -4.18 25.84
CAR 28T I . -1.36 -3.65 25.71
CAK 28T I . -1.76 -2.43 26.01
CAF 28T I . -3.33 -2.57 26.00
CAL 28T I . -3.52 -3.95 26.64
NAS 28T I . -2.55 -4.68 26.15
CAP 28T I . -2.52 -6.15 26.00
OAC 28T I . -1.55 -6.61 25.53
CAI 28T I . -3.64 -7.15 26.45
CAH 28T I . -3.86 -8.52 25.78
C 28T I . -5.11 -8.44 24.94
O 28T I . -6.07 -8.09 25.62
CA 28T I . -5.34 -8.80 23.43
CB 28T I . -4.03 -8.84 22.54
CG 28T I . -4.04 -7.56 21.81
CD 28T I . -5.49 -7.40 21.52
N 28T I . -6.31 -8.03 22.61
H2 28T I . -1.21 -3.67 24.75
H3 28T I . -1.44 -2.16 26.88
H4 28T I . -1.48 -1.80 25.33
H5 28T I . -3.68 -2.54 25.10
H6 28T I . -3.73 -1.87 26.54
H7 28T I . -3.46 -3.89 27.60
H8 28T I . -4.38 -4.33 26.39
H9 28T I . -4.48 -6.67 26.36
H10 28T I . -3.47 -7.33 27.38
H11 28T I . -3.04 -8.93 25.47
H12 28T I . -4.34 -9.15 26.35
H13 28T I . -5.68 -9.70 23.44
H14 28T I . -4.10 -9.58 21.92
H15 28T I . -3.24 -8.92 23.10
H16 28T I . -3.53 -7.61 21.00
H17 28T I . -3.73 -6.84 22.39
H18 28T I . -5.71 -6.47 21.45
H19 28T I . -5.69 -7.85 20.67
H20 28T I . -6.88 -8.57 22.26
ZN ZN J . 33.12 -12.56 -11.57
C1 N0Y K . 22.27 -12.06 -9.68
C10 N0Y K . 25.02 -12.46 -13.82
C11 N0Y K . 24.89 -11.11 -14.18
C12 N0Y K . 23.75 -10.42 -13.80
C13 N0Y K . 22.75 -11.04 -13.08
C15 N0Y K . 26.23 -9.21 -14.42
C2 N0Y K . 22.12 -13.20 -10.47
C3 N0Y K . 22.28 -14.45 -9.90
C4 N0Y K . 22.61 -14.57 -8.55
C5 N0Y K . 22.77 -13.44 -7.76
C6 N0Y K . 22.59 -12.18 -8.33
C7 N0Y K . 21.76 -13.07 -11.94
C8 N0Y K . 22.88 -12.38 -12.74
C9 N0Y K . 24.01 -13.08 -13.10
O14 N0Y K . 25.90 -10.47 -14.91
OAA 28T L . 33.32 -4.60 -8.67
CAN 28T L . 32.18 -4.35 -9.15
OAD 28T L . 31.95 -3.23 -9.68
CAR 28T L . 31.09 -5.42 -9.11
CAK 28T L . 30.67 -5.57 -7.89
CAF 28T L . 30.32 -7.05 -7.85
CAL 28T L . 31.55 -7.60 -8.52
NAS 28T L . 31.78 -6.81 -9.49
CAP 28T L . 32.60 -7.08 -10.63
OAC 28T L . 32.77 -6.31 -11.46
CAI 28T L . 33.26 -8.43 -10.81
CAH 28T L . 32.98 -8.90 -12.19
C 28T L . 32.68 -10.46 -12.53
O 28T L . 32.99 -11.60 -11.99
CA 28T L . 31.56 -10.30 -13.55
CB 28T L . 30.65 -9.15 -13.16
CG 28T L . 29.39 -9.32 -14.04
CD 28T L . 29.37 -10.82 -14.42
N 28T L . 30.43 -11.35 -13.89
#